data_2MYG
#
_entry.id   2MYG
#
_cell.length_a   1.000
_cell.length_b   1.000
_cell.length_c   1.000
_cell.angle_alpha   90.00
_cell.angle_beta   90.00
_cell.angle_gamma   90.00
#
_symmetry.space_group_name_H-M   'P 1'
#
_entity_poly.entity_id   1
_entity_poly.type   'polypeptide(L)'
_entity_poly.pdbx_seq_one_letter_code
;GAMPSIASMIKGNKVVVFSWVTCPYCVRAEKLLHARTKDITVHYVDKMSEGEQLRGEIYQAYKHETVPAIFINGNFIGGC
SDLEALDKEGKLDGLLS
;
_entity_poly.pdbx_strand_id   A
#
# COMPACT_ATOMS: atom_id res chain seq x y z
N GLY A 1 9.61 15.63 0.71
CA GLY A 1 10.38 16.87 0.55
C GLY A 1 9.58 18.07 1.00
N ALA A 2 9.82 19.25 0.43
CA ALA A 2 9.14 20.49 0.82
C ALA A 2 7.65 20.58 0.44
N MET A 3 7.14 19.70 -0.43
CA MET A 3 5.80 19.76 -1.03
C MET A 3 4.89 18.57 -0.60
N PRO A 4 4.08 18.68 0.47
CA PRO A 4 3.26 17.58 1.00
C PRO A 4 2.39 16.84 -0.03
N SER A 5 2.36 15.52 0.11
CA SER A 5 1.71 14.53 -0.75
C SER A 5 1.30 13.30 0.08
N ILE A 6 1.30 12.10 -0.52
CA ILE A 6 0.68 10.85 -0.01
C ILE A 6 1.01 10.47 1.44
N ALA A 7 2.14 10.94 1.97
CA ALA A 7 2.63 10.68 3.33
C ALA A 7 1.64 11.05 4.45
N SER A 8 0.69 11.95 4.19
CA SER A 8 -0.44 12.27 5.08
C SER A 8 -1.55 11.21 5.06
N MET A 9 -1.79 10.57 3.92
CA MET A 9 -2.87 9.60 3.74
C MET A 9 -2.67 8.38 4.65
N ILE A 10 -1.41 7.99 4.89
CA ILE A 10 -1.00 6.82 5.66
C ILE A 10 -1.46 6.87 7.12
N LYS A 11 -1.73 8.07 7.66
CA LYS A 11 -2.20 8.30 9.04
C LYS A 11 -3.72 8.19 9.21
N GLY A 12 -4.49 8.27 8.13
CA GLY A 12 -5.96 8.31 8.14
C GLY A 12 -6.67 6.94 8.10
N ASN A 13 -5.92 5.84 7.91
CA ASN A 13 -6.40 4.47 8.06
C ASN A 13 -5.29 3.56 8.62
N LYS A 14 -5.67 2.40 9.16
CA LYS A 14 -4.74 1.39 9.69
C LYS A 14 -3.91 0.75 8.57
N VAL A 15 -4.56 0.32 7.48
CA VAL A 15 -3.92 -0.16 6.24
C VAL A 15 -4.23 0.78 5.07
N VAL A 16 -3.19 1.18 4.32
CA VAL A 16 -3.29 2.06 3.14
C VAL A 16 -2.51 1.45 1.97
N VAL A 17 -3.13 1.38 0.78
CA VAL A 17 -2.55 0.76 -0.42
C VAL A 17 -2.62 1.67 -1.64
N PHE A 18 -1.61 1.57 -2.51
CA PHE A 18 -1.55 2.25 -3.81
C PHE A 18 -1.39 1.19 -4.92
N SER A 19 -2.43 1.01 -5.74
CA SER A 19 -2.56 -0.02 -6.78
C SER A 19 -2.76 0.60 -8.18
N TRP A 20 -2.74 -0.24 -9.22
CA TRP A 20 -3.26 0.09 -10.56
C TRP A 20 -4.36 -0.90 -10.92
N VAL A 21 -5.49 -0.43 -11.47
CA VAL A 21 -6.64 -1.30 -11.80
C VAL A 21 -6.22 -2.43 -12.75
N THR A 22 -5.30 -2.15 -13.68
CA THR A 22 -4.75 -3.05 -14.70
C THR A 22 -3.76 -4.12 -14.21
N CYS A 23 -3.29 -4.03 -12.97
CA CYS A 23 -2.19 -4.88 -12.47
C CYS A 23 -2.76 -6.16 -11.83
N PRO A 24 -2.09 -7.33 -11.98
CA PRO A 24 -2.52 -8.53 -11.27
C PRO A 24 -2.13 -8.52 -9.79
N TYR A 25 -0.94 -8.03 -9.45
CA TYR A 25 -0.44 -7.95 -8.07
C TYR A 25 -1.32 -7.11 -7.14
N CYS A 26 -1.89 -6.04 -7.70
CA CYS A 26 -2.95 -5.24 -7.09
C CYS A 26 -4.06 -6.17 -6.56
N VAL A 27 -4.61 -7.04 -7.42
CA VAL A 27 -5.69 -7.98 -7.08
C VAL A 27 -5.23 -9.03 -6.06
N ARG A 28 -3.99 -9.55 -6.19
CA ARG A 28 -3.41 -10.48 -5.19
C ARG A 28 -3.44 -9.89 -3.78
N ALA A 29 -3.13 -8.61 -3.65
CA ALA A 29 -3.24 -7.86 -2.39
C ALA A 29 -4.69 -7.54 -2.00
N GLU A 30 -5.49 -6.92 -2.86
CA GLU A 30 -6.88 -6.53 -2.58
C GLU A 30 -7.75 -7.70 -2.11
N LYS A 31 -7.47 -8.91 -2.59
CA LYS A 31 -8.16 -10.13 -2.19
C LYS A 31 -7.83 -10.54 -0.74
N LEU A 32 -6.54 -10.57 -0.42
CA LEU A 32 -6.03 -10.98 0.89
C LEU A 32 -6.31 -9.93 1.97
N LEU A 33 -6.23 -8.64 1.64
CA LEU A 33 -6.53 -7.56 2.57
C LEU A 33 -7.98 -7.62 3.04
N HIS A 34 -8.93 -7.83 2.14
CA HIS A 34 -10.33 -8.06 2.50
C HIS A 34 -10.55 -9.42 3.20
N ALA A 35 -9.66 -10.40 3.04
CA ALA A 35 -9.72 -11.67 3.79
C ALA A 35 -9.23 -11.54 5.24
N ARG A 36 -8.26 -10.67 5.52
CA ARG A 36 -7.65 -10.50 6.86
C ARG A 36 -8.22 -9.35 7.69
N THR A 37 -8.82 -8.34 7.08
CA THR A 37 -9.36 -7.16 7.80
C THR A 37 -10.51 -6.46 7.06
N LYS A 38 -11.17 -5.52 7.76
CA LYS A 38 -12.12 -4.54 7.22
C LYS A 38 -11.58 -3.10 7.31
N ASP A 39 -10.33 -2.93 7.76
CA ASP A 39 -9.69 -1.65 8.08
C ASP A 39 -8.64 -1.22 7.03
N ILE A 40 -8.98 -1.38 5.74
CA ILE A 40 -8.12 -1.11 4.57
C ILE A 40 -8.73 -0.04 3.65
N THR A 41 -7.91 0.91 3.22
CA THR A 41 -8.17 1.88 2.14
C THR A 41 -7.15 1.72 1.02
N VAL A 42 -7.59 1.86 -0.24
CA VAL A 42 -6.75 1.81 -1.44
C VAL A 42 -7.07 2.92 -2.44
N HIS A 43 -6.01 3.46 -3.04
CA HIS A 43 -6.00 4.46 -4.11
C HIS A 43 -5.47 3.85 -5.42
N TYR A 44 -6.15 4.11 -6.54
CA TYR A 44 -5.79 3.59 -7.86
C TYR A 44 -5.07 4.67 -8.69
N VAL A 45 -3.75 4.72 -8.56
CA VAL A 45 -2.93 5.82 -9.11
C VAL A 45 -2.72 5.73 -10.63
N ASP A 46 -3.35 4.77 -11.29
CA ASP A 46 -3.48 4.70 -12.75
C ASP A 46 -4.68 5.52 -13.27
N LYS A 47 -5.66 5.76 -12.40
CA LYS A 47 -6.87 6.57 -12.63
C LYS A 47 -6.68 8.06 -12.27
N MET A 48 -5.46 8.46 -11.90
CA MET A 48 -5.13 9.72 -11.25
C MET A 48 -4.13 10.54 -12.09
N SER A 49 -4.47 11.79 -12.44
CA SER A 49 -3.61 12.69 -13.21
C SER A 49 -2.32 13.08 -12.45
N GLU A 50 -2.35 12.99 -11.12
CA GLU A 50 -1.21 13.19 -10.21
C GLU A 50 -0.48 11.90 -9.83
N GLY A 51 -0.83 10.74 -10.42
CA GLY A 51 -0.26 9.43 -10.06
C GLY A 51 1.26 9.35 -10.14
N GLU A 52 1.90 10.10 -11.05
CA GLU A 52 3.36 10.18 -11.14
C GLU A 52 4.01 10.94 -9.97
N GLN A 53 3.29 11.86 -9.30
CA GLN A 53 3.70 12.49 -8.05
C GLN A 53 3.61 11.50 -6.89
N LEU A 54 2.52 10.73 -6.81
CA LEU A 54 2.33 9.72 -5.77
C LEU A 54 3.36 8.58 -5.92
N ARG A 55 3.71 8.19 -7.16
CA ARG A 55 4.86 7.32 -7.45
C ARG A 55 6.19 7.98 -7.06
N GLY A 56 6.38 9.26 -7.34
CA GLY A 56 7.57 10.04 -6.97
C GLY A 56 7.83 10.06 -5.46
N GLU A 57 6.79 10.16 -4.63
CA GLU A 57 6.91 10.06 -3.16
C GLU A 57 7.46 8.71 -2.68
N ILE A 58 7.16 7.63 -3.40
CA ILE A 58 7.66 6.28 -3.09
C ILE A 58 9.09 6.13 -3.64
N TYR A 59 9.35 6.61 -4.85
CA TYR A 59 10.65 6.45 -5.50
C TYR A 59 11.75 7.33 -4.86
N GLN A 60 11.46 8.58 -4.46
CA GLN A 60 12.46 9.44 -3.80
C GLN A 60 12.82 8.95 -2.37
N ALA A 61 11.94 8.19 -1.72
CA ALA A 61 12.14 7.67 -0.37
C ALA A 61 12.63 6.20 -0.33
N TYR A 62 12.24 5.36 -1.30
CA TYR A 62 12.47 3.91 -1.28
C TYR A 62 12.99 3.33 -2.61
N LYS A 63 13.30 4.16 -3.61
CA LYS A 63 13.81 3.79 -4.95
C LYS A 63 13.05 2.63 -5.63
N HIS A 64 11.73 2.60 -5.49
CA HIS A 64 10.85 1.60 -6.07
C HIS A 64 9.56 2.22 -6.61
N GLU A 65 9.03 1.61 -7.68
CA GLU A 65 7.90 2.13 -8.46
C GLU A 65 6.90 1.04 -8.91
N THR A 66 7.13 -0.22 -8.53
CA THR A 66 6.21 -1.34 -8.81
C THR A 66 5.06 -1.42 -7.80
N VAL A 67 3.86 -1.75 -8.29
CA VAL A 67 2.62 -1.80 -7.49
C VAL A 67 2.21 -3.23 -7.10
N PRO A 68 1.42 -3.42 -6.02
CA PRO A 68 1.01 -2.40 -5.07
C PRO A 68 2.12 -1.94 -4.13
N ALA A 69 2.06 -0.70 -3.68
CA ALA A 69 2.80 -0.23 -2.50
C ALA A 69 1.85 -0.26 -1.30
N ILE A 70 2.29 -0.85 -0.19
CA ILE A 70 1.42 -1.20 0.95
C ILE A 70 2.01 -0.58 2.23
N PHE A 71 1.15 -0.10 3.12
CA PHE A 71 1.55 0.53 4.39
C PHE A 71 0.63 0.11 5.54
N ILE A 72 1.21 -0.10 6.72
CA ILE A 72 0.50 -0.52 7.94
C ILE A 72 1.02 0.29 9.14
N ASN A 73 0.16 1.09 9.78
CA ASN A 73 0.53 2.06 10.83
C ASN A 73 1.77 2.93 10.48
N GLY A 74 1.89 3.35 9.21
CA GLY A 74 3.05 4.14 8.74
C GLY A 74 4.32 3.32 8.45
N ASN A 75 4.32 2.00 8.65
CA ASN A 75 5.42 1.09 8.32
C ASN A 75 5.29 0.59 6.86
N PHE A 76 6.41 0.38 6.16
CA PHE A 76 6.43 0.07 4.72
C PHE A 76 6.46 -1.45 4.40
N ILE A 77 5.65 -1.82 3.40
CA ILE A 77 5.46 -3.18 2.88
C ILE A 77 5.61 -3.12 1.34
N GLY A 78 6.62 -3.78 0.78
CA GLY A 78 7.06 -3.58 -0.61
C GLY A 78 6.12 -4.10 -1.70
N GLY A 79 5.18 -4.99 -1.36
CA GLY A 79 4.23 -5.60 -2.30
C GLY A 79 3.38 -6.70 -1.67
N CYS A 80 2.58 -7.39 -2.48
CA CYS A 80 1.80 -8.55 -2.04
C CYS A 80 2.72 -9.70 -1.59
N SER A 81 3.87 -9.89 -2.23
CA SER A 81 4.88 -10.85 -1.79
C SER A 81 5.41 -10.54 -0.38
N ASP A 82 5.72 -9.26 -0.10
CA ASP A 82 6.25 -8.79 1.19
C ASP A 82 5.19 -8.85 2.31
N LEU A 83 3.91 -8.66 1.95
CA LEU A 83 2.75 -8.83 2.82
C LEU A 83 2.52 -10.31 3.17
N GLU A 84 2.49 -11.19 2.17
CA GLU A 84 2.31 -12.63 2.38
C GLU A 84 3.45 -13.26 3.15
N ALA A 85 4.69 -12.75 3.01
CA ALA A 85 5.83 -13.24 3.78
C ALA A 85 5.65 -13.04 5.30
N LEU A 86 4.79 -12.10 5.73
CA LEU A 86 4.38 -11.90 7.11
C LEU A 86 3.13 -12.73 7.48
N ASP A 87 2.24 -13.01 6.50
CA ASP A 87 1.09 -13.91 6.67
C ASP A 87 1.53 -15.36 6.91
N LYS A 88 2.49 -15.85 6.12
CA LYS A 88 3.09 -17.18 6.21
C LYS A 88 3.78 -17.46 7.56
N GLU A 89 4.18 -16.41 8.28
CA GLU A 89 4.91 -16.50 9.54
C GLU A 89 4.05 -16.19 10.79
N GLY A 90 2.81 -15.73 10.63
CA GLY A 90 1.95 -15.35 11.75
C GLY A 90 2.16 -13.92 12.26
N LYS A 91 3.00 -13.10 11.59
CA LYS A 91 3.44 -11.79 12.03
C LYS A 91 2.54 -10.65 11.55
N LEU A 92 1.83 -10.85 10.44
CA LEU A 92 0.83 -9.91 9.92
C LEU A 92 -0.37 -9.79 10.88
N ASP A 93 -0.78 -10.90 11.49
CA ASP A 93 -1.81 -10.93 12.53
C ASP A 93 -1.41 -10.15 13.79
N GLY A 94 -0.11 -9.94 14.03
CA GLY A 94 0.39 -9.08 15.09
C GLY A 94 0.50 -7.60 14.71
N LEU A 95 0.60 -7.30 13.40
CA LEU A 95 0.63 -5.94 12.86
C LEU A 95 -0.78 -5.32 12.76
N LEU A 96 -1.80 -6.13 12.47
CA LEU A 96 -3.14 -5.66 12.08
C LEU A 96 -4.05 -5.22 13.24
N SER A 97 -3.58 -5.33 14.48
CA SER A 97 -4.28 -4.99 15.74
C SER A 97 -4.75 -3.53 15.79
N GLY A 1 2.91 24.85 8.40
CA GLY A 1 2.70 24.57 6.97
C GLY A 1 2.23 23.14 6.77
N ALA A 2 1.79 22.81 5.55
CA ALA A 2 1.36 21.46 5.16
C ALA A 2 1.68 21.14 3.70
N MET A 3 2.03 19.88 3.42
CA MET A 3 2.42 19.36 2.10
C MET A 3 1.45 18.23 1.66
N PRO A 4 0.34 18.54 0.96
CA PRO A 4 -0.58 17.53 0.44
C PRO A 4 0.09 16.56 -0.55
N SER A 5 0.28 15.32 -0.11
CA SER A 5 0.60 14.16 -0.93
C SER A 5 0.02 12.89 -0.29
N ILE A 6 0.26 11.74 -0.93
CA ILE A 6 -0.09 10.43 -0.38
C ILE A 6 0.48 10.21 1.03
N ALA A 7 1.60 10.86 1.36
CA ALA A 7 2.34 10.63 2.59
C ALA A 7 1.59 11.11 3.86
N SER A 8 0.68 12.09 3.74
CA SER A 8 -0.28 12.44 4.80
C SER A 8 -1.49 11.50 4.82
N MET A 9 -1.91 10.98 3.66
CA MET A 9 -3.04 10.04 3.56
C MET A 9 -2.74 8.66 4.20
N ILE A 10 -1.47 8.30 4.42
CA ILE A 10 -1.07 7.09 5.18
C ILE A 10 -1.58 7.13 6.63
N LYS A 11 -1.70 8.33 7.22
CA LYS A 11 -2.06 8.52 8.64
C LYS A 11 -3.56 8.29 8.94
N GLY A 12 -4.37 7.98 7.92
CA GLY A 12 -5.83 7.89 8.03
C GLY A 12 -6.37 6.57 8.58
N ASN A 13 -5.77 5.42 8.23
CA ASN A 13 -6.24 4.06 8.58
C ASN A 13 -5.08 3.11 8.94
N LYS A 14 -5.42 1.91 9.43
CA LYS A 14 -4.47 0.88 9.85
C LYS A 14 -3.68 0.27 8.68
N VAL A 15 -4.35 0.05 7.55
CA VAL A 15 -3.70 -0.37 6.29
C VAL A 15 -4.01 0.63 5.16
N VAL A 16 -2.99 1.03 4.39
CA VAL A 16 -3.13 1.95 3.25
C VAL A 16 -2.34 1.41 2.04
N VAL A 17 -2.94 1.34 0.86
CA VAL A 17 -2.36 0.72 -0.35
C VAL A 17 -2.40 1.67 -1.55
N PHE A 18 -1.42 1.55 -2.45
CA PHE A 18 -1.33 2.29 -3.71
C PHE A 18 -1.14 1.30 -4.87
N SER A 19 -2.13 1.22 -5.75
CA SER A 19 -2.30 0.20 -6.79
C SER A 19 -2.57 0.84 -8.16
N TRP A 20 -2.58 0.02 -9.21
CA TRP A 20 -3.26 0.32 -10.47
C TRP A 20 -4.41 -0.67 -10.65
N VAL A 21 -5.58 -0.22 -11.14
CA VAL A 21 -6.70 -1.14 -11.44
C VAL A 21 -6.35 -2.10 -12.58
N THR A 22 -5.39 -1.72 -13.43
CA THR A 22 -4.79 -2.55 -14.49
C THR A 22 -3.94 -3.73 -13.99
N CYS A 23 -3.47 -3.71 -12.74
CA CYS A 23 -2.42 -4.62 -12.28
C CYS A 23 -3.00 -5.90 -11.65
N PRO A 24 -2.38 -7.08 -11.83
CA PRO A 24 -2.85 -8.28 -11.16
C PRO A 24 -2.31 -8.41 -9.72
N TYR A 25 -1.10 -7.94 -9.46
CA TYR A 25 -0.47 -7.92 -8.12
C TYR A 25 -1.26 -7.09 -7.11
N CYS A 26 -1.82 -5.97 -7.61
CA CYS A 26 -2.81 -5.16 -6.91
C CYS A 26 -3.94 -6.06 -6.38
N VAL A 27 -4.58 -6.85 -7.25
CA VAL A 27 -5.72 -7.72 -6.91
C VAL A 27 -5.35 -8.80 -5.90
N ARG A 28 -4.16 -9.42 -6.01
CA ARG A 28 -3.66 -10.39 -5.01
C ARG A 28 -3.69 -9.78 -3.60
N ALA A 29 -3.16 -8.56 -3.46
CA ALA A 29 -3.20 -7.79 -2.22
C ALA A 29 -4.63 -7.39 -1.82
N GLU A 30 -5.37 -6.68 -2.69
CA GLU A 30 -6.74 -6.21 -2.42
C GLU A 30 -7.69 -7.30 -1.92
N LYS A 31 -7.55 -8.51 -2.45
CA LYS A 31 -8.37 -9.65 -2.09
C LYS A 31 -8.02 -10.15 -0.69
N LEU A 32 -6.73 -10.39 -0.44
CA LEU A 32 -6.20 -10.92 0.83
C LEU A 32 -6.40 -9.93 1.98
N LEU A 33 -6.22 -8.63 1.72
CA LEU A 33 -6.43 -7.56 2.69
C LEU A 33 -7.89 -7.53 3.18
N HIS A 34 -8.84 -7.47 2.24
CA HIS A 34 -10.27 -7.61 2.57
C HIS A 34 -10.62 -9.00 3.16
N ALA A 35 -9.85 -10.05 2.85
CA ALA A 35 -10.06 -11.38 3.46
C ALA A 35 -9.56 -11.48 4.92
N ARG A 36 -8.78 -10.51 5.41
CA ARG A 36 -8.38 -10.39 6.82
C ARG A 36 -9.21 -9.34 7.56
N THR A 37 -9.21 -8.11 7.05
CA THR A 37 -9.68 -6.92 7.77
C THR A 37 -10.25 -5.84 6.86
N LYS A 38 -11.30 -5.16 7.36
CA LYS A 38 -11.98 -4.01 6.72
C LYS A 38 -11.29 -2.67 7.00
N ASP A 39 -10.20 -2.68 7.77
CA ASP A 39 -9.45 -1.50 8.17
C ASP A 39 -8.42 -1.02 7.11
N ILE A 40 -8.73 -1.29 5.84
CA ILE A 40 -7.89 -1.05 4.66
C ILE A 40 -8.45 0.10 3.80
N THR A 41 -7.58 1.02 3.42
CA THR A 41 -7.77 2.05 2.39
C THR A 41 -6.90 1.72 1.19
N VAL A 42 -7.38 1.89 -0.04
CA VAL A 42 -6.56 1.80 -1.26
C VAL A 42 -6.83 2.93 -2.25
N HIS A 43 -5.75 3.42 -2.83
CA HIS A 43 -5.65 4.50 -3.78
C HIS A 43 -5.13 4.01 -5.14
N TYR A 44 -5.62 4.61 -6.23
CA TYR A 44 -5.40 4.10 -7.58
C TYR A 44 -4.74 5.15 -8.48
N VAL A 45 -3.40 5.14 -8.51
CA VAL A 45 -2.61 6.15 -9.24
C VAL A 45 -2.76 6.07 -10.76
N ASP A 46 -3.37 5.00 -11.31
CA ASP A 46 -3.74 4.89 -12.72
C ASP A 46 -5.00 5.71 -13.09
N LYS A 47 -5.86 5.99 -12.09
CA LYS A 47 -7.05 6.84 -12.23
C LYS A 47 -6.75 8.32 -12.03
N MET A 48 -5.77 8.62 -11.18
CA MET A 48 -5.27 9.98 -10.95
C MET A 48 -4.66 10.60 -12.22
N SER A 49 -4.85 11.90 -12.41
CA SER A 49 -4.13 12.70 -13.43
C SER A 49 -2.65 12.87 -13.05
N GLU A 50 -2.35 13.05 -11.76
CA GLU A 50 -1.01 13.31 -11.21
C GLU A 50 -0.32 12.06 -10.61
N GLY A 51 -0.89 10.87 -10.77
CA GLY A 51 -0.44 9.64 -10.11
C GLY A 51 1.02 9.24 -10.36
N GLU A 52 1.61 9.63 -11.50
CA GLU A 52 3.03 9.40 -11.77
C GLU A 52 3.95 10.24 -10.87
N GLN A 53 3.46 11.31 -10.25
CA GLN A 53 4.15 12.08 -9.20
C GLN A 53 4.03 11.41 -7.83
N LEU A 54 2.90 10.75 -7.55
CA LEU A 54 2.69 10.03 -6.29
C LEU A 54 3.42 8.67 -6.28
N ARG A 55 3.65 8.03 -7.44
CA ARG A 55 4.70 6.98 -7.58
C ARG A 55 6.08 7.51 -7.14
N GLY A 56 6.40 8.76 -7.48
CA GLY A 56 7.62 9.43 -7.05
C GLY A 56 7.73 9.67 -5.53
N GLU A 57 6.62 9.82 -4.80
CA GLU A 57 6.66 9.94 -3.33
C GLU A 57 7.18 8.66 -2.66
N ILE A 58 6.85 7.50 -3.23
CA ILE A 58 7.36 6.19 -2.79
C ILE A 58 8.83 6.06 -3.22
N TYR A 59 9.18 6.50 -4.43
CA TYR A 59 10.53 6.37 -4.95
C TYR A 59 11.56 7.18 -4.15
N GLN A 60 11.27 8.44 -3.83
CA GLN A 60 12.22 9.28 -3.09
C GLN A 60 12.38 8.86 -1.62
N ALA A 61 11.45 8.07 -1.06
CA ALA A 61 11.53 7.52 0.29
C ALA A 61 12.16 6.11 0.37
N TYR A 62 11.96 5.26 -0.66
CA TYR A 62 12.29 3.81 -0.63
C TYR A 62 12.99 3.25 -1.87
N LYS A 63 13.25 4.07 -2.90
CA LYS A 63 13.70 3.68 -4.26
C LYS A 63 12.81 2.62 -4.93
N HIS A 64 11.49 2.75 -4.79
CA HIS A 64 10.49 1.82 -5.33
C HIS A 64 9.40 2.52 -6.15
N GLU A 65 9.00 1.89 -7.26
CA GLU A 65 8.14 2.48 -8.29
C GLU A 65 7.12 1.50 -8.90
N THR A 66 7.33 0.19 -8.74
CA THR A 66 6.34 -0.87 -9.06
C THR A 66 5.16 -0.93 -8.06
N VAL A 67 4.08 -1.62 -8.43
CA VAL A 67 2.84 -1.71 -7.64
C VAL A 67 2.41 -3.16 -7.32
N PRO A 68 1.63 -3.39 -6.23
CA PRO A 68 1.20 -2.40 -5.24
C PRO A 68 2.31 -2.00 -4.27
N ALA A 69 2.23 -0.77 -3.76
CA ALA A 69 2.94 -0.33 -2.57
C ALA A 69 1.98 -0.38 -1.37
N ILE A 70 2.41 -0.96 -0.26
CA ILE A 70 1.54 -1.33 0.86
C ILE A 70 2.10 -0.71 2.14
N PHE A 71 1.23 -0.25 3.04
CA PHE A 71 1.62 0.38 4.30
C PHE A 71 0.72 -0.07 5.47
N ILE A 72 1.30 -0.19 6.68
CA ILE A 72 0.60 -0.53 7.92
C ILE A 72 1.00 0.43 9.04
N ASN A 73 0.05 1.17 9.61
CA ASN A 73 0.26 2.20 10.66
C ASN A 73 1.40 3.22 10.34
N GLY A 74 1.65 3.50 9.06
CA GLY A 74 2.76 4.35 8.58
C GLY A 74 4.09 3.65 8.25
N ASN A 75 4.18 2.32 8.41
CA ASN A 75 5.34 1.48 8.05
C ASN A 75 5.18 0.92 6.63
N PHE A 76 6.27 0.77 5.87
CA PHE A 76 6.26 0.31 4.47
C PHE A 76 6.42 -1.21 4.31
N ILE A 77 5.69 -1.77 3.34
CA ILE A 77 5.61 -3.19 2.97
C ILE A 77 5.87 -3.30 1.45
N GLY A 78 6.87 -4.09 1.06
CA GLY A 78 7.46 -4.14 -0.30
C GLY A 78 6.64 -4.78 -1.43
N GLY A 79 5.35 -4.93 -1.20
CA GLY A 79 4.35 -5.49 -2.13
C GLY A 79 3.73 -6.81 -1.67
N CYS A 80 3.16 -7.56 -2.61
CA CYS A 80 2.38 -8.77 -2.34
C CYS A 80 3.23 -9.91 -1.73
N SER A 81 4.45 -10.15 -2.23
CA SER A 81 5.32 -11.21 -1.70
C SER A 81 5.68 -10.99 -0.22
N ASP A 82 5.95 -9.73 0.17
CA ASP A 82 6.23 -9.33 1.55
C ASP A 82 5.01 -9.50 2.47
N LEU A 83 3.82 -9.15 1.97
CA LEU A 83 2.54 -9.30 2.67
C LEU A 83 2.20 -10.77 2.94
N GLU A 84 2.28 -11.64 1.92
CA GLU A 84 2.07 -13.07 2.10
C GLU A 84 3.13 -13.68 3.01
N ALA A 85 4.40 -13.26 2.89
CA ALA A 85 5.50 -13.76 3.69
C ALA A 85 5.31 -13.47 5.18
N LEU A 86 4.77 -12.29 5.55
CA LEU A 86 4.47 -11.96 6.94
C LEU A 86 3.35 -12.83 7.51
N ASP A 87 2.44 -13.33 6.67
CA ASP A 87 1.39 -14.27 7.12
C ASP A 87 1.97 -15.66 7.36
N LYS A 88 2.82 -16.15 6.45
CA LYS A 88 3.51 -17.45 6.57
C LYS A 88 4.51 -17.44 7.75
N GLU A 89 5.12 -16.30 8.04
CA GLU A 89 5.98 -16.06 9.21
C GLU A 89 5.19 -15.80 10.52
N GLY A 90 3.85 -15.82 10.48
CA GLY A 90 2.97 -15.74 11.66
C GLY A 90 2.91 -14.35 12.32
N LYS A 91 3.21 -13.29 11.57
CA LYS A 91 3.44 -11.92 12.01
C LYS A 91 2.38 -10.92 11.52
N LEU A 92 1.70 -11.22 10.41
CA LEU A 92 0.65 -10.35 9.85
C LEU A 92 -0.53 -10.18 10.81
N ASP A 93 -0.90 -11.24 11.53
CA ASP A 93 -1.95 -11.20 12.56
C ASP A 93 -1.68 -10.12 13.63
N GLY A 94 -0.43 -10.03 14.10
CA GLY A 94 0.01 -9.02 15.06
C GLY A 94 0.15 -7.62 14.48
N LEU A 95 0.54 -7.49 13.21
CA LEU A 95 0.57 -6.20 12.51
C LEU A 95 -0.84 -5.65 12.26
N LEU A 96 -1.81 -6.53 11.97
CA LEU A 96 -3.22 -6.19 11.77
C LEU A 96 -4.01 -6.09 13.09
N SER A 97 -3.34 -6.18 14.25
CA SER A 97 -3.93 -5.94 15.56
C SER A 97 -4.08 -4.43 15.83
N GLY A 1 7.93 14.52 -6.63
CA GLY A 1 6.91 14.28 -5.61
C GLY A 1 5.77 15.28 -5.67
N ALA A 2 5.16 15.57 -4.52
CA ALA A 2 4.03 16.51 -4.38
C ALA A 2 3.97 17.17 -2.98
N MET A 3 3.22 18.26 -2.84
CA MET A 3 3.14 19.10 -1.63
C MET A 3 1.75 19.76 -1.46
N PRO A 4 0.80 19.17 -0.70
CA PRO A 4 0.90 17.93 0.07
C PRO A 4 0.76 16.70 -0.84
N SER A 5 0.83 15.49 -0.28
CA SER A 5 0.82 14.25 -1.05
C SER A 5 0.08 13.09 -0.38
N ILE A 6 0.25 11.89 -0.95
CA ILE A 6 -0.15 10.61 -0.35
C ILE A 6 0.42 10.40 1.06
N ALA A 7 1.52 11.06 1.41
CA ALA A 7 2.23 10.86 2.67
C ALA A 7 1.39 11.26 3.91
N SER A 8 0.38 12.12 3.74
CA SER A 8 -0.61 12.41 4.81
C SER A 8 -1.69 11.33 4.92
N MET A 9 -2.03 10.63 3.83
CA MET A 9 -3.08 9.60 3.81
C MET A 9 -2.73 8.42 4.72
N ILE A 10 -1.43 8.11 4.86
CA ILE A 10 -0.91 6.99 5.66
C ILE A 10 -1.28 7.12 7.15
N LYS A 11 -1.48 8.35 7.65
CA LYS A 11 -1.89 8.65 9.05
C LYS A 11 -3.39 8.48 9.30
N GLY A 12 -4.19 8.33 8.24
CA GLY A 12 -5.65 8.24 8.32
C GLY A 12 -6.19 6.85 8.70
N ASN A 13 -5.52 5.75 8.30
CA ASN A 13 -6.03 4.39 8.47
C ASN A 13 -4.98 3.33 8.85
N LYS A 14 -5.46 2.19 9.37
CA LYS A 14 -4.64 1.04 9.78
C LYS A 14 -3.83 0.43 8.63
N VAL A 15 -4.43 0.28 7.45
CA VAL A 15 -3.76 -0.20 6.23
C VAL A 15 -4.00 0.77 5.08
N VAL A 16 -2.94 1.16 4.35
CA VAL A 16 -3.02 2.05 3.19
C VAL A 16 -2.23 1.49 2.00
N VAL A 17 -2.83 1.44 0.81
CA VAL A 17 -2.23 0.82 -0.40
C VAL A 17 -2.28 1.75 -1.62
N PHE A 18 -1.31 1.59 -2.52
CA PHE A 18 -1.22 2.30 -3.80
C PHE A 18 -1.08 1.30 -4.95
N SER A 19 -2.15 1.12 -5.73
CA SER A 19 -2.32 0.07 -6.76
C SER A 19 -2.66 0.64 -8.14
N TRP A 20 -2.58 -0.19 -9.18
CA TRP A 20 -3.12 0.07 -10.52
C TRP A 20 -4.26 -0.91 -10.81
N VAL A 21 -5.48 -0.41 -11.09
CA VAL A 21 -6.72 -1.23 -11.27
C VAL A 21 -6.57 -2.32 -12.35
N THR A 22 -5.69 -2.06 -13.32
CA THR A 22 -5.34 -2.93 -14.45
C THR A 22 -4.45 -4.13 -14.09
N CYS A 23 -3.77 -4.13 -12.93
CA CYS A 23 -2.60 -5.00 -12.73
C CYS A 23 -2.86 -6.18 -11.77
N PRO A 24 -2.06 -7.26 -11.85
CA PRO A 24 -2.37 -8.51 -11.17
C PRO A 24 -2.02 -8.49 -9.68
N TYR A 25 -0.81 -8.04 -9.32
CA TYR A 25 -0.35 -7.97 -7.93
C TYR A 25 -1.20 -7.07 -7.04
N CYS A 26 -1.69 -5.96 -7.62
CA CYS A 26 -2.75 -5.14 -7.07
C CYS A 26 -3.88 -6.02 -6.52
N VAL A 27 -4.45 -6.91 -7.34
CA VAL A 27 -5.56 -7.80 -6.96
C VAL A 27 -5.14 -8.84 -5.94
N ARG A 28 -3.94 -9.43 -6.08
CA ARG A 28 -3.40 -10.38 -5.08
C ARG A 28 -3.34 -9.77 -3.67
N ALA A 29 -2.92 -8.51 -3.59
CA ALA A 29 -2.94 -7.70 -2.38
C ALA A 29 -4.36 -7.30 -1.93
N GLU A 30 -5.16 -6.64 -2.78
CA GLU A 30 -6.54 -6.21 -2.46
C GLU A 30 -7.42 -7.37 -1.93
N LYS A 31 -7.21 -8.57 -2.45
CA LYS A 31 -7.93 -9.77 -2.04
C LYS A 31 -7.54 -10.20 -0.62
N LEU A 32 -6.24 -10.31 -0.36
CA LEU A 32 -5.67 -10.72 0.93
C LEU A 32 -5.98 -9.68 2.01
N LEU A 33 -5.87 -8.39 1.69
CA LEU A 33 -6.20 -7.31 2.63
C LEU A 33 -7.66 -7.35 3.02
N HIS A 34 -8.59 -7.43 2.06
CA HIS A 34 -10.01 -7.62 2.36
C HIS A 34 -10.29 -8.95 3.11
N ALA A 35 -9.41 -9.96 3.03
CA ALA A 35 -9.54 -11.20 3.81
C ALA A 35 -8.97 -11.11 5.24
N ARG A 36 -8.19 -10.07 5.57
CA ARG A 36 -7.55 -9.87 6.89
C ARG A 36 -8.09 -8.66 7.68
N THR A 37 -8.41 -7.55 7.00
CA THR A 37 -8.77 -6.25 7.60
C THR A 37 -9.79 -5.50 6.72
N LYS A 38 -10.79 -4.85 7.34
CA LYS A 38 -11.78 -4.00 6.65
C LYS A 38 -11.42 -2.51 6.72
N ASP A 39 -10.62 -2.13 7.72
CA ASP A 39 -10.04 -0.80 7.87
C ASP A 39 -8.80 -0.58 6.94
N ILE A 40 -9.01 -0.83 5.65
CA ILE A 40 -8.05 -0.68 4.54
C ILE A 40 -8.50 0.44 3.60
N THR A 41 -7.58 1.28 3.18
CA THR A 41 -7.76 2.32 2.15
C THR A 41 -6.75 2.14 1.03
N VAL A 42 -7.22 1.93 -0.21
CA VAL A 42 -6.37 1.93 -1.41
C VAL A 42 -6.65 3.13 -2.30
N HIS A 43 -5.58 3.78 -2.75
CA HIS A 43 -5.60 4.83 -3.76
C HIS A 43 -5.10 4.27 -5.10
N TYR A 44 -5.89 4.42 -6.16
CA TYR A 44 -5.55 3.86 -7.47
C TYR A 44 -4.85 4.90 -8.35
N VAL A 45 -3.52 4.81 -8.46
CA VAL A 45 -2.72 5.85 -9.17
C VAL A 45 -2.68 5.69 -10.70
N ASP A 46 -3.45 4.75 -11.25
CA ASP A 46 -3.86 4.70 -12.68
C ASP A 46 -5.21 5.41 -12.93
N LYS A 47 -6.02 5.60 -11.87
CA LYS A 47 -7.32 6.31 -11.86
C LYS A 47 -7.14 7.80 -11.55
N MET A 48 -6.19 8.13 -10.66
CA MET A 48 -5.87 9.52 -10.29
C MET A 48 -4.86 10.10 -11.29
N SER A 49 -5.22 11.20 -11.96
CA SER A 49 -4.49 11.77 -13.10
C SER A 49 -3.07 12.29 -12.80
N GLU A 50 -2.80 12.66 -11.55
CA GLU A 50 -1.47 13.01 -11.00
C GLU A 50 -0.65 11.82 -10.49
N GLY A 51 -1.16 10.59 -10.62
CA GLY A 51 -0.60 9.38 -10.00
C GLY A 51 0.89 9.11 -10.22
N GLU A 52 1.49 9.58 -11.31
CA GLU A 52 2.93 9.39 -11.55
C GLU A 52 3.81 10.30 -10.67
N GLN A 53 3.27 11.41 -10.14
CA GLN A 53 3.97 12.26 -9.16
C GLN A 53 3.84 11.71 -7.74
N LEU A 54 2.73 11.02 -7.43
CA LEU A 54 2.54 10.29 -6.19
C LEU A 54 3.36 8.99 -6.17
N ARG A 55 3.56 8.31 -7.31
CA ARG A 55 4.64 7.30 -7.49
C ARG A 55 6.00 7.89 -7.13
N GLY A 56 6.25 9.16 -7.49
CA GLY A 56 7.43 9.92 -7.08
C GLY A 56 7.62 10.01 -5.56
N GLU A 57 6.55 10.23 -4.78
CA GLU A 57 6.65 10.26 -3.30
C GLU A 57 7.03 8.90 -2.68
N ILE A 58 6.72 7.79 -3.36
CA ILE A 58 7.17 6.45 -2.98
C ILE A 58 8.62 6.23 -3.42
N TYR A 59 8.95 6.58 -4.67
CA TYR A 59 10.27 6.34 -5.24
C TYR A 59 11.35 7.18 -4.56
N GLN A 60 11.11 8.46 -4.28
CA GLN A 60 12.07 9.32 -3.58
C GLN A 60 12.42 8.82 -2.16
N ALA A 61 11.52 8.07 -1.51
CA ALA A 61 11.70 7.54 -0.16
C ALA A 61 12.27 6.10 -0.13
N TYR A 62 11.87 5.23 -1.07
CA TYR A 62 12.15 3.77 -1.02
C TYR A 62 12.77 3.19 -2.30
N LYS A 63 12.93 4.00 -3.36
CA LYS A 63 13.41 3.64 -4.73
C LYS A 63 12.77 2.36 -5.26
N HIS A 64 11.46 2.46 -5.38
CA HIS A 64 10.53 1.39 -5.71
C HIS A 64 9.50 1.86 -6.76
N GLU A 65 9.64 1.34 -7.98
CA GLU A 65 8.75 1.60 -9.13
C GLU A 65 7.72 0.48 -9.36
N THR A 66 7.85 -0.60 -8.59
CA THR A 66 6.85 -1.64 -8.32
C THR A 66 5.49 -1.08 -7.86
N VAL A 67 4.40 -1.78 -8.20
CA VAL A 67 3.06 -1.62 -7.61
C VAL A 67 2.43 -2.99 -7.35
N PRO A 68 1.70 -3.19 -6.23
CA PRO A 68 1.31 -2.19 -5.24
C PRO A 68 2.43 -1.83 -4.26
N ALA A 69 2.37 -0.60 -3.74
CA ALA A 69 3.08 -0.21 -2.51
C ALA A 69 2.12 -0.28 -1.33
N ILE A 70 2.61 -0.72 -0.16
CA ILE A 70 1.78 -1.15 0.97
C ILE A 70 2.29 -0.52 2.27
N PHE A 71 1.38 -0.09 3.14
CA PHE A 71 1.69 0.52 4.45
C PHE A 71 0.74 0.02 5.54
N ILE A 72 1.26 -0.16 6.76
CA ILE A 72 0.49 -0.58 7.95
C ILE A 72 0.88 0.34 9.13
N ASN A 73 -0.09 1.05 9.71
CA ASN A 73 0.10 2.03 10.80
C ASN A 73 1.27 3.01 10.58
N GLY A 74 1.48 3.48 9.34
CA GLY A 74 2.60 4.36 8.96
C GLY A 74 3.95 3.67 8.68
N ASN A 75 4.04 2.35 8.84
CA ASN A 75 5.21 1.53 8.51
C ASN A 75 5.13 1.08 7.05
N PHE A 76 6.28 0.94 6.37
CA PHE A 76 6.35 0.52 4.97
C PHE A 76 6.45 -1.01 4.84
N ILE A 77 5.80 -1.55 3.80
CA ILE A 77 5.82 -2.95 3.38
C ILE A 77 6.21 -3.00 1.90
N GLY A 78 7.37 -3.60 1.59
CA GLY A 78 8.02 -3.48 0.28
C GLY A 78 7.27 -4.07 -0.91
N GLY A 79 6.27 -4.93 -0.69
CA GLY A 79 5.44 -5.46 -1.76
C GLY A 79 4.44 -6.54 -1.36
N CYS A 80 3.64 -7.00 -2.33
CA CYS A 80 2.70 -8.10 -2.14
C CYS A 80 3.42 -9.41 -1.73
N SER A 81 4.63 -9.65 -2.24
CA SER A 81 5.45 -10.82 -1.90
C SER A 81 6.06 -10.76 -0.49
N ASP A 82 6.11 -9.58 0.14
CA ASP A 82 6.45 -9.40 1.56
C ASP A 82 5.21 -9.56 2.46
N LEU A 83 4.05 -9.04 2.02
CA LEU A 83 2.75 -9.19 2.69
C LEU A 83 2.33 -10.67 2.78
N GLU A 84 2.37 -11.38 1.64
CA GLU A 84 2.13 -12.83 1.57
C GLU A 84 3.06 -13.60 2.50
N ALA A 85 4.33 -13.17 2.63
CA ALA A 85 5.32 -13.86 3.45
C ALA A 85 5.07 -13.71 4.96
N LEU A 86 4.49 -12.59 5.42
CA LEU A 86 4.08 -12.40 6.82
C LEU A 86 2.84 -13.23 7.18
N ASP A 87 1.95 -13.45 6.21
CA ASP A 87 0.82 -14.39 6.31
C ASP A 87 1.30 -15.84 6.44
N LYS A 88 2.44 -16.17 5.80
CA LYS A 88 3.08 -17.51 5.91
C LYS A 88 3.93 -17.68 7.18
N GLU A 89 4.14 -16.61 7.95
CA GLU A 89 4.79 -16.63 9.27
C GLU A 89 3.82 -16.61 10.45
N GLY A 90 2.54 -16.34 10.21
CA GLY A 90 1.59 -16.12 11.29
C GLY A 90 1.88 -14.83 12.07
N LYS A 91 2.47 -13.81 11.41
CA LYS A 91 2.90 -12.53 11.97
C LYS A 91 2.06 -11.35 11.48
N LEU A 92 1.31 -11.50 10.39
CA LEU A 92 0.45 -10.46 9.84
C LEU A 92 -0.74 -10.15 10.76
N ASP A 93 -1.30 -11.17 11.41
CA ASP A 93 -2.36 -11.02 12.41
C ASP A 93 -1.99 -10.04 13.52
N GLY A 94 -0.79 -10.20 14.09
CA GLY A 94 -0.22 -9.34 15.14
C GLY A 94 0.30 -7.98 14.66
N LEU A 95 0.50 -7.79 13.35
CA LEU A 95 0.74 -6.47 12.77
C LEU A 95 -0.57 -5.68 12.62
N LEU A 96 -1.70 -6.37 12.37
CA LEU A 96 -3.03 -5.78 12.14
C LEU A 96 -3.89 -5.68 13.43
N SER A 97 -3.29 -5.94 14.59
CA SER A 97 -3.90 -5.89 15.94
C SER A 97 -3.40 -4.72 16.80
N GLY A 1 8.17 23.83 1.82
CA GLY A 1 8.03 23.52 0.38
C GLY A 1 6.57 23.50 -0.04
N ALA A 2 6.29 23.58 -1.34
CA ALA A 2 4.93 23.72 -1.88
C ALA A 2 4.18 22.40 -2.18
N MET A 3 4.69 21.23 -1.74
CA MET A 3 4.18 19.90 -2.14
C MET A 3 3.69 19.06 -0.93
N PRO A 4 2.49 19.31 -0.38
CA PRO A 4 1.89 18.50 0.69
C PRO A 4 1.26 17.20 0.10
N SER A 5 2.05 16.12 0.03
CA SER A 5 1.73 14.91 -0.75
C SER A 5 1.37 13.69 0.12
N ILE A 6 1.64 12.47 -0.36
CA ILE A 6 0.96 11.22 0.05
C ILE A 6 1.14 10.84 1.52
N ALA A 7 2.17 11.37 2.16
CA ALA A 7 2.53 11.12 3.55
C ALA A 7 1.39 11.41 4.55
N SER A 8 0.47 12.30 4.20
CA SER A 8 -0.75 12.63 4.96
C SER A 8 -1.81 11.52 4.90
N MET A 9 -1.92 10.82 3.77
CA MET A 9 -2.90 9.74 3.56
C MET A 9 -2.64 8.56 4.51
N ILE A 10 -1.36 8.27 4.78
CA ILE A 10 -0.93 7.08 5.54
C ILE A 10 -1.46 7.10 6.98
N LYS A 11 -1.71 8.28 7.56
CA LYS A 11 -2.09 8.44 8.97
C LYS A 11 -3.55 8.08 9.25
N GLY A 12 -4.44 8.09 8.26
CA GLY A 12 -5.88 8.01 8.48
C GLY A 12 -6.40 6.60 8.81
N ASN A 13 -5.75 5.56 8.29
CA ASN A 13 -6.26 4.19 8.28
C ASN A 13 -5.25 3.17 8.84
N LYS A 14 -5.69 1.92 9.06
CA LYS A 14 -4.83 0.84 9.53
C LYS A 14 -3.91 0.30 8.42
N VAL A 15 -4.44 0.22 7.20
CA VAL A 15 -3.66 -0.03 5.97
C VAL A 15 -3.94 1.06 4.95
N VAL A 16 -2.90 1.51 4.25
CA VAL A 16 -3.00 2.43 3.11
C VAL A 16 -2.16 1.87 1.94
N VAL A 17 -2.78 1.70 0.78
CA VAL A 17 -2.19 0.99 -0.37
C VAL A 17 -2.22 1.84 -1.64
N PHE A 18 -1.22 1.65 -2.50
CA PHE A 18 -1.13 2.28 -3.83
C PHE A 18 -1.03 1.17 -4.89
N SER A 19 -2.10 1.03 -5.69
CA SER A 19 -2.32 -0.04 -6.67
C SER A 19 -2.65 0.54 -8.06
N TRP A 20 -2.64 -0.30 -9.09
CA TRP A 20 -3.26 -0.03 -10.40
C TRP A 20 -4.40 -1.04 -10.61
N VAL A 21 -5.60 -0.58 -11.02
CA VAL A 21 -6.79 -1.46 -11.19
C VAL A 21 -6.53 -2.64 -12.15
N THR A 22 -5.62 -2.41 -13.11
CA THR A 22 -5.25 -3.31 -14.20
C THR A 22 -4.17 -4.36 -13.85
N CYS A 23 -3.49 -4.25 -12.71
CA CYS A 23 -2.32 -5.09 -12.43
C CYS A 23 -2.72 -6.40 -11.71
N PRO A 24 -2.10 -7.56 -12.01
CA PRO A 24 -2.47 -8.79 -11.32
C PRO A 24 -2.04 -8.81 -9.86
N TYR A 25 -0.86 -8.27 -9.54
CA TYR A 25 -0.28 -8.16 -8.19
C TYR A 25 -1.10 -7.30 -7.23
N CYS A 26 -1.78 -6.30 -7.78
CA CYS A 26 -2.72 -5.42 -7.10
C CYS A 26 -3.87 -6.26 -6.54
N VAL A 27 -4.64 -6.92 -7.41
CA VAL A 27 -5.81 -7.75 -7.01
C VAL A 27 -5.38 -8.88 -6.08
N ARG A 28 -4.21 -9.47 -6.33
CA ARG A 28 -3.52 -10.44 -5.49
C ARG A 28 -3.22 -9.94 -4.06
N ALA A 29 -2.97 -8.65 -3.85
CA ALA A 29 -2.90 -8.04 -2.52
C ALA A 29 -4.28 -7.59 -1.99
N GLU A 30 -5.06 -6.83 -2.77
CA GLU A 30 -6.41 -6.35 -2.41
C GLU A 30 -7.32 -7.46 -1.88
N LYS A 31 -7.19 -8.67 -2.45
CA LYS A 31 -7.96 -9.84 -2.03
C LYS A 31 -7.58 -10.32 -0.63
N LEU A 32 -6.28 -10.41 -0.36
CA LEU A 32 -5.72 -10.91 0.90
C LEU A 32 -5.83 -9.87 2.02
N LEU A 33 -5.70 -8.59 1.70
CA LEU A 33 -5.91 -7.49 2.64
C LEU A 33 -7.35 -7.46 3.15
N HIS A 34 -8.34 -7.55 2.25
CA HIS A 34 -9.74 -7.68 2.65
C HIS A 34 -10.03 -9.01 3.38
N ALA A 35 -9.23 -10.05 3.19
CA ALA A 35 -9.38 -11.30 3.97
C ALA A 35 -8.81 -11.16 5.40
N ARG A 36 -7.80 -10.31 5.62
CA ARG A 36 -7.12 -10.09 6.91
C ARG A 36 -7.63 -8.91 7.73
N THR A 37 -8.34 -7.94 7.12
CA THR A 37 -8.84 -6.73 7.82
C THR A 37 -9.95 -5.99 7.06
N LYS A 38 -10.52 -4.97 7.71
CA LYS A 38 -11.55 -4.08 7.14
C LYS A 38 -11.08 -2.63 6.99
N ASP A 39 -10.18 -2.17 7.85
CA ASP A 39 -9.65 -0.80 7.83
C ASP A 39 -8.47 -0.62 6.84
N ILE A 40 -8.62 -1.19 5.64
CA ILE A 40 -7.72 -1.06 4.49
C ILE A 40 -8.28 -0.07 3.47
N THR A 41 -7.53 1.01 3.24
CA THR A 41 -7.78 2.01 2.19
C THR A 41 -6.77 1.85 1.06
N VAL A 42 -7.20 2.02 -0.19
CA VAL A 42 -6.35 2.02 -1.38
C VAL A 42 -6.61 3.22 -2.29
N HIS A 43 -5.55 3.70 -2.93
CA HIS A 43 -5.55 4.73 -3.95
C HIS A 43 -5.11 4.10 -5.28
N TYR A 44 -5.97 4.15 -6.29
CA TYR A 44 -5.68 3.61 -7.63
C TYR A 44 -4.99 4.66 -8.47
N VAL A 45 -3.65 4.68 -8.43
CA VAL A 45 -2.82 5.73 -9.04
C VAL A 45 -2.77 5.65 -10.57
N ASP A 46 -3.47 4.68 -11.19
CA ASP A 46 -3.73 4.64 -12.64
C ASP A 46 -5.01 5.37 -13.03
N LYS A 47 -5.86 5.73 -12.06
CA LYS A 47 -7.13 6.44 -12.22
C LYS A 47 -7.05 7.95 -11.94
N MET A 48 -6.10 8.39 -11.11
CA MET A 48 -5.88 9.81 -10.76
C MET A 48 -4.74 10.44 -11.59
N SER A 49 -4.94 11.68 -12.07
CA SER A 49 -3.91 12.43 -12.83
C SER A 49 -2.65 12.75 -12.00
N GLU A 50 -2.76 12.87 -10.68
CA GLU A 50 -1.62 13.09 -9.77
C GLU A 50 -0.81 11.82 -9.47
N GLY A 51 -1.21 10.66 -10.03
CA GLY A 51 -0.64 9.35 -9.76
C GLY A 51 0.88 9.25 -9.91
N GLU A 52 1.47 10.03 -10.81
CA GLU A 52 2.92 10.01 -11.08
C GLU A 52 3.73 10.88 -10.10
N GLN A 53 3.07 11.78 -9.37
CA GLN A 53 3.67 12.49 -8.23
C GLN A 53 3.61 11.60 -6.98
N LEU A 54 2.51 10.87 -6.80
CA LEU A 54 2.39 9.85 -5.74
C LEU A 54 3.44 8.73 -5.95
N ARG A 55 3.59 8.22 -7.18
CA ARG A 55 4.68 7.30 -7.57
C ARG A 55 6.08 7.91 -7.39
N GLY A 56 6.22 9.22 -7.57
CA GLY A 56 7.47 9.95 -7.32
C GLY A 56 7.88 9.93 -5.85
N GLU A 57 6.93 10.19 -4.93
CA GLU A 57 7.19 10.10 -3.49
C GLU A 57 7.63 8.69 -3.06
N ILE A 58 6.98 7.65 -3.59
CA ILE A 58 7.30 6.24 -3.27
C ILE A 58 8.68 5.86 -3.80
N TYR A 59 9.03 6.29 -5.01
CA TYR A 59 10.34 5.95 -5.59
C TYR A 59 11.50 6.71 -4.92
N GLN A 60 11.35 8.01 -4.60
CA GLN A 60 12.42 8.77 -3.93
C GLN A 60 12.73 8.22 -2.54
N ALA A 61 11.73 7.77 -1.79
CA ALA A 61 11.94 7.19 -0.45
C ALA A 61 12.33 5.71 -0.49
N TYR A 62 11.64 4.87 -1.26
CA TYR A 62 11.70 3.41 -1.14
C TYR A 62 12.20 2.69 -2.41
N LYS A 63 12.42 3.44 -3.51
CA LYS A 63 12.82 2.93 -4.82
C LYS A 63 11.93 1.76 -5.29
N HIS A 64 10.62 2.01 -5.30
CA HIS A 64 9.57 1.12 -5.82
C HIS A 64 8.62 1.91 -6.73
N GLU A 65 8.26 1.33 -7.88
CA GLU A 65 7.60 2.03 -8.98
C GLU A 65 6.53 1.18 -9.67
N THR A 66 6.76 -0.13 -9.75
CA THR A 66 5.74 -1.17 -9.90
C THR A 66 4.80 -1.22 -8.69
N VAL A 67 3.65 -1.90 -8.81
CA VAL A 67 2.58 -1.95 -7.80
C VAL A 67 2.26 -3.38 -7.34
N PRO A 68 1.64 -3.58 -6.16
CA PRO A 68 1.28 -2.58 -5.15
C PRO A 68 2.43 -2.19 -4.23
N ALA A 69 2.35 -0.95 -3.72
CA ALA A 69 3.11 -0.46 -2.56
C ALA A 69 2.16 -0.35 -1.36
N ILE A 70 2.61 -0.78 -0.17
CA ILE A 70 1.73 -1.06 0.98
C ILE A 70 2.29 -0.40 2.24
N PHE A 71 1.40 0.11 3.09
CA PHE A 71 1.75 0.72 4.38
C PHE A 71 0.78 0.27 5.48
N ILE A 72 1.28 0.01 6.69
CA ILE A 72 0.52 -0.42 7.87
C ILE A 72 0.86 0.50 9.06
N ASN A 73 -0.14 1.18 9.65
CA ASN A 73 0.01 2.10 10.77
C ASN A 73 1.19 3.11 10.63
N GLY A 74 1.38 3.66 9.43
CA GLY A 74 2.48 4.59 9.08
C GLY A 74 3.80 3.92 8.63
N ASN A 75 3.92 2.59 8.67
CA ASN A 75 5.15 1.85 8.33
C ASN A 75 5.07 1.24 6.93
N PHE A 76 6.14 1.36 6.13
CA PHE A 76 6.20 0.79 4.78
C PHE A 76 6.38 -0.74 4.79
N ILE A 77 5.76 -1.42 3.82
CA ILE A 77 5.80 -2.86 3.57
C ILE A 77 6.31 -3.08 2.15
N GLY A 78 7.36 -3.91 1.99
CA GLY A 78 8.18 -3.97 0.77
C GLY A 78 7.51 -4.44 -0.53
N GLY A 79 6.27 -4.89 -0.44
CA GLY A 79 5.42 -5.32 -1.57
C GLY A 79 4.51 -6.49 -1.20
N CYS A 80 3.83 -7.06 -2.20
CA CYS A 80 3.02 -8.27 -2.03
C CYS A 80 3.85 -9.49 -1.58
N SER A 81 5.12 -9.59 -2.00
CA SER A 81 5.98 -10.70 -1.59
C SER A 81 6.32 -10.66 -0.09
N ASP A 82 6.58 -9.46 0.46
CA ASP A 82 6.73 -9.24 1.91
C ASP A 82 5.43 -9.44 2.69
N LEU A 83 4.29 -9.05 2.11
CA LEU A 83 2.95 -9.20 2.68
C LEU A 83 2.59 -10.69 2.84
N GLU A 84 2.75 -11.48 1.78
CA GLU A 84 2.51 -12.93 1.82
C GLU A 84 3.52 -13.62 2.77
N ALA A 85 4.78 -13.17 2.81
CA ALA A 85 5.77 -13.69 3.75
C ALA A 85 5.40 -13.45 5.22
N LEU A 86 4.75 -12.31 5.53
CA LEU A 86 4.19 -12.02 6.87
C LEU A 86 2.96 -12.87 7.21
N ASP A 87 2.22 -13.37 6.21
CA ASP A 87 1.12 -14.33 6.42
C ASP A 87 1.64 -15.76 6.69
N LYS A 88 2.75 -16.14 6.05
CA LYS A 88 3.50 -17.37 6.35
C LYS A 88 4.21 -17.31 7.72
N GLU A 89 4.59 -16.12 8.17
CA GLU A 89 5.06 -15.86 9.54
C GLU A 89 3.95 -15.67 10.59
N GLY A 90 2.66 -15.68 10.21
CA GLY A 90 1.55 -15.52 11.16
C GLY A 90 1.46 -14.12 11.80
N LYS A 91 2.16 -13.14 11.23
CA LYS A 91 2.37 -11.79 11.76
C LYS A 91 1.46 -10.77 11.10
N LEU A 92 1.08 -10.97 9.83
CA LEU A 92 0.15 -10.07 9.13
C LEU A 92 -1.20 -9.95 9.87
N ASP A 93 -1.72 -11.06 10.41
CA ASP A 93 -2.93 -11.07 11.23
C ASP A 93 -2.82 -10.11 12.44
N GLY A 94 -1.72 -10.18 13.20
CA GLY A 94 -1.51 -9.39 14.41
C GLY A 94 -1.13 -7.93 14.14
N LEU A 95 -0.32 -7.67 13.10
CA LEU A 95 -0.03 -6.33 12.58
C LEU A 95 -1.31 -5.61 12.12
N LEU A 96 -2.35 -6.36 11.74
CA LEU A 96 -3.66 -5.85 11.34
C LEU A 96 -4.75 -6.01 12.40
N SER A 97 -4.39 -6.27 13.67
CA SER A 97 -5.31 -6.30 14.82
C SER A 97 -5.35 -4.97 15.57
N GLY A 1 5.20 16.46 9.17
CA GLY A 1 4.93 17.91 9.12
C GLY A 1 5.50 18.53 7.86
N ALA A 2 4.88 19.62 7.39
CA ALA A 2 5.22 20.34 6.15
C ALA A 2 5.38 19.44 4.90
N MET A 3 4.49 18.45 4.73
CA MET A 3 4.46 17.51 3.60
C MET A 3 3.05 17.40 2.99
N PRO A 4 2.66 18.28 2.06
CA PRO A 4 1.35 18.25 1.42
C PRO A 4 1.29 17.24 0.26
N SER A 5 1.55 15.96 0.58
CA SER A 5 1.39 14.78 -0.30
C SER A 5 1.08 13.52 0.53
N ILE A 6 1.31 12.33 -0.02
CA ILE A 6 0.75 11.05 0.43
C ILE A 6 1.02 10.70 1.90
N ALA A 7 2.10 11.23 2.47
CA ALA A 7 2.53 11.01 3.85
C ALA A 7 1.44 11.35 4.88
N SER A 8 0.58 12.33 4.57
CA SER A 8 -0.60 12.71 5.36
C SER A 8 -1.72 11.67 5.28
N MET A 9 -1.89 11.01 4.13
CA MET A 9 -2.91 9.96 3.91
C MET A 9 -2.62 8.69 4.72
N ILE A 10 -1.34 8.34 4.91
CA ILE A 10 -0.90 7.11 5.60
C ILE A 10 -1.42 7.05 7.04
N LYS A 11 -1.65 8.23 7.65
CA LYS A 11 -2.17 8.41 9.01
C LYS A 11 -3.70 8.32 9.13
N GLY A 12 -4.43 8.25 8.01
CA GLY A 12 -5.89 8.25 7.98
C GLY A 12 -6.55 6.89 8.27
N ASN A 13 -5.78 5.80 8.16
CA ASN A 13 -6.19 4.40 8.34
C ASN A 13 -5.02 3.56 8.86
N LYS A 14 -5.31 2.36 9.37
CA LYS A 14 -4.30 1.38 9.78
C LYS A 14 -3.46 0.87 8.61
N VAL A 15 -4.11 0.47 7.51
CA VAL A 15 -3.45 0.03 6.27
C VAL A 15 -3.76 0.98 5.11
N VAL A 16 -2.73 1.42 4.40
CA VAL A 16 -2.82 2.32 3.23
C VAL A 16 -1.95 1.79 2.10
N VAL A 17 -2.48 1.70 0.88
CA VAL A 17 -1.83 1.02 -0.25
C VAL A 17 -1.89 1.86 -1.54
N PHE A 18 -0.95 1.67 -2.47
CA PHE A 18 -0.92 2.32 -3.79
C PHE A 18 -0.72 1.28 -4.90
N SER A 19 -1.66 1.21 -5.85
CA SER A 19 -1.85 0.06 -6.75
C SER A 19 -2.22 0.47 -8.19
N TRP A 20 -2.25 -0.50 -9.11
CA TRP A 20 -2.80 -0.36 -10.47
C TRP A 20 -3.93 -1.37 -10.69
N VAL A 21 -5.11 -0.93 -11.16
CA VAL A 21 -6.23 -1.84 -11.49
C VAL A 21 -5.86 -2.82 -12.63
N THR A 22 -4.89 -2.46 -13.46
CA THR A 22 -4.44 -3.21 -14.66
C THR A 22 -3.66 -4.49 -14.40
N CYS A 23 -3.19 -4.74 -13.16
CA CYS A 23 -2.14 -5.71 -12.85
C CYS A 23 -2.49 -6.81 -11.82
N PRO A 24 -1.92 -8.03 -11.90
CA PRO A 24 -2.42 -9.19 -11.14
C PRO A 24 -2.08 -9.16 -9.65
N TYR A 25 -0.90 -8.66 -9.29
CA TYR A 25 -0.46 -8.41 -7.90
C TYR A 25 -1.46 -7.58 -7.12
N CYS A 26 -1.98 -6.59 -7.83
CA CYS A 26 -2.73 -5.49 -7.31
C CYS A 26 -4.23 -5.83 -7.20
N VAL A 27 -4.62 -6.93 -7.83
CA VAL A 27 -5.81 -7.72 -7.47
C VAL A 27 -5.54 -8.59 -6.24
N ARG A 28 -4.48 -9.42 -6.26
CA ARG A 28 -4.29 -10.50 -5.27
C ARG A 28 -3.89 -10.04 -3.87
N ALA A 29 -3.23 -8.90 -3.72
CA ALA A 29 -2.92 -8.34 -2.41
C ALA A 29 -4.17 -7.68 -1.84
N GLU A 30 -4.82 -6.81 -2.61
CA GLU A 30 -5.99 -6.04 -2.18
C GLU A 30 -7.16 -6.94 -1.78
N LYS A 31 -7.31 -8.06 -2.49
CA LYS A 31 -8.27 -9.09 -2.16
C LYS A 31 -8.01 -9.71 -0.78
N LEU A 32 -6.75 -10.06 -0.50
CA LEU A 32 -6.30 -10.68 0.75
C LEU A 32 -6.37 -9.71 1.93
N LEU A 33 -6.05 -8.43 1.71
CA LEU A 33 -6.20 -7.38 2.71
C LEU A 33 -7.68 -7.20 3.09
N HIS A 34 -8.59 -7.12 2.12
CA HIS A 34 -10.03 -7.10 2.37
C HIS A 34 -10.53 -8.42 3.00
N ALA A 35 -9.91 -9.57 2.70
CA ALA A 35 -10.27 -10.82 3.37
C ALA A 35 -9.90 -10.81 4.88
N ARG A 36 -8.88 -10.02 5.24
CA ARG A 36 -8.29 -9.96 6.59
C ARG A 36 -8.86 -8.86 7.49
N THR A 37 -9.20 -7.70 6.92
CA THR A 37 -9.62 -6.50 7.67
C THR A 37 -10.55 -5.57 6.87
N LYS A 38 -11.31 -4.75 7.61
CA LYS A 38 -12.00 -3.56 7.08
C LYS A 38 -11.16 -2.29 7.21
N ASP A 39 -10.04 -2.32 7.94
CA ASP A 39 -9.21 -1.16 8.25
C ASP A 39 -8.19 -0.81 7.14
N ILE A 40 -8.59 -0.92 5.86
CA ILE A 40 -7.73 -0.83 4.67
C ILE A 40 -8.23 0.15 3.60
N THR A 41 -7.33 1.00 3.13
CA THR A 41 -7.52 1.98 2.05
C THR A 41 -6.46 1.76 0.96
N VAL A 42 -6.84 1.88 -0.31
CA VAL A 42 -5.94 1.73 -1.46
C VAL A 42 -6.23 2.75 -2.57
N HIS A 43 -5.21 3.51 -2.97
CA HIS A 43 -5.30 4.44 -4.09
C HIS A 43 -4.82 3.79 -5.39
N TYR A 44 -5.65 3.84 -6.42
CA TYR A 44 -5.32 3.30 -7.74
C TYR A 44 -4.65 4.38 -8.58
N VAL A 45 -3.32 4.37 -8.61
CA VAL A 45 -2.53 5.41 -9.28
C VAL A 45 -2.55 5.29 -10.80
N ASP A 46 -3.04 4.17 -11.36
CA ASP A 46 -3.23 3.96 -12.81
C ASP A 46 -4.36 4.82 -13.41
N LYS A 47 -5.19 5.37 -12.53
CA LYS A 47 -6.30 6.29 -12.81
C LYS A 47 -5.83 7.75 -12.95
N MET A 48 -4.64 8.04 -12.43
CA MET A 48 -3.78 9.19 -12.73
C MET A 48 -4.36 10.60 -12.48
N SER A 49 -5.42 10.75 -11.68
CA SER A 49 -5.89 12.09 -11.25
C SER A 49 -4.81 12.82 -10.43
N GLU A 50 -4.12 12.09 -9.55
CA GLU A 50 -2.88 12.53 -8.87
C GLU A 50 -1.82 11.41 -8.79
N GLY A 51 -2.14 10.23 -9.33
CA GLY A 51 -1.33 9.02 -9.26
C GLY A 51 0.15 9.15 -9.60
N GLU A 52 0.55 10.04 -10.51
CA GLU A 52 1.93 10.24 -10.90
C GLU A 52 2.72 10.89 -9.76
N GLN A 53 2.12 11.84 -9.02
CA GLN A 53 2.77 12.51 -7.90
C GLN A 53 2.83 11.60 -6.65
N LEU A 54 1.86 10.70 -6.47
CA LEU A 54 1.89 9.68 -5.41
C LEU A 54 2.97 8.62 -5.71
N ARG A 55 3.05 8.10 -6.94
CA ARG A 55 4.11 7.23 -7.46
C ARG A 55 5.49 7.88 -7.33
N GLY A 56 5.58 9.19 -7.57
CA GLY A 56 6.81 9.97 -7.40
C GLY A 56 7.25 10.09 -5.94
N GLU A 57 6.32 10.30 -4.98
CA GLU A 57 6.65 10.30 -3.55
C GLU A 57 7.27 8.98 -3.10
N ILE A 58 6.72 7.84 -3.55
CA ILE A 58 7.20 6.50 -3.20
C ILE A 58 8.62 6.28 -3.74
N TYR A 59 8.88 6.65 -5.00
CA TYR A 59 10.23 6.52 -5.55
C TYR A 59 11.23 7.49 -4.86
N GLN A 60 10.82 8.73 -4.59
CA GLN A 60 11.67 9.71 -3.90
C GLN A 60 11.98 9.33 -2.44
N ALA A 61 11.13 8.54 -1.77
CA ALA A 61 11.35 8.09 -0.39
C ALA A 61 12.08 6.73 -0.29
N TYR A 62 11.75 5.77 -1.16
CA TYR A 62 12.16 4.37 -1.05
C TYR A 62 12.81 3.79 -2.32
N LYS A 63 12.99 4.60 -3.38
CA LYS A 63 13.55 4.22 -4.71
C LYS A 63 12.91 2.95 -5.29
N HIS A 64 11.58 2.87 -5.17
CA HIS A 64 10.75 1.74 -5.59
C HIS A 64 9.56 2.19 -6.41
N GLU A 65 9.22 1.42 -7.43
CA GLU A 65 8.33 1.82 -8.53
C GLU A 65 7.40 0.70 -9.02
N THR A 66 7.68 -0.56 -8.64
CA THR A 66 6.78 -1.71 -8.78
C THR A 66 5.59 -1.61 -7.80
N VAL A 67 4.44 -2.16 -8.19
CA VAL A 67 3.16 -2.09 -7.46
C VAL A 67 2.59 -3.49 -7.12
N PRO A 68 1.79 -3.63 -6.05
CA PRO A 68 1.41 -2.59 -5.10
C PRO A 68 2.55 -2.19 -4.14
N ALA A 69 2.48 -0.96 -3.64
CA ALA A 69 3.28 -0.45 -2.54
C ALA A 69 2.38 -0.32 -1.30
N ILE A 70 2.81 -0.86 -0.16
CA ILE A 70 1.93 -1.14 0.99
C ILE A 70 2.48 -0.45 2.25
N PHE A 71 1.60 0.07 3.09
CA PHE A 71 1.97 0.73 4.35
C PHE A 71 1.07 0.30 5.51
N ILE A 72 1.67 0.09 6.70
CA ILE A 72 0.97 -0.32 7.93
C ILE A 72 1.42 0.59 9.10
N ASN A 73 0.48 1.36 9.66
CA ASN A 73 0.72 2.39 10.69
C ASN A 73 1.93 3.30 10.41
N GLY A 74 2.13 3.69 9.14
CA GLY A 74 3.29 4.50 8.70
C GLY A 74 4.61 3.75 8.49
N ASN A 75 4.62 2.41 8.46
CA ASN A 75 5.78 1.58 8.11
C ASN A 75 5.65 1.02 6.69
N PHE A 76 6.73 1.02 5.90
CA PHE A 76 6.72 0.57 4.49
C PHE A 76 6.91 -0.95 4.33
N ILE A 77 6.05 -1.56 3.53
CA ILE A 77 5.98 -2.99 3.18
C ILE A 77 6.22 -3.13 1.66
N GLY A 78 7.21 -3.96 1.28
CA GLY A 78 7.76 -3.96 -0.09
C GLY A 78 6.86 -4.47 -1.22
N GLY A 79 5.76 -5.17 -0.90
CA GLY A 79 4.83 -5.69 -1.90
C GLY A 79 4.12 -6.99 -1.53
N CYS A 80 3.52 -7.63 -2.53
CA CYS A 80 2.71 -8.84 -2.36
C CYS A 80 3.53 -10.04 -1.88
N SER A 81 4.78 -10.20 -2.34
CA SER A 81 5.66 -11.31 -1.92
C SER A 81 6.24 -11.15 -0.51
N ASP A 82 6.18 -9.94 0.08
CA ASP A 82 6.42 -9.70 1.51
C ASP A 82 5.13 -9.88 2.32
N LEU A 83 3.99 -9.37 1.84
CA LEU A 83 2.68 -9.52 2.48
C LEU A 83 2.27 -11.00 2.63
N GLU A 84 2.39 -11.79 1.56
CA GLU A 84 2.07 -13.23 1.56
C GLU A 84 3.12 -14.08 2.29
N ALA A 85 4.28 -13.52 2.63
CA ALA A 85 5.21 -14.07 3.62
C ALA A 85 4.75 -13.78 5.06
N LEU A 86 4.37 -12.52 5.35
CA LEU A 86 3.83 -12.11 6.66
C LEU A 86 2.52 -12.85 7.02
N ASP A 87 1.72 -13.26 6.02
CA ASP A 87 0.58 -14.16 6.20
C ASP A 87 1.00 -15.55 6.68
N LYS A 88 1.94 -16.20 5.98
CA LYS A 88 2.37 -17.59 6.24
C LYS A 88 3.17 -17.74 7.53
N GLU A 89 3.92 -16.69 7.92
CA GLU A 89 4.57 -16.59 9.23
C GLU A 89 3.62 -16.08 10.35
N GLY A 90 2.36 -15.77 10.04
CA GLY A 90 1.33 -15.38 11.01
C GLY A 90 1.46 -13.98 11.62
N LYS A 91 2.40 -13.16 11.11
CA LYS A 91 2.82 -11.86 11.61
C LYS A 91 1.88 -10.73 11.17
N LEU A 92 1.24 -10.88 10.00
CA LEU A 92 0.24 -9.95 9.48
C LEU A 92 -0.88 -9.68 10.49
N ASP A 93 -1.26 -10.69 11.27
CA ASP A 93 -2.31 -10.55 12.28
C ASP A 93 -1.85 -9.76 13.52
N GLY A 94 -0.59 -9.91 13.95
CA GLY A 94 0.02 -9.06 14.99
C GLY A 94 0.23 -7.61 14.55
N LEU A 95 0.45 -7.39 13.25
CA LEU A 95 0.53 -6.06 12.63
C LEU A 95 -0.84 -5.39 12.48
N LEU A 96 -1.92 -6.18 12.44
CA LEU A 96 -3.33 -5.72 12.40
C LEU A 96 -4.03 -5.67 13.78
N SER A 97 -3.35 -6.08 14.86
CA SER A 97 -3.89 -6.18 16.24
C SER A 97 -3.95 -4.86 16.99
N GLY A 1 6.20 23.87 3.58
CA GLY A 1 5.03 23.96 4.47
C GLY A 1 4.70 22.61 5.06
N ALA A 2 4.03 22.59 6.22
CA ALA A 2 3.70 21.37 6.97
C ALA A 2 2.42 20.63 6.49
N MET A 3 2.06 20.77 5.21
CA MET A 3 0.94 20.06 4.57
C MET A 3 1.49 19.24 3.37
N PRO A 4 1.98 18.01 3.61
CA PRO A 4 2.86 17.29 2.69
C PRO A 4 2.13 16.58 1.53
N SER A 5 2.89 15.78 0.77
CA SER A 5 2.41 14.80 -0.22
C SER A 5 1.94 13.50 0.46
N ILE A 6 2.01 12.33 -0.21
CA ILE A 6 1.26 11.10 0.15
C ILE A 6 1.48 10.58 1.58
N ALA A 7 2.56 10.98 2.22
CA ALA A 7 2.89 10.67 3.61
C ALA A 7 1.73 10.94 4.58
N SER A 8 0.86 11.92 4.29
CA SER A 8 -0.36 12.20 5.05
C SER A 8 -1.44 11.12 4.87
N MET A 9 -1.57 10.58 3.65
CA MET A 9 -2.61 9.60 3.25
C MET A 9 -2.43 8.28 3.98
N ILE A 10 -1.18 7.90 4.27
CA ILE A 10 -0.84 6.68 5.03
C ILE A 10 -1.50 6.69 6.41
N LYS A 11 -1.66 7.86 7.02
CA LYS A 11 -2.15 8.04 8.40
C LYS A 11 -3.69 7.97 8.50
N GLY A 12 -4.40 7.96 7.38
CA GLY A 12 -5.86 8.05 7.33
C GLY A 12 -6.61 6.77 7.71
N ASN A 13 -5.99 5.58 7.53
CA ASN A 13 -6.55 4.26 7.85
C ASN A 13 -5.46 3.27 8.33
N LYS A 14 -5.89 2.15 8.92
CA LYS A 14 -5.00 1.08 9.40
C LYS A 14 -4.19 0.43 8.28
N VAL A 15 -4.81 0.21 7.10
CA VAL A 15 -4.14 -0.32 5.89
C VAL A 15 -4.34 0.62 4.70
N VAL A 16 -3.24 0.96 4.02
CA VAL A 16 -3.24 1.88 2.85
C VAL A 16 -2.41 1.28 1.71
N VAL A 17 -2.96 1.24 0.49
CA VAL A 17 -2.31 0.65 -0.70
C VAL A 17 -2.32 1.61 -1.90
N PHE A 18 -1.28 1.54 -2.74
CA PHE A 18 -1.20 2.23 -4.03
C PHE A 18 -1.07 1.19 -5.16
N SER A 19 -1.99 1.23 -6.13
CA SER A 19 -2.25 0.19 -7.15
C SER A 19 -2.54 0.77 -8.54
N TRP A 20 -2.74 -0.11 -9.51
CA TRP A 20 -3.43 0.13 -10.79
C TRP A 20 -4.57 -0.90 -10.89
N VAL A 21 -5.77 -0.48 -11.34
CA VAL A 21 -7.05 -1.23 -11.21
C VAL A 21 -6.99 -2.67 -11.78
N THR A 22 -6.18 -2.85 -12.82
CA THR A 22 -6.18 -4.04 -13.68
C THR A 22 -5.03 -5.01 -13.46
N CYS A 23 -4.09 -4.63 -12.59
CA CYS A 23 -2.80 -5.32 -12.53
C CYS A 23 -2.84 -6.48 -11.54
N PRO A 24 -2.19 -7.61 -11.83
CA PRO A 24 -2.54 -8.85 -11.15
C PRO A 24 -2.10 -8.84 -9.68
N TYR A 25 -0.94 -8.24 -9.43
CA TYR A 25 -0.32 -7.99 -8.13
C TYR A 25 -1.16 -7.13 -7.19
N CYS A 26 -1.84 -6.12 -7.74
CA CYS A 26 -2.79 -5.30 -6.99
C CYS A 26 -3.89 -6.22 -6.44
N VAL A 27 -4.46 -7.08 -7.30
CA VAL A 27 -5.53 -8.02 -6.93
C VAL A 27 -5.03 -9.04 -5.90
N ARG A 28 -3.80 -9.56 -6.05
CA ARG A 28 -3.20 -10.48 -5.07
C ARG A 28 -3.16 -9.87 -3.66
N ALA A 29 -2.74 -8.61 -3.56
CA ALA A 29 -2.70 -7.86 -2.31
C ALA A 29 -4.11 -7.51 -1.81
N GLU A 30 -4.92 -6.85 -2.64
CA GLU A 30 -6.31 -6.44 -2.39
C GLU A 30 -7.11 -7.56 -1.71
N LYS A 31 -7.01 -8.76 -2.26
CA LYS A 31 -7.81 -9.92 -1.88
C LYS A 31 -7.40 -10.59 -0.57
N LEU A 32 -6.14 -10.47 -0.21
CA LEU A 32 -5.66 -10.94 1.09
C LEU A 32 -6.01 -9.94 2.20
N LEU A 33 -5.90 -8.66 1.86
CA LEU A 33 -6.09 -7.52 2.77
C LEU A 33 -7.53 -7.38 3.23
N HIS A 34 -8.45 -7.20 2.28
CA HIS A 34 -9.88 -7.12 2.55
C HIS A 34 -10.33 -8.33 3.36
N ALA A 35 -9.63 -9.46 3.20
CA ALA A 35 -10.08 -10.69 3.79
C ALA A 35 -9.59 -10.84 5.25
N ARG A 36 -8.62 -10.00 5.67
CA ARG A 36 -8.02 -9.96 7.02
C ARG A 36 -8.52 -8.76 7.84
N THR A 37 -8.64 -7.60 7.20
CA THR A 37 -8.99 -6.31 7.82
C THR A 37 -9.89 -5.49 6.89
N LYS A 38 -11.03 -5.03 7.42
CA LYS A 38 -12.01 -4.18 6.73
C LYS A 38 -11.57 -2.73 6.62
N ASP A 39 -10.68 -2.27 7.50
CA ASP A 39 -10.08 -0.93 7.45
C ASP A 39 -8.93 -0.79 6.43
N ILE A 40 -9.22 -1.14 5.18
CA ILE A 40 -8.36 -0.96 4.00
C ILE A 40 -8.82 0.24 3.15
N THR A 41 -7.86 1.02 2.66
CA THR A 41 -8.00 2.06 1.64
C THR A 41 -6.97 1.82 0.53
N VAL A 42 -7.39 1.86 -0.74
CA VAL A 42 -6.48 1.82 -1.89
C VAL A 42 -6.72 2.96 -2.88
N HIS A 43 -5.60 3.50 -3.39
CA HIS A 43 -5.53 4.54 -4.40
C HIS A 43 -5.04 3.94 -5.73
N TYR A 44 -5.84 4.03 -6.78
CA TYR A 44 -5.49 3.52 -8.10
C TYR A 44 -4.81 4.61 -8.94
N VAL A 45 -3.48 4.69 -8.90
CA VAL A 45 -2.71 5.88 -9.33
C VAL A 45 -2.57 6.07 -10.85
N ASP A 46 -3.35 5.38 -11.67
CA ASP A 46 -3.58 5.77 -13.08
C ASP A 46 -4.94 6.49 -13.27
N LYS A 47 -5.89 6.31 -12.34
CA LYS A 47 -7.19 7.01 -12.34
C LYS A 47 -7.04 8.48 -11.98
N MET A 48 -6.11 8.80 -11.05
CA MET A 48 -6.03 10.11 -10.40
C MET A 48 -4.99 11.03 -11.06
N SER A 49 -5.32 12.32 -11.15
CA SER A 49 -4.56 13.36 -11.88
C SER A 49 -3.18 13.72 -11.28
N GLU A 50 -2.84 13.22 -10.09
CA GLU A 50 -1.54 13.39 -9.41
C GLU A 50 -0.75 12.06 -9.28
N GLY A 51 -1.22 10.99 -9.92
CA GLY A 51 -0.68 9.64 -9.78
C GLY A 51 0.82 9.48 -10.05
N GLU A 52 1.41 10.28 -10.95
CA GLU A 52 2.86 10.23 -11.20
C GLU A 52 3.67 10.86 -10.05
N GLN A 53 3.11 11.85 -9.35
CA GLN A 53 3.75 12.44 -8.17
C GLN A 53 3.55 11.58 -6.92
N LEU A 54 2.43 10.84 -6.81
CA LEU A 54 2.26 9.84 -5.75
C LEU A 54 3.23 8.65 -5.97
N ARG A 55 3.41 8.17 -7.22
CA ARG A 55 4.50 7.24 -7.58
C ARG A 55 5.88 7.80 -7.17
N GLY A 56 6.14 9.07 -7.45
CA GLY A 56 7.38 9.76 -7.10
C GLY A 56 7.67 9.79 -5.59
N GLU A 57 6.67 9.96 -4.73
CA GLU A 57 6.84 9.93 -3.27
C GLU A 57 7.21 8.53 -2.72
N ILE A 58 6.83 7.46 -3.43
CA ILE A 58 7.22 6.09 -3.09
C ILE A 58 8.68 5.85 -3.52
N TYR A 59 9.04 6.28 -4.73
CA TYR A 59 10.40 6.08 -5.23
C TYR A 59 11.46 6.88 -4.45
N GLN A 60 11.13 8.11 -4.04
CA GLN A 60 12.04 8.93 -3.22
C GLN A 60 12.43 8.22 -1.91
N ALA A 61 11.47 7.73 -1.13
CA ALA A 61 11.72 7.13 0.19
C ALA A 61 12.20 5.66 0.13
N TYR A 62 11.72 4.88 -0.86
CA TYR A 62 11.86 3.41 -0.86
C TYR A 62 12.55 2.84 -2.11
N LYS A 63 12.83 3.69 -3.12
CA LYS A 63 13.49 3.35 -4.41
C LYS A 63 12.85 2.13 -5.10
N HIS A 64 11.51 2.14 -5.17
CA HIS A 64 10.65 1.10 -5.72
C HIS A 64 9.53 1.75 -6.54
N GLU A 65 9.22 1.24 -7.74
CA GLU A 65 8.21 1.79 -8.65
C GLU A 65 7.09 0.80 -9.05
N THR A 66 7.35 -0.51 -8.94
CA THR A 66 6.38 -1.55 -9.32
C THR A 66 5.17 -1.60 -8.38
N VAL A 67 3.95 -1.71 -8.92
CA VAL A 67 2.72 -1.73 -8.11
C VAL A 67 2.32 -3.16 -7.68
N PRO A 68 1.68 -3.35 -6.51
CA PRO A 68 1.33 -2.34 -5.52
C PRO A 68 2.46 -1.98 -4.55
N ALA A 69 2.32 -0.82 -3.92
CA ALA A 69 3.01 -0.47 -2.67
C ALA A 69 2.02 -0.55 -1.50
N ILE A 70 2.48 -1.03 -0.32
CA ILE A 70 1.61 -1.44 0.79
C ILE A 70 2.11 -0.81 2.10
N PHE A 71 1.18 -0.36 2.95
CA PHE A 71 1.48 0.23 4.26
C PHE A 71 0.48 -0.21 5.34
N ILE A 72 0.95 -0.37 6.57
CA ILE A 72 0.14 -0.73 7.75
C ILE A 72 0.55 0.14 8.94
N ASN A 73 -0.38 0.86 9.58
CA ASN A 73 -0.11 1.77 10.72
C ASN A 73 1.09 2.73 10.48
N GLY A 74 1.29 3.25 9.27
CA GLY A 74 2.45 4.10 8.94
C GLY A 74 3.80 3.38 8.82
N ASN A 75 3.81 2.04 8.77
CA ASN A 75 4.97 1.20 8.45
C ASN A 75 4.92 0.79 6.96
N PHE A 76 6.07 0.68 6.29
CA PHE A 76 6.18 0.25 4.88
C PHE A 76 6.33 -1.28 4.75
N ILE A 77 5.68 -1.84 3.72
CA ILE A 77 5.63 -3.25 3.35
C ILE A 77 6.05 -3.38 1.86
N GLY A 78 7.08 -4.16 1.56
CA GLY A 78 7.78 -4.18 0.27
C GLY A 78 7.02 -4.63 -0.98
N GLY A 79 5.75 -5.04 -0.83
CA GLY A 79 4.82 -5.44 -1.89
C GLY A 79 4.02 -6.68 -1.52
N CYS A 80 3.34 -7.29 -2.50
CA CYS A 80 2.44 -8.43 -2.25
C CYS A 80 3.19 -9.68 -1.76
N SER A 81 4.42 -9.92 -2.23
CA SER A 81 5.20 -11.09 -1.79
C SER A 81 5.78 -10.89 -0.40
N ASP A 82 6.08 -9.66 0.02
CA ASP A 82 6.40 -9.34 1.42
C ASP A 82 5.17 -9.44 2.35
N LEU A 83 3.97 -9.06 1.88
CA LEU A 83 2.70 -9.28 2.59
C LEU A 83 2.44 -10.79 2.79
N GLU A 84 2.57 -11.58 1.73
CA GLU A 84 2.43 -13.05 1.77
C GLU A 84 3.59 -13.74 2.51
N ALA A 85 4.71 -13.05 2.79
CA ALA A 85 5.75 -13.53 3.69
C ALA A 85 5.39 -13.24 5.16
N LEU A 86 4.89 -12.05 5.49
CA LEU A 86 4.46 -11.70 6.86
C LEU A 86 3.24 -12.51 7.33
N ASP A 87 2.39 -12.94 6.40
CA ASP A 87 1.31 -13.92 6.61
C ASP A 87 1.85 -15.30 7.05
N LYS A 88 2.97 -15.73 6.48
CA LYS A 88 3.63 -17.02 6.75
C LYS A 88 4.54 -16.96 7.97
N GLU A 89 5.20 -15.82 8.21
CA GLU A 89 6.01 -15.57 9.40
C GLU A 89 5.17 -15.29 10.68
N GLY A 90 3.84 -15.29 10.59
CA GLY A 90 2.92 -15.23 11.74
C GLY A 90 2.80 -13.84 12.38
N LYS A 91 3.12 -12.79 11.62
CA LYS A 91 3.26 -11.40 12.07
C LYS A 91 2.21 -10.47 11.50
N LEU A 92 1.57 -10.84 10.38
CA LEU A 92 0.51 -10.03 9.75
C LEU A 92 -0.68 -9.84 10.70
N ASP A 93 -1.06 -10.88 11.44
CA ASP A 93 -2.14 -10.79 12.43
C ASP A 93 -1.79 -9.84 13.60
N GLY A 94 -0.56 -9.89 14.12
CA GLY A 94 -0.07 -8.98 15.16
C GLY A 94 0.16 -7.54 14.70
N LEU A 95 0.44 -7.33 13.41
CA LEU A 95 0.52 -5.99 12.79
C LEU A 95 -0.86 -5.33 12.67
N LEU A 96 -1.93 -6.11 12.47
CA LEU A 96 -3.29 -5.62 12.22
C LEU A 96 -4.20 -5.59 13.46
N SER A 97 -3.95 -6.46 14.45
CA SER A 97 -4.86 -6.66 15.60
C SER A 97 -4.80 -5.55 16.65
N GLY A 1 0.50 18.80 6.86
CA GLY A 1 1.72 19.48 6.38
C GLY A 1 1.53 20.19 5.06
N ALA A 2 2.27 21.29 4.85
CA ALA A 2 2.23 22.14 3.66
C ALA A 2 2.77 21.46 2.38
N MET A 3 2.28 21.87 1.21
CA MET A 3 2.60 21.30 -0.11
C MET A 3 2.41 19.76 -0.15
N PRO A 4 1.19 19.27 0.15
CA PRO A 4 0.90 17.86 0.43
C PRO A 4 0.95 16.92 -0.77
N SER A 5 0.94 15.62 -0.48
CA SER A 5 0.86 14.50 -1.43
C SER A 5 0.07 13.31 -0.84
N ILE A 6 0.32 12.08 -1.32
CA ILE A 6 -0.19 10.83 -0.73
C ILE A 6 0.17 10.66 0.75
N ALA A 7 1.20 11.38 1.23
CA ALA A 7 1.72 11.24 2.58
C ALA A 7 0.66 11.51 3.67
N SER A 8 -0.33 12.37 3.39
CA SER A 8 -1.47 12.61 4.29
C SER A 8 -2.42 11.42 4.42
N MET A 9 -2.48 10.53 3.43
CA MET A 9 -3.37 9.36 3.43
C MET A 9 -2.91 8.30 4.43
N ILE A 10 -1.59 8.14 4.61
CA ILE A 10 -1.00 7.10 5.47
C ILE A 10 -1.48 7.23 6.93
N LYS A 11 -1.76 8.45 7.39
CA LYS A 11 -2.23 8.76 8.74
C LYS A 11 -3.74 8.53 8.95
N GLY A 12 -4.49 8.25 7.88
CA GLY A 12 -5.95 8.15 7.92
C GLY A 12 -6.49 6.81 8.44
N ASN A 13 -5.82 5.69 8.14
CA ASN A 13 -6.31 4.33 8.43
C ASN A 13 -5.17 3.37 8.81
N LYS A 14 -5.51 2.22 9.40
CA LYS A 14 -4.55 1.19 9.85
C LYS A 14 -3.76 0.57 8.69
N VAL A 15 -4.42 0.26 7.58
CA VAL A 15 -3.77 -0.19 6.33
C VAL A 15 -4.08 0.77 5.19
N VAL A 16 -3.04 1.20 4.46
CA VAL A 16 -3.15 2.12 3.32
C VAL A 16 -2.32 1.58 2.14
N VAL A 17 -2.94 1.46 0.96
CA VAL A 17 -2.32 0.83 -0.23
C VAL A 17 -2.37 1.73 -1.46
N PHE A 18 -1.38 1.60 -2.35
CA PHE A 18 -1.29 2.29 -3.63
C PHE A 18 -1.17 1.28 -4.78
N SER A 19 -2.18 1.23 -5.64
CA SER A 19 -2.41 0.16 -6.64
C SER A 19 -2.77 0.72 -8.03
N TRP A 20 -2.85 -0.16 -9.02
CA TRP A 20 -3.47 0.11 -10.33
C TRP A 20 -4.59 -0.87 -10.60
N VAL A 21 -5.67 -0.41 -11.23
CA VAL A 21 -6.81 -1.28 -11.61
C VAL A 21 -6.39 -2.34 -12.65
N THR A 22 -5.34 -2.04 -13.43
CA THR A 22 -4.76 -2.93 -14.45
C THR A 22 -3.88 -4.07 -13.92
N CYS A 23 -3.39 -4.02 -12.67
CA CYS A 23 -2.30 -4.89 -12.25
C CYS A 23 -2.79 -6.17 -11.56
N PRO A 24 -2.20 -7.36 -11.80
CA PRO A 24 -2.58 -8.55 -11.05
C PRO A 24 -2.05 -8.53 -9.61
N TYR A 25 -0.85 -8.00 -9.41
CA TYR A 25 -0.21 -7.82 -8.09
C TYR A 25 -1.05 -7.01 -7.11
N CYS A 26 -1.73 -5.98 -7.63
CA CYS A 26 -2.71 -5.19 -6.89
C CYS A 26 -3.78 -6.11 -6.28
N VAL A 27 -4.38 -6.96 -7.12
CA VAL A 27 -5.47 -7.87 -6.70
C VAL A 27 -4.98 -8.92 -5.70
N ARG A 28 -3.75 -9.45 -5.87
CA ARG A 28 -3.14 -10.36 -4.89
C ARG A 28 -3.12 -9.78 -3.48
N ALA A 29 -2.78 -8.49 -3.38
CA ALA A 29 -2.85 -7.72 -2.13
C ALA A 29 -4.29 -7.42 -1.70
N GLU A 30 -5.12 -6.79 -2.55
CA GLU A 30 -6.51 -6.41 -2.22
C GLU A 30 -7.36 -7.59 -1.72
N LYS A 31 -7.13 -8.78 -2.25
CA LYS A 31 -7.88 -10.00 -1.90
C LYS A 31 -7.54 -10.52 -0.51
N LEU A 32 -6.26 -10.42 -0.16
CA LEU A 32 -5.68 -10.81 1.12
C LEU A 32 -6.04 -9.81 2.22
N LEU A 33 -5.91 -8.51 1.94
CA LEU A 33 -6.15 -7.44 2.90
C LEU A 33 -7.61 -7.37 3.36
N HIS A 34 -8.55 -7.60 2.44
CA HIS A 34 -9.96 -7.76 2.79
C HIS A 34 -10.29 -9.11 3.43
N ALA A 35 -9.47 -10.16 3.24
CA ALA A 35 -9.65 -11.43 3.96
C ALA A 35 -9.23 -11.32 5.44
N ARG A 36 -8.17 -10.55 5.72
CA ARG A 36 -7.67 -10.24 7.08
C ARG A 36 -8.56 -9.25 7.84
N THR A 37 -8.84 -8.12 7.21
CA THR A 37 -9.26 -6.87 7.88
C THR A 37 -10.36 -6.06 7.16
N LYS A 38 -10.92 -5.11 7.91
CA LYS A 38 -11.91 -4.08 7.49
C LYS A 38 -11.33 -2.68 7.46
N ASP A 39 -10.31 -2.39 8.28
CA ASP A 39 -9.66 -1.09 8.39
C ASP A 39 -8.56 -0.87 7.32
N ILE A 40 -8.86 -1.26 6.07
CA ILE A 40 -8.01 -1.14 4.88
C ILE A 40 -8.60 -0.15 3.86
N THR A 41 -7.74 0.79 3.43
CA THR A 41 -7.99 1.78 2.38
C THR A 41 -6.97 1.68 1.26
N VAL A 42 -7.40 1.87 0.01
CA VAL A 42 -6.54 1.83 -1.18
C VAL A 42 -6.82 2.97 -2.16
N HIS A 43 -5.73 3.56 -2.66
CA HIS A 43 -5.70 4.60 -3.67
C HIS A 43 -5.21 4.00 -5.01
N TYR A 44 -6.02 4.13 -6.05
CA TYR A 44 -5.70 3.64 -7.39
C TYR A 44 -5.02 4.75 -8.18
N VAL A 45 -3.69 4.85 -8.11
CA VAL A 45 -2.93 5.96 -8.75
C VAL A 45 -3.02 5.92 -10.28
N ASP A 46 -3.40 4.78 -10.86
CA ASP A 46 -3.84 4.64 -12.26
C ASP A 46 -5.03 5.58 -12.57
N LYS A 47 -6.00 5.66 -11.65
CA LYS A 47 -7.22 6.49 -11.71
C LYS A 47 -7.02 7.92 -11.19
N MET A 48 -5.79 8.31 -10.89
CA MET A 48 -5.41 9.64 -10.40
C MET A 48 -4.52 10.36 -11.45
N SER A 49 -4.88 11.60 -11.78
CA SER A 49 -4.32 12.40 -12.90
C SER A 49 -2.83 12.76 -12.76
N GLU A 50 -2.29 12.73 -11.55
CA GLU A 50 -0.90 13.04 -11.22
C GLU A 50 -0.12 11.81 -10.70
N GLY A 51 -0.71 10.60 -10.80
CA GLY A 51 -0.22 9.36 -10.17
C GLY A 51 1.24 8.98 -10.44
N GLU A 52 1.84 9.43 -11.53
CA GLU A 52 3.27 9.21 -11.82
C GLU A 52 4.20 10.01 -10.89
N GLN A 53 3.75 11.15 -10.35
CA GLN A 53 4.48 11.90 -9.32
C GLN A 53 4.27 11.31 -7.92
N LEU A 54 3.16 10.61 -7.68
CA LEU A 54 2.89 9.90 -6.42
C LEU A 54 3.62 8.55 -6.36
N ARG A 55 3.82 7.86 -7.49
CA ARG A 55 4.87 6.82 -7.64
C ARG A 55 6.24 7.39 -7.24
N GLY A 56 6.56 8.61 -7.68
CA GLY A 56 7.76 9.35 -7.28
C GLY A 56 7.88 9.64 -5.77
N GLU A 57 6.78 9.91 -5.05
CA GLU A 57 6.81 10.13 -3.58
C GLU A 57 7.27 8.89 -2.80
N ILE A 58 6.95 7.70 -3.34
CA ILE A 58 7.36 6.40 -2.82
C ILE A 58 8.80 6.09 -3.25
N TYR A 59 9.15 6.32 -4.51
CA TYR A 59 10.50 6.04 -5.01
C TYR A 59 11.57 6.92 -4.35
N GLN A 60 11.32 8.21 -4.13
CA GLN A 60 12.29 9.11 -3.46
C GLN A 60 12.42 8.84 -1.95
N ALA A 61 11.47 8.11 -1.34
CA ALA A 61 11.59 7.62 0.03
C ALA A 61 12.25 6.22 0.14
N TYR A 62 11.91 5.27 -0.75
CA TYR A 62 12.17 3.83 -0.56
C TYR A 62 12.75 3.10 -1.80
N LYS A 63 12.96 3.81 -2.91
CA LYS A 63 13.54 3.30 -4.17
C LYS A 63 12.83 2.08 -4.79
N HIS A 64 11.54 1.92 -4.52
CA HIS A 64 10.66 0.97 -5.23
C HIS A 64 9.57 1.71 -5.99
N GLU A 65 9.27 1.24 -7.21
CA GLU A 65 8.52 1.98 -8.22
C GLU A 65 7.30 1.20 -8.74
N THR A 66 7.35 -0.13 -8.70
CA THR A 66 6.27 -1.03 -9.17
C THR A 66 5.18 -1.29 -8.13
N VAL A 67 3.92 -1.41 -8.57
CA VAL A 67 2.72 -1.54 -7.72
C VAL A 67 2.37 -2.99 -7.35
N PRO A 68 1.70 -3.25 -6.22
CA PRO A 68 1.28 -2.30 -5.19
C PRO A 68 2.41 -1.91 -4.24
N ALA A 69 2.24 -0.74 -3.61
CA ALA A 69 2.96 -0.33 -2.41
C ALA A 69 1.99 -0.34 -1.22
N ILE A 70 2.43 -0.86 -0.07
CA ILE A 70 1.57 -1.12 1.10
C ILE A 70 2.15 -0.43 2.33
N PHE A 71 1.28 0.06 3.22
CA PHE A 71 1.66 0.70 4.48
C PHE A 71 0.74 0.23 5.62
N ILE A 72 1.31 0.08 6.81
CA ILE A 72 0.61 -0.34 8.03
C ILE A 72 1.04 0.56 9.20
N ASN A 73 0.13 1.31 9.81
CA ASN A 73 0.41 2.30 10.89
C ASN A 73 1.60 3.24 10.56
N GLY A 74 1.67 3.77 9.33
CA GLY A 74 2.77 4.62 8.85
C GLY A 74 4.10 3.91 8.54
N ASN A 75 4.18 2.58 8.71
CA ASN A 75 5.34 1.75 8.37
C ASN A 75 5.20 1.22 6.93
N PHE A 76 6.26 1.28 6.12
CA PHE A 76 6.25 0.83 4.72
C PHE A 76 6.49 -0.68 4.58
N ILE A 77 5.72 -1.32 3.69
CA ILE A 77 5.77 -2.73 3.31
C ILE A 77 6.12 -2.83 1.81
N GLY A 78 7.21 -3.54 1.50
CA GLY A 78 7.90 -3.45 0.20
C GLY A 78 7.17 -3.97 -1.04
N GLY A 79 6.01 -4.58 -0.87
CA GLY A 79 5.13 -5.07 -1.94
C GLY A 79 4.25 -6.24 -1.50
N CYS A 80 3.51 -6.82 -2.45
CA CYS A 80 2.67 -7.98 -2.20
C CYS A 80 3.48 -9.23 -1.84
N SER A 81 4.71 -9.37 -2.38
CA SER A 81 5.55 -10.54 -2.14
C SER A 81 6.06 -10.61 -0.69
N ASP A 82 6.28 -9.46 -0.07
CA ASP A 82 6.58 -9.32 1.38
C ASP A 82 5.32 -9.49 2.25
N LEU A 83 4.18 -8.91 1.83
CA LEU A 83 2.89 -9.06 2.51
C LEU A 83 2.46 -10.54 2.59
N GLU A 84 2.59 -11.28 1.50
CA GLU A 84 2.36 -12.73 1.46
C GLU A 84 3.39 -13.48 2.33
N ALA A 85 4.66 -13.04 2.36
CA ALA A 85 5.68 -13.67 3.21
C ALA A 85 5.41 -13.48 4.71
N LEU A 86 4.66 -12.45 5.11
CA LEU A 86 4.13 -12.21 6.46
C LEU A 86 2.81 -12.95 6.72
N ASP A 87 1.97 -13.13 5.70
CA ASP A 87 0.72 -13.92 5.77
C ASP A 87 0.98 -15.41 5.97
N LYS A 88 1.90 -15.98 5.19
CA LYS A 88 2.31 -17.39 5.27
C LYS A 88 2.94 -17.73 6.63
N GLU A 89 3.79 -16.85 7.17
CA GLU A 89 4.40 -17.03 8.49
C GLU A 89 3.43 -16.72 9.65
N GLY A 90 2.22 -16.21 9.38
CA GLY A 90 1.19 -15.98 10.41
C GLY A 90 1.48 -14.81 11.36
N LYS A 91 2.30 -13.86 10.92
CA LYS A 91 2.84 -12.72 11.67
C LYS A 91 2.12 -11.41 11.34
N LEU A 92 1.35 -11.42 10.25
CA LEU A 92 0.50 -10.31 9.80
C LEU A 92 -0.63 -10.01 10.79
N ASP A 93 -1.13 -11.01 11.51
CA ASP A 93 -2.12 -10.82 12.58
C ASP A 93 -1.63 -9.86 13.67
N GLY A 94 -0.38 -10.04 14.14
CA GLY A 94 0.26 -9.15 15.10
C GLY A 94 0.53 -7.73 14.57
N LEU A 95 0.71 -7.59 13.26
CA LEU A 95 0.86 -6.30 12.58
C LEU A 95 -0.46 -5.55 12.41
N LEU A 96 -1.62 -6.23 12.35
CA LEU A 96 -2.93 -5.65 12.04
C LEU A 96 -3.87 -5.42 13.24
N SER A 97 -3.52 -5.94 14.43
CA SER A 97 -4.13 -5.64 15.74
C SER A 97 -5.66 -5.60 15.78
N GLY A 1 3.26 20.36 9.41
CA GLY A 1 3.05 18.92 9.66
C GLY A 1 3.05 18.13 8.36
N ALA A 2 3.79 17.02 8.33
CA ALA A 2 3.88 16.04 7.22
C ALA A 2 4.18 16.67 5.84
N MET A 3 3.77 16.01 4.76
CA MET A 3 3.85 16.50 3.38
C MET A 3 2.45 16.52 2.74
N PRO A 4 2.15 17.49 1.85
CA PRO A 4 0.90 17.56 1.09
C PRO A 4 0.96 16.62 -0.12
N SER A 5 0.89 15.31 0.16
CA SER A 5 0.90 14.22 -0.83
C SER A 5 0.27 12.95 -0.23
N ILE A 6 0.45 11.80 -0.90
CA ILE A 6 0.14 10.46 -0.36
C ILE A 6 0.65 10.25 1.08
N ALA A 7 1.73 10.93 1.47
CA ALA A 7 2.32 10.84 2.80
C ALA A 7 1.32 11.18 3.92
N SER A 8 0.39 12.12 3.68
CA SER A 8 -0.68 12.47 4.64
C SER A 8 -1.91 11.55 4.56
N MET A 9 -2.11 10.82 3.45
CA MET A 9 -3.16 9.79 3.34
C MET A 9 -2.89 8.58 4.24
N ILE A 10 -1.61 8.28 4.52
CA ILE A 10 -1.17 7.05 5.21
C ILE A 10 -1.64 7.01 6.67
N LYS A 11 -1.92 8.18 7.21
CA LYS A 11 -2.48 8.43 8.54
C LYS A 11 -4.01 8.28 8.63
N GLY A 12 -4.66 7.90 7.52
CA GLY A 12 -6.12 7.73 7.42
C GLY A 12 -6.68 6.35 7.81
N ASN A 13 -5.85 5.32 7.96
CA ASN A 13 -6.26 3.97 8.39
C ASN A 13 -5.11 3.17 9.01
N LYS A 14 -5.39 1.97 9.50
CA LYS A 14 -4.36 1.04 10.02
C LYS A 14 -3.54 0.42 8.90
N VAL A 15 -4.15 0.19 7.74
CA VAL A 15 -3.49 -0.29 6.50
C VAL A 15 -3.81 0.66 5.34
N VAL A 16 -2.78 1.11 4.61
CA VAL A 16 -2.93 1.99 3.44
C VAL A 16 -2.13 1.47 2.25
N VAL A 17 -2.76 1.37 1.07
CA VAL A 17 -2.20 0.70 -0.12
C VAL A 17 -2.29 1.57 -1.38
N PHE A 18 -1.32 1.44 -2.29
CA PHE A 18 -1.26 2.14 -3.57
C PHE A 18 -1.10 1.14 -4.71
N SER A 19 -2.13 1.03 -5.57
CA SER A 19 -2.32 -0.04 -6.57
C SER A 19 -2.68 0.53 -7.95
N TRP A 20 -2.63 -0.32 -8.98
CA TRP A 20 -3.18 -0.05 -10.32
C TRP A 20 -4.28 -1.08 -10.63
N VAL A 21 -5.48 -0.62 -10.98
CA VAL A 21 -6.72 -1.47 -11.04
C VAL A 21 -6.57 -2.71 -11.93
N THR A 22 -5.92 -2.54 -13.08
CA THR A 22 -5.66 -3.56 -14.14
C THR A 22 -4.59 -4.60 -13.81
N CYS A 23 -3.81 -4.36 -12.75
CA CYS A 23 -2.57 -5.11 -12.52
C CYS A 23 -2.84 -6.39 -11.71
N PRO A 24 -2.22 -7.54 -12.02
CA PRO A 24 -2.51 -8.75 -11.26
C PRO A 24 -2.03 -8.67 -9.80
N TYR A 25 -0.87 -8.05 -9.56
CA TYR A 25 -0.28 -7.85 -8.23
C TYR A 25 -1.13 -6.99 -7.29
N CYS A 26 -1.79 -5.97 -7.85
CA CYS A 26 -2.81 -5.18 -7.16
C CYS A 26 -3.92 -6.13 -6.66
N VAL A 27 -4.49 -6.94 -7.56
CA VAL A 27 -5.58 -7.87 -7.25
C VAL A 27 -5.16 -8.94 -6.24
N ARG A 28 -3.92 -9.45 -6.29
CA ARG A 28 -3.38 -10.37 -5.27
C ARG A 28 -3.51 -9.80 -3.86
N ALA A 29 -3.16 -8.52 -3.68
CA ALA A 29 -3.26 -7.81 -2.41
C ALA A 29 -4.71 -7.46 -2.06
N GLU A 30 -5.46 -6.79 -2.95
CA GLU A 30 -6.84 -6.37 -2.69
C GLU A 30 -7.79 -7.52 -2.36
N LYS A 31 -7.49 -8.73 -2.83
CA LYS A 31 -8.23 -9.94 -2.48
C LYS A 31 -7.99 -10.39 -1.04
N LEU A 32 -6.73 -10.41 -0.63
CA LEU A 32 -6.27 -10.86 0.69
C LEU A 32 -6.60 -9.84 1.78
N LEU A 33 -6.47 -8.55 1.48
CA LEU A 33 -6.79 -7.47 2.42
C LEU A 33 -8.28 -7.48 2.79
N HIS A 34 -9.19 -7.61 1.80
CA HIS A 34 -10.61 -7.80 2.08
C HIS A 34 -10.91 -9.13 2.80
N ALA A 35 -10.03 -10.14 2.70
CA ALA A 35 -10.20 -11.41 3.42
C ALA A 35 -9.75 -11.35 4.90
N ARG A 36 -8.94 -10.35 5.30
CA ARG A 36 -8.26 -10.34 6.63
C ARG A 36 -8.36 -9.06 7.45
N THR A 37 -8.86 -7.97 6.88
CA THR A 37 -9.18 -6.76 7.65
C THR A 37 -10.30 -5.91 7.03
N LYS A 38 -10.96 -5.12 7.89
CA LYS A 38 -11.87 -4.03 7.50
C LYS A 38 -11.26 -2.63 7.72
N ASP A 39 -10.02 -2.55 8.20
CA ASP A 39 -9.28 -1.30 8.48
C ASP A 39 -8.21 -0.98 7.42
N ILE A 40 -8.56 -1.24 6.15
CA ILE A 40 -7.74 -0.99 4.95
C ILE A 40 -8.34 0.10 4.07
N THR A 41 -7.47 0.94 3.50
CA THR A 41 -7.73 1.96 2.49
C THR A 41 -6.76 1.80 1.33
N VAL A 42 -7.24 1.76 0.09
CA VAL A 42 -6.40 1.75 -1.13
C VAL A 42 -6.72 2.92 -2.06
N HIS A 43 -5.66 3.54 -2.59
CA HIS A 43 -5.71 4.59 -3.61
C HIS A 43 -5.21 4.07 -4.96
N TYR A 44 -5.96 4.30 -6.03
CA TYR A 44 -5.60 3.83 -7.37
C TYR A 44 -4.92 4.95 -8.17
N VAL A 45 -3.58 5.00 -8.15
CA VAL A 45 -2.80 6.06 -8.81
C VAL A 45 -2.77 5.94 -10.34
N ASP A 46 -3.30 4.85 -10.90
CA ASP A 46 -3.54 4.71 -12.34
C ASP A 46 -4.84 5.42 -12.78
N LYS A 47 -5.74 5.70 -11.83
CA LYS A 47 -7.01 6.46 -11.99
C LYS A 47 -6.88 7.96 -11.63
N MET A 48 -5.64 8.43 -11.44
CA MET A 48 -5.25 9.72 -10.86
C MET A 48 -4.33 10.50 -11.81
N SER A 49 -4.64 11.76 -12.11
CA SER A 49 -3.90 12.58 -13.07
C SER A 49 -2.49 12.94 -12.60
N GLU A 50 -2.31 13.19 -11.30
CA GLU A 50 -1.03 13.42 -10.65
C GLU A 50 -0.29 12.12 -10.26
N GLY A 51 -0.87 10.93 -10.50
CA GLY A 51 -0.37 9.65 -9.98
C GLY A 51 1.08 9.30 -10.31
N GLU A 52 1.64 9.86 -11.39
CA GLU A 52 3.06 9.69 -11.73
C GLU A 52 3.98 10.52 -10.81
N GLN A 53 3.51 11.65 -10.27
CA GLN A 53 4.24 12.44 -9.27
C GLN A 53 4.20 11.76 -7.90
N LEU A 54 3.07 11.13 -7.54
CA LEU A 54 2.94 10.32 -6.33
C LEU A 54 3.74 9.01 -6.38
N ARG A 55 3.91 8.39 -7.56
CA ARG A 55 4.93 7.34 -7.75
C ARG A 55 6.33 7.84 -7.38
N GLY A 56 6.64 9.10 -7.70
CA GLY A 56 7.85 9.79 -7.23
C GLY A 56 7.90 10.00 -5.71
N GLU A 57 6.78 10.31 -5.04
CA GLU A 57 6.73 10.38 -3.57
C GLU A 57 7.05 9.05 -2.88
N ILE A 58 6.75 7.92 -3.53
CA ILE A 58 7.19 6.59 -3.06
C ILE A 58 8.67 6.37 -3.40
N TYR A 59 9.11 6.66 -4.63
CA TYR A 59 10.49 6.37 -5.03
C TYR A 59 11.53 7.21 -4.27
N GLN A 60 11.29 8.50 -4.06
CA GLN A 60 12.23 9.39 -3.37
C GLN A 60 12.31 9.16 -1.85
N ALA A 61 11.39 8.35 -1.28
CA ALA A 61 11.40 7.93 0.12
C ALA A 61 11.78 6.44 0.33
N TYR A 62 11.43 5.54 -0.59
CA TYR A 62 11.58 4.08 -0.43
C TYR A 62 12.21 3.35 -1.63
N LYS A 63 12.58 4.05 -2.71
CA LYS A 63 13.14 3.50 -3.96
C LYS A 63 12.36 2.30 -4.51
N HIS A 64 11.05 2.47 -4.66
CA HIS A 64 10.13 1.49 -5.25
C HIS A 64 9.17 2.17 -6.24
N GLU A 65 9.04 1.58 -7.43
CA GLU A 65 8.41 2.17 -8.63
C GLU A 65 7.48 1.18 -9.35
N THR A 66 7.17 0.07 -8.69
CA THR A 66 6.19 -0.97 -9.11
C THR A 66 4.92 -0.87 -8.23
N VAL A 67 3.98 -1.82 -8.34
CA VAL A 67 2.76 -1.90 -7.51
C VAL A 67 2.43 -3.33 -7.06
N PRO A 68 1.64 -3.51 -5.97
CA PRO A 68 1.26 -2.48 -5.01
C PRO A 68 2.42 -2.04 -4.11
N ALA A 69 2.33 -0.80 -3.60
CA ALA A 69 3.10 -0.33 -2.45
C ALA A 69 2.18 -0.34 -1.22
N ILE A 70 2.66 -0.86 -0.09
CA ILE A 70 1.83 -1.21 1.06
C ILE A 70 2.39 -0.57 2.34
N PHE A 71 1.52 -0.10 3.22
CA PHE A 71 1.89 0.52 4.49
C PHE A 71 0.99 0.07 5.64
N ILE A 72 1.57 -0.05 6.84
CA ILE A 72 0.86 -0.36 8.10
C ILE A 72 1.30 0.66 9.17
N ASN A 73 0.38 1.51 9.63
CA ASN A 73 0.65 2.64 10.53
C ASN A 73 1.82 3.54 10.06
N GLY A 74 1.91 3.85 8.77
CA GLY A 74 3.01 4.68 8.19
C GLY A 74 4.36 3.97 8.07
N ASN A 75 4.44 2.68 8.38
CA ASN A 75 5.62 1.83 8.17
C ASN A 75 5.47 1.04 6.86
N PHE A 76 6.51 0.98 6.03
CA PHE A 76 6.47 0.45 4.66
C PHE A 76 6.62 -1.08 4.60
N ILE A 77 5.95 -1.69 3.62
CA ILE A 77 5.88 -3.12 3.31
C ILE A 77 6.17 -3.31 1.81
N GLY A 78 7.21 -4.07 1.49
CA GLY A 78 7.85 -4.08 0.16
C GLY A 78 7.05 -4.58 -1.05
N GLY A 79 5.87 -5.18 -0.84
CA GLY A 79 4.98 -5.65 -1.90
C GLY A 79 3.99 -6.73 -1.45
N CYS A 80 3.21 -7.28 -2.39
CA CYS A 80 2.24 -8.33 -2.08
C CYS A 80 2.90 -9.64 -1.63
N SER A 81 4.04 -10.01 -2.22
CA SER A 81 4.79 -11.20 -1.82
C SER A 81 5.44 -11.04 -0.44
N ASP A 82 5.87 -9.83 -0.06
CA ASP A 82 6.36 -9.55 1.30
C ASP A 82 5.23 -9.63 2.35
N LEU A 83 4.06 -9.09 2.01
CA LEU A 83 2.83 -9.17 2.81
C LEU A 83 2.42 -10.64 3.05
N GLU A 84 2.36 -11.45 1.99
CA GLU A 84 2.08 -12.89 2.12
C GLU A 84 3.20 -13.63 2.87
N ALA A 85 4.46 -13.25 2.70
CA ALA A 85 5.57 -13.89 3.41
C ALA A 85 5.51 -13.62 4.92
N LEU A 86 5.05 -12.44 5.35
CA LEU A 86 4.72 -12.13 6.74
C LEU A 86 3.46 -12.86 7.22
N ASP A 87 2.49 -13.12 6.33
CA ASP A 87 1.28 -13.87 6.64
C ASP A 87 1.55 -15.36 6.89
N LYS A 88 2.46 -15.96 6.11
CA LYS A 88 2.91 -17.34 6.30
C LYS A 88 3.65 -17.55 7.62
N GLU A 89 4.36 -16.54 8.12
CA GLU A 89 4.93 -16.51 9.48
C GLU A 89 3.90 -16.23 10.58
N GLY A 90 2.69 -15.78 10.23
CA GLY A 90 1.68 -15.34 11.20
C GLY A 90 1.91 -13.93 11.75
N LYS A 91 2.90 -13.21 11.22
CA LYS A 91 3.42 -11.93 11.69
C LYS A 91 2.58 -10.75 11.22
N LEU A 92 1.90 -10.90 10.06
CA LEU A 92 0.91 -9.94 9.57
C LEU A 92 -0.30 -9.85 10.49
N ASP A 93 -0.83 -10.98 10.97
CA ASP A 93 -1.96 -11.00 11.90
C ASP A 93 -1.65 -10.24 13.20
N GLY A 94 -0.39 -10.29 13.66
CA GLY A 94 0.09 -9.54 14.82
C GLY A 94 0.37 -8.05 14.58
N LEU A 95 0.53 -7.63 13.32
CA LEU A 95 0.54 -6.22 12.90
C LEU A 95 -0.87 -5.66 12.75
N LEU A 96 -1.82 -6.49 12.28
CA LEU A 96 -3.24 -6.15 12.12
C LEU A 96 -4.02 -6.03 13.44
N SER A 97 -3.37 -6.31 14.58
CA SER A 97 -3.89 -6.22 15.96
C SER A 97 -4.19 -4.78 16.37
N GLY A 1 -1.77 24.15 2.41
CA GLY A 1 -3.11 23.59 2.61
C GLY A 1 -3.04 22.09 2.76
N ALA A 2 -4.07 21.52 3.39
CA ALA A 2 -4.12 20.12 3.80
C ALA A 2 -4.11 19.10 2.64
N MET A 3 -3.72 17.87 2.97
CA MET A 3 -3.39 16.76 2.05
C MET A 3 -2.31 17.14 1.01
N PRO A 4 -1.06 17.42 1.44
CA PRO A 4 0.01 17.92 0.56
C PRO A 4 0.55 16.87 -0.43
N SER A 5 0.45 15.59 -0.07
CA SER A 5 0.62 14.40 -0.93
C SER A 5 0.05 13.13 -0.27
N ILE A 6 0.33 11.96 -0.86
CA ILE A 6 -0.05 10.65 -0.29
C ILE A 6 0.55 10.39 1.10
N ALA A 7 1.67 11.04 1.43
CA ALA A 7 2.37 10.80 2.69
C ALA A 7 1.49 11.13 3.92
N SER A 8 0.61 12.12 3.79
CA SER A 8 -0.44 12.44 4.78
C SER A 8 -1.54 11.38 4.85
N MET A 9 -1.88 10.73 3.72
CA MET A 9 -2.95 9.72 3.65
C MET A 9 -2.59 8.46 4.45
N ILE A 10 -1.29 8.12 4.54
CA ILE A 10 -0.82 6.91 5.26
C ILE A 10 -1.27 6.92 6.73
N LYS A 11 -1.32 8.10 7.36
CA LYS A 11 -1.63 8.25 8.79
C LYS A 11 -3.12 8.02 9.10
N GLY A 12 -4.01 8.10 8.12
CA GLY A 12 -5.46 8.18 8.31
C GLY A 12 -6.16 6.87 8.66
N ASN A 13 -5.62 5.73 8.25
CA ASN A 13 -6.19 4.39 8.45
C ASN A 13 -5.14 3.37 8.93
N LYS A 14 -5.58 2.17 9.30
CA LYS A 14 -4.73 1.07 9.76
C LYS A 14 -3.88 0.48 8.63
N VAL A 15 -4.46 0.33 7.44
CA VAL A 15 -3.78 -0.10 6.21
C VAL A 15 -4.08 0.87 5.08
N VAL A 16 -3.06 1.24 4.30
CA VAL A 16 -3.17 2.11 3.12
C VAL A 16 -2.41 1.51 1.93
N VAL A 17 -3.04 1.42 0.76
CA VAL A 17 -2.47 0.78 -0.45
C VAL A 17 -2.55 1.70 -1.67
N PHE A 18 -1.55 1.62 -2.54
CA PHE A 18 -1.51 2.30 -3.84
C PHE A 18 -1.38 1.23 -4.95
N SER A 19 -2.40 1.13 -5.80
CA SER A 19 -2.60 0.06 -6.78
C SER A 19 -2.90 0.62 -8.18
N TRP A 20 -2.88 -0.25 -9.19
CA TRP A 20 -3.49 0.00 -10.50
C TRP A 20 -4.62 -1.00 -10.72
N VAL A 21 -5.77 -0.55 -11.22
CA VAL A 21 -6.92 -1.43 -11.55
C VAL A 21 -6.50 -2.51 -12.57
N THR A 22 -5.52 -2.19 -13.42
CA THR A 22 -4.95 -3.06 -14.45
C THR A 22 -3.88 -4.05 -13.98
N CYS A 23 -3.41 -4.01 -12.73
CA CYS A 23 -2.38 -4.94 -12.28
C CYS A 23 -2.99 -6.21 -11.64
N PRO A 24 -2.45 -7.42 -11.87
CA PRO A 24 -2.92 -8.61 -11.17
C PRO A 24 -2.43 -8.69 -9.72
N TYR A 25 -1.20 -8.20 -9.46
CA TYR A 25 -0.60 -8.12 -8.12
C TYR A 25 -1.41 -7.27 -7.14
N CYS A 26 -1.99 -6.18 -7.64
CA CYS A 26 -2.95 -5.35 -6.92
C CYS A 26 -4.05 -6.23 -6.32
N VAL A 27 -4.69 -7.07 -7.16
CA VAL A 27 -5.81 -7.94 -6.76
C VAL A 27 -5.39 -8.96 -5.72
N ARG A 28 -4.20 -9.56 -5.84
CA ARG A 28 -3.66 -10.49 -4.81
C ARG A 28 -3.65 -9.84 -3.42
N ALA A 29 -3.12 -8.62 -3.34
CA ALA A 29 -3.09 -7.83 -2.12
C ALA A 29 -4.49 -7.39 -1.64
N GLU A 30 -5.29 -6.73 -2.49
CA GLU A 30 -6.66 -6.30 -2.18
C GLU A 30 -7.52 -7.42 -1.56
N LYS A 31 -7.39 -8.64 -2.09
CA LYS A 31 -8.17 -9.80 -1.72
C LYS A 31 -7.80 -10.34 -0.34
N LEU A 32 -6.50 -10.46 -0.09
CA LEU A 32 -5.90 -10.89 1.18
C LEU A 32 -6.11 -9.85 2.29
N LEU A 33 -5.97 -8.56 1.97
CA LEU A 33 -6.23 -7.47 2.90
C LEU A 33 -7.70 -7.44 3.32
N HIS A 34 -8.63 -7.56 2.38
CA HIS A 34 -10.06 -7.66 2.68
C HIS A 34 -10.41 -8.96 3.46
N ALA A 35 -9.57 -9.99 3.42
CA ALA A 35 -9.74 -11.21 4.23
C ALA A 35 -9.22 -11.08 5.67
N ARG A 36 -8.44 -10.03 5.99
CA ARG A 36 -7.87 -9.78 7.33
C ARG A 36 -8.37 -8.49 8.01
N THR A 37 -8.71 -7.45 7.24
CA THR A 37 -8.98 -6.09 7.77
C THR A 37 -10.05 -5.35 6.96
N LYS A 38 -10.99 -4.71 7.66
CA LYS A 38 -11.96 -3.75 7.10
C LYS A 38 -11.42 -2.32 7.03
N ASP A 39 -10.57 -1.93 7.97
CA ASP A 39 -9.92 -0.61 8.03
C ASP A 39 -8.73 -0.47 7.04
N ILE A 40 -8.96 -0.86 5.79
CA ILE A 40 -8.05 -0.76 4.63
C ILE A 40 -8.58 0.29 3.64
N THR A 41 -7.71 1.22 3.27
CA THR A 41 -7.93 2.26 2.25
C THR A 41 -7.01 1.98 1.06
N VAL A 42 -7.53 1.95 -0.16
CA VAL A 42 -6.72 1.84 -1.39
C VAL A 42 -7.00 2.95 -2.40
N HIS A 43 -5.93 3.39 -3.04
CA HIS A 43 -5.86 4.51 -3.97
C HIS A 43 -5.37 4.03 -5.34
N TYR A 44 -6.18 4.25 -6.38
CA TYR A 44 -5.90 3.80 -7.75
C TYR A 44 -5.22 4.92 -8.54
N VAL A 45 -3.88 4.91 -8.50
CA VAL A 45 -3.03 5.94 -9.13
C VAL A 45 -3.05 5.85 -10.67
N ASP A 46 -3.51 4.73 -11.24
CA ASP A 46 -3.68 4.58 -12.69
C ASP A 46 -4.83 5.46 -13.24
N LYS A 47 -5.87 5.65 -12.41
CA LYS A 47 -7.02 6.55 -12.65
C LYS A 47 -6.68 8.02 -12.41
N MET A 48 -5.71 8.29 -11.53
CA MET A 48 -5.28 9.64 -11.12
C MET A 48 -4.51 10.37 -12.24
N SER A 49 -4.70 11.68 -12.38
CA SER A 49 -4.01 12.52 -13.38
C SER A 49 -2.55 12.86 -13.00
N GLU A 50 -2.16 12.60 -11.75
CA GLU A 50 -0.81 12.82 -11.19
C GLU A 50 -0.18 11.57 -10.56
N GLY A 51 -0.78 10.38 -10.72
CA GLY A 51 -0.36 9.15 -10.03
C GLY A 51 1.12 8.76 -10.15
N GLU A 52 1.80 9.12 -11.24
CA GLU A 52 3.25 8.90 -11.40
C GLU A 52 4.09 9.80 -10.47
N GLN A 53 3.60 10.98 -10.09
CA GLN A 53 4.20 11.82 -9.04
C GLN A 53 4.05 11.16 -7.66
N LEU A 54 3.00 10.36 -7.44
CA LEU A 54 2.76 9.65 -6.19
C LEU A 54 3.55 8.33 -6.09
N ARG A 55 3.81 7.63 -7.22
CA ARG A 55 4.96 6.72 -7.33
C ARG A 55 6.27 7.43 -6.97
N GLY A 56 6.44 8.68 -7.42
CA GLY A 56 7.55 9.55 -7.02
C GLY A 56 7.67 9.79 -5.52
N GLU A 57 6.56 9.95 -4.78
CA GLU A 57 6.62 10.11 -3.31
C GLU A 57 7.22 8.87 -2.62
N ILE A 58 6.82 7.68 -3.08
CA ILE A 58 7.30 6.38 -2.58
C ILE A 58 8.76 6.16 -2.97
N TYR A 59 9.14 6.50 -4.22
CA TYR A 59 10.52 6.34 -4.67
C TYR A 59 11.47 7.29 -3.95
N GLN A 60 11.10 8.56 -3.77
CA GLN A 60 11.92 9.53 -3.05
C GLN A 60 12.11 9.14 -1.57
N ALA A 61 11.11 8.52 -0.93
CA ALA A 61 11.23 8.05 0.46
C ALA A 61 11.97 6.70 0.60
N TYR A 62 11.62 5.67 -0.19
CA TYR A 62 12.01 4.27 0.04
C TYR A 62 12.72 3.60 -1.15
N LYS A 63 12.90 4.31 -2.27
CA LYS A 63 13.52 3.83 -3.53
C LYS A 63 12.87 2.56 -4.11
N HIS A 64 11.55 2.48 -3.96
CA HIS A 64 10.66 1.44 -4.47
C HIS A 64 9.61 2.08 -5.41
N GLU A 65 9.27 1.41 -6.50
CA GLU A 65 8.34 1.89 -7.55
C GLU A 65 7.18 0.94 -7.86
N THR A 66 7.39 -0.38 -7.74
CA THR A 66 6.41 -1.38 -8.23
C THR A 66 5.09 -1.38 -7.43
N VAL A 67 3.98 -1.70 -8.12
CA VAL A 67 2.65 -1.81 -7.49
C VAL A 67 2.25 -3.26 -7.19
N PRO A 68 1.40 -3.50 -6.18
CA PRO A 68 0.92 -2.54 -5.20
C PRO A 68 2.04 -2.14 -4.22
N ALA A 69 1.96 -0.90 -3.75
CA ALA A 69 2.75 -0.41 -2.62
C ALA A 69 1.85 -0.36 -1.38
N ILE A 70 2.31 -0.92 -0.26
CA ILE A 70 1.47 -1.26 0.90
C ILE A 70 2.05 -0.59 2.14
N PHE A 71 1.18 -0.11 3.03
CA PHE A 71 1.56 0.52 4.29
C PHE A 71 0.66 0.06 5.44
N ILE A 72 1.25 -0.15 6.62
CA ILE A 72 0.54 -0.61 7.83
C ILE A 72 0.97 0.25 9.03
N ASN A 73 0.02 0.98 9.63
CA ASN A 73 0.25 1.94 10.72
C ASN A 73 1.41 2.94 10.45
N GLY A 74 1.59 3.38 9.20
CA GLY A 74 2.68 4.28 8.78
C GLY A 74 4.06 3.64 8.54
N ASN A 75 4.17 2.31 8.60
CA ASN A 75 5.34 1.55 8.15
C ASN A 75 5.14 1.05 6.72
N PHE A 76 6.19 1.12 5.90
CA PHE A 76 6.19 0.67 4.51
C PHE A 76 6.39 -0.86 4.40
N ILE A 77 5.62 -1.49 3.51
CA ILE A 77 5.68 -2.90 3.13
C ILE A 77 6.04 -2.95 1.64
N GLY A 78 7.14 -3.62 1.30
CA GLY A 78 7.81 -3.44 0.00
C GLY A 78 7.02 -3.88 -1.23
N GLY A 79 6.05 -4.78 -1.07
CA GLY A 79 5.20 -5.26 -2.16
C GLY A 79 4.34 -6.47 -1.78
N CYS A 80 3.69 -7.06 -2.78
CA CYS A 80 2.89 -8.27 -2.66
C CYS A 80 3.72 -9.49 -2.21
N SER A 81 4.98 -9.62 -2.67
CA SER A 81 5.88 -10.69 -2.24
C SER A 81 6.09 -10.71 -0.72
N ASP A 82 6.30 -9.54 -0.12
CA ASP A 82 6.51 -9.38 1.32
C ASP A 82 5.20 -9.59 2.11
N LEU A 83 4.07 -9.10 1.60
CA LEU A 83 2.75 -9.33 2.20
C LEU A 83 2.37 -10.82 2.22
N GLU A 84 2.48 -11.53 1.09
CA GLU A 84 2.21 -12.97 1.01
C GLU A 84 3.25 -13.81 1.78
N ALA A 85 4.41 -13.24 2.14
CA ALA A 85 5.36 -13.86 3.07
C ALA A 85 4.95 -13.64 4.54
N LEU A 86 4.58 -12.43 4.94
CA LEU A 86 4.17 -12.11 6.31
C LEU A 86 2.90 -12.88 6.75
N ASP A 87 1.99 -13.14 5.80
CA ASP A 87 0.78 -13.97 5.98
C ASP A 87 1.10 -15.45 6.28
N LYS A 88 2.23 -15.93 5.77
CA LYS A 88 2.72 -17.32 5.88
C LYS A 88 3.67 -17.50 7.06
N GLU A 89 4.51 -16.50 7.37
CA GLU A 89 5.35 -16.44 8.58
C GLU A 89 4.54 -16.17 9.87
N GLY A 90 3.24 -15.90 9.78
CA GLY A 90 2.37 -15.69 10.94
C GLY A 90 2.53 -14.32 11.60
N LYS A 91 3.13 -13.36 10.89
CA LYS A 91 3.53 -12.04 11.38
C LYS A 91 2.53 -10.95 11.00
N LEU A 92 1.71 -11.16 9.96
CA LEU A 92 0.67 -10.21 9.55
C LEU A 92 -0.43 -10.09 10.61
N ASP A 93 -0.75 -11.17 11.31
CA ASP A 93 -1.68 -11.20 12.45
C ASP A 93 -1.32 -10.15 13.53
N GLY A 94 -0.03 -10.01 13.83
CA GLY A 94 0.53 -9.06 14.80
C GLY A 94 0.81 -7.67 14.26
N LEU A 95 0.67 -7.46 12.95
CA LEU A 95 0.75 -6.15 12.28
C LEU A 95 -0.64 -5.52 12.07
N LEU A 96 -1.71 -6.33 11.98
CA LEU A 96 -3.09 -5.89 11.72
C LEU A 96 -4.02 -5.94 12.95
N SER A 97 -3.63 -6.66 14.01
CA SER A 97 -4.37 -6.80 15.28
C SER A 97 -5.85 -7.13 15.14
N GLY A 1 5.73 15.33 0.07
CA GLY A 1 5.88 14.68 1.39
C GLY A 1 5.25 15.55 2.45
N ALA A 2 6.06 16.18 3.32
CA ALA A 2 5.62 17.20 4.26
C ALA A 2 4.96 18.42 3.55
N MET A 3 5.41 18.73 2.33
CA MET A 3 4.71 19.52 1.32
C MET A 3 3.60 18.64 0.70
N PRO A 4 2.32 18.78 1.13
CA PRO A 4 1.22 17.82 0.98
C PRO A 4 1.20 16.93 -0.26
N SER A 5 1.15 15.62 -0.03
CA SER A 5 1.02 14.56 -1.03
C SER A 5 0.34 13.32 -0.41
N ILE A 6 0.43 12.15 -1.07
CA ILE A 6 -0.06 10.86 -0.53
C ILE A 6 0.50 10.54 0.87
N ALA A 7 1.62 11.13 1.26
CA ALA A 7 2.32 10.87 2.50
C ALA A 7 1.48 11.22 3.76
N SER A 8 0.43 12.05 3.64
CA SER A 8 -0.53 12.31 4.72
C SER A 8 -1.64 11.27 4.82
N MET A 9 -1.92 10.48 3.77
CA MET A 9 -2.90 9.39 3.81
C MET A 9 -2.46 8.30 4.81
N ILE A 10 -1.16 8.02 4.87
CA ILE A 10 -0.59 6.92 5.66
C ILE A 10 -0.90 7.04 7.17
N LYS A 11 -1.23 8.24 7.65
CA LYS A 11 -1.56 8.55 9.05
C LYS A 11 -3.06 8.44 9.39
N GLY A 12 -3.94 8.25 8.39
CA GLY A 12 -5.41 8.27 8.57
C GLY A 12 -6.10 6.89 8.73
N ASN A 13 -5.44 5.80 8.34
CA ASN A 13 -5.99 4.43 8.37
C ASN A 13 -4.94 3.38 8.80
N LYS A 14 -5.40 2.29 9.41
CA LYS A 14 -4.57 1.14 9.84
C LYS A 14 -3.77 0.54 8.69
N VAL A 15 -4.36 0.42 7.51
CA VAL A 15 -3.68 -0.03 6.28
C VAL A 15 -3.97 0.95 5.13
N VAL A 16 -2.94 1.33 4.39
CA VAL A 16 -3.02 2.21 3.20
C VAL A 16 -2.24 1.59 2.04
N VAL A 17 -2.85 1.49 0.85
CA VAL A 17 -2.27 0.84 -0.33
C VAL A 17 -2.30 1.76 -1.56
N PHE A 18 -1.30 1.64 -2.43
CA PHE A 18 -1.23 2.32 -3.73
C PHE A 18 -1.11 1.30 -4.85
N SER A 19 -2.15 1.21 -5.68
CA SER A 19 -2.37 0.14 -6.67
C SER A 19 -2.71 0.69 -8.06
N TRP A 20 -2.75 -0.20 -9.05
CA TRP A 20 -3.38 0.04 -10.35
C TRP A 20 -4.52 -0.97 -10.53
N VAL A 21 -5.69 -0.50 -10.97
CA VAL A 21 -6.90 -1.34 -11.10
C VAL A 21 -6.68 -2.55 -12.04
N THR A 22 -5.80 -2.37 -13.02
CA THR A 22 -5.42 -3.36 -14.03
C THR A 22 -4.36 -4.39 -13.61
N CYS A 23 -3.72 -4.25 -12.46
CA CYS A 23 -2.53 -5.06 -12.12
C CYS A 23 -2.90 -6.35 -11.37
N PRO A 24 -2.24 -7.50 -11.64
CA PRO A 24 -2.57 -8.72 -10.91
C PRO A 24 -2.15 -8.66 -9.45
N TYR A 25 -0.97 -8.06 -9.20
CA TYR A 25 -0.35 -7.90 -7.89
C TYR A 25 -1.18 -7.05 -6.92
N CYS A 26 -1.84 -6.02 -7.47
CA CYS A 26 -2.83 -5.22 -6.78
C CYS A 26 -3.93 -6.15 -6.24
N VAL A 27 -4.52 -6.98 -7.09
CA VAL A 27 -5.61 -7.89 -6.72
C VAL A 27 -5.15 -8.94 -5.70
N ARG A 28 -3.94 -9.49 -5.83
CA ARG A 28 -3.35 -10.39 -4.82
C ARG A 28 -3.37 -9.75 -3.43
N ALA A 29 -3.01 -8.48 -3.34
CA ALA A 29 -3.06 -7.71 -2.09
C ALA A 29 -4.50 -7.35 -1.67
N GLU A 30 -5.31 -6.72 -2.54
CA GLU A 30 -6.70 -6.31 -2.24
C GLU A 30 -7.58 -7.46 -1.75
N LYS A 31 -7.34 -8.68 -2.25
CA LYS A 31 -8.07 -9.88 -1.84
C LYS A 31 -7.75 -10.26 -0.40
N LEU A 32 -6.45 -10.34 -0.08
CA LEU A 32 -5.91 -10.72 1.24
C LEU A 32 -6.28 -9.70 2.32
N LEU A 33 -6.17 -8.40 1.99
CA LEU A 33 -6.44 -7.31 2.91
C LEU A 33 -7.91 -7.28 3.34
N HIS A 34 -8.84 -7.52 2.40
CA HIS A 34 -10.26 -7.70 2.71
C HIS A 34 -10.63 -9.07 3.29
N ALA A 35 -9.75 -10.07 3.22
CA ALA A 35 -9.95 -11.35 3.90
C ALA A 35 -9.59 -11.28 5.39
N ARG A 36 -8.50 -10.56 5.73
CA ARG A 36 -7.99 -10.41 7.11
C ARG A 36 -8.62 -9.24 7.89
N THR A 37 -9.05 -8.18 7.21
CA THR A 37 -9.45 -6.89 7.81
C THR A 37 -10.52 -6.15 6.98
N LYS A 38 -11.09 -5.08 7.53
CA LYS A 38 -11.88 -4.05 6.84
C LYS A 38 -11.27 -2.66 6.87
N ASP A 39 -10.35 -2.41 7.81
CA ASP A 39 -9.79 -1.09 8.07
C ASP A 39 -8.72 -0.64 7.05
N ILE A 40 -8.80 -1.14 5.82
CA ILE A 40 -7.90 -0.89 4.70
C ILE A 40 -8.46 0.17 3.74
N THR A 41 -7.62 1.13 3.38
CA THR A 41 -7.83 2.11 2.31
C THR A 41 -6.84 1.86 1.18
N VAL A 42 -7.26 2.01 -0.07
CA VAL A 42 -6.42 1.95 -1.27
C VAL A 42 -6.70 3.10 -2.23
N HIS A 43 -5.64 3.66 -2.82
CA HIS A 43 -5.70 4.73 -3.83
C HIS A 43 -5.15 4.23 -5.17
N TYR A 44 -5.93 4.40 -6.24
CA TYR A 44 -5.63 3.85 -7.56
C TYR A 44 -4.91 4.86 -8.46
N VAL A 45 -3.58 4.89 -8.37
CA VAL A 45 -2.72 5.87 -9.06
C VAL A 45 -2.62 5.68 -10.58
N ASP A 46 -3.35 4.70 -11.14
CA ASP A 46 -3.59 4.59 -12.58
C ASP A 46 -4.81 5.41 -13.03
N LYS A 47 -5.82 5.56 -12.15
CA LYS A 47 -7.04 6.38 -12.41
C LYS A 47 -6.83 7.88 -12.16
N MET A 48 -5.84 8.23 -11.34
CA MET A 48 -5.38 9.59 -11.07
C MET A 48 -4.35 10.03 -12.12
N SER A 49 -4.61 11.13 -12.84
CA SER A 49 -3.72 11.62 -13.93
C SER A 49 -2.32 12.03 -13.46
N GLU A 50 -2.18 12.54 -12.23
CA GLU A 50 -0.89 12.90 -11.63
C GLU A 50 -0.15 11.70 -10.98
N GLY A 51 -0.72 10.49 -11.04
CA GLY A 51 -0.26 9.31 -10.29
C GLY A 51 1.21 8.90 -10.49
N GLU A 52 1.86 9.30 -11.59
CA GLU A 52 3.30 9.07 -11.78
C GLU A 52 4.17 9.88 -10.79
N GLN A 53 3.68 11.05 -10.34
CA GLN A 53 4.35 11.86 -9.32
C GLN A 53 4.13 11.28 -7.90
N LEU A 54 3.05 10.52 -7.69
CA LEU A 54 2.76 9.84 -6.44
C LEU A 54 3.47 8.47 -6.36
N ARG A 55 3.71 7.79 -7.49
CA ARG A 55 4.80 6.79 -7.61
C ARG A 55 6.15 7.41 -7.22
N GLY A 56 6.39 8.65 -7.64
CA GLY A 56 7.54 9.46 -7.22
C GLY A 56 7.61 9.72 -5.70
N GLU A 57 6.49 9.95 -5.01
CA GLU A 57 6.46 10.13 -3.55
C GLU A 57 6.86 8.87 -2.77
N ILE A 58 6.56 7.68 -3.31
CA ILE A 58 7.04 6.42 -2.74
C ILE A 58 8.54 6.29 -3.00
N TYR A 59 8.99 6.55 -4.24
CA TYR A 59 10.40 6.44 -4.60
C TYR A 59 11.30 7.43 -3.83
N GLN A 60 10.84 8.66 -3.61
CA GLN A 60 11.58 9.71 -2.91
C GLN A 60 11.71 9.49 -1.39
N ALA A 61 10.98 8.51 -0.82
CA ALA A 61 11.09 8.10 0.57
C ALA A 61 11.63 6.65 0.76
N TYR A 62 11.45 5.76 -0.23
CA TYR A 62 11.73 4.31 -0.10
C TYR A 62 12.48 3.68 -1.28
N LYS A 63 12.85 4.45 -2.32
CA LYS A 63 13.59 4.02 -3.54
C LYS A 63 13.02 2.77 -4.25
N HIS A 64 11.70 2.62 -4.24
CA HIS A 64 10.96 1.56 -4.92
C HIS A 64 9.67 2.11 -5.52
N GLU A 65 9.19 1.46 -6.58
CA GLU A 65 8.23 2.05 -7.52
C GLU A 65 7.14 1.07 -8.01
N THR A 66 7.41 -0.23 -7.98
CA THR A 66 6.55 -1.30 -8.54
C THR A 66 5.35 -1.60 -7.65
N VAL A 67 4.14 -1.66 -8.23
CA VAL A 67 2.86 -1.76 -7.50
C VAL A 67 2.52 -3.20 -7.04
N PRO A 68 1.66 -3.36 -6.02
CA PRO A 68 1.24 -2.33 -5.08
C PRO A 68 2.38 -1.90 -4.14
N ALA A 69 2.31 -0.65 -3.66
CA ALA A 69 3.03 -0.23 -2.47
C ALA A 69 2.06 -0.27 -1.27
N ILE A 70 2.51 -0.79 -0.14
CA ILE A 70 1.64 -1.16 1.00
C ILE A 70 2.20 -0.55 2.28
N PHE A 71 1.31 -0.09 3.17
CA PHE A 71 1.67 0.47 4.47
C PHE A 71 0.73 -0.01 5.56
N ILE A 72 1.27 -0.30 6.74
CA ILE A 72 0.52 -0.70 7.94
C ILE A 72 0.96 0.20 9.10
N ASN A 73 0.05 1.02 9.64
CA ASN A 73 0.32 2.03 10.68
C ASN A 73 1.60 2.87 10.41
N GLY A 74 1.75 3.39 9.18
CA GLY A 74 2.93 4.18 8.76
C GLY A 74 4.19 3.36 8.41
N ASN A 75 4.21 2.06 8.68
CA ASN A 75 5.34 1.17 8.39
C ASN A 75 5.22 0.64 6.95
N PHE A 76 6.29 0.67 6.17
CA PHE A 76 6.31 0.31 4.75
C PHE A 76 6.42 -1.21 4.52
N ILE A 77 5.73 -1.70 3.49
CA ILE A 77 5.65 -3.09 3.03
C ILE A 77 5.85 -3.09 1.51
N GLY A 78 6.89 -3.76 1.02
CA GLY A 78 7.40 -3.59 -0.35
C GLY A 78 6.44 -3.95 -1.49
N GLY A 79 5.44 -4.80 -1.23
CA GLY A 79 4.36 -5.13 -2.16
C GLY A 79 3.70 -6.49 -1.91
N CYS A 80 3.16 -7.08 -2.97
CA CYS A 80 2.38 -8.33 -2.90
C CYS A 80 3.16 -9.47 -2.20
N SER A 81 4.35 -9.81 -2.71
CA SER A 81 5.19 -10.87 -2.14
C SER A 81 5.91 -10.51 -0.83
N ASP A 82 5.67 -9.31 -0.28
CA ASP A 82 6.04 -8.95 1.10
C ASP A 82 4.86 -9.14 2.07
N LEU A 83 3.65 -8.73 1.67
CA LEU A 83 2.41 -8.92 2.41
C LEU A 83 2.08 -10.40 2.57
N GLU A 84 2.09 -11.15 1.47
CA GLU A 84 1.89 -12.60 1.47
C GLU A 84 2.95 -13.28 2.35
N ALA A 85 4.21 -12.87 2.25
CA ALA A 85 5.30 -13.46 3.02
C ALA A 85 5.13 -13.31 4.54
N LEU A 86 4.57 -12.18 5.01
CA LEU A 86 4.23 -11.97 6.42
C LEU A 86 2.99 -12.77 6.86
N ASP A 87 2.07 -13.10 5.95
CA ASP A 87 0.98 -14.04 6.24
C ASP A 87 1.49 -15.48 6.34
N LYS A 88 2.43 -15.86 5.47
CA LYS A 88 3.11 -17.16 5.53
C LYS A 88 3.94 -17.30 6.81
N GLU A 89 4.60 -16.24 7.27
CA GLU A 89 5.29 -16.20 8.59
C GLU A 89 4.35 -16.11 9.81
N GLY A 90 3.04 -15.92 9.64
CA GLY A 90 2.16 -15.74 10.81
C GLY A 90 2.44 -14.45 11.59
N LYS A 91 2.94 -13.42 10.91
CA LYS A 91 3.36 -12.12 11.44
C LYS A 91 2.42 -10.98 11.03
N LEU A 92 1.79 -11.09 9.85
CA LEU A 92 0.74 -10.16 9.42
C LEU A 92 -0.42 -10.08 10.42
N ASP A 93 -0.77 -11.22 11.02
CA ASP A 93 -1.76 -11.35 12.09
C ASP A 93 -1.51 -10.37 13.25
N GLY A 94 -0.28 -10.25 13.72
CA GLY A 94 0.11 -9.32 14.78
C GLY A 94 0.26 -7.86 14.31
N LEU A 95 0.57 -7.64 13.03
CA LEU A 95 0.66 -6.30 12.45
C LEU A 95 -0.73 -5.64 12.31
N LEU A 96 -1.75 -6.42 11.95
CA LEU A 96 -3.13 -5.96 11.78
C LEU A 96 -3.94 -5.95 13.09
N SER A 97 -3.37 -6.52 14.16
CA SER A 97 -3.89 -6.52 15.54
C SER A 97 -4.02 -5.09 16.08
N GLY A 1 -1.47 27.41 4.01
CA GLY A 1 -1.85 26.02 4.25
C GLY A 1 -1.32 25.14 3.13
N ALA A 2 -0.45 24.18 3.48
CA ALA A 2 0.32 23.35 2.55
C ALA A 2 -0.53 22.33 1.77
N MET A 3 0.02 21.85 0.65
CA MET A 3 -0.59 20.85 -0.24
C MET A 3 0.23 19.54 -0.23
N PRO A 4 0.09 18.69 0.82
CA PRO A 4 0.89 17.48 0.96
C PRO A 4 0.54 16.41 -0.09
N SER A 5 1.48 15.51 -0.32
CA SER A 5 1.33 14.31 -1.17
C SER A 5 0.99 13.06 -0.32
N ILE A 6 1.01 11.87 -0.94
CA ILE A 6 0.48 10.61 -0.36
C ILE A 6 1.05 10.23 1.01
N ALA A 7 2.23 10.74 1.37
CA ALA A 7 2.88 10.45 2.65
C ALA A 7 2.04 10.86 3.88
N SER A 8 1.10 11.79 3.68
CA SER A 8 0.09 12.21 4.66
C SER A 8 -1.12 11.27 4.77
N MET A 9 -1.44 10.51 3.71
CA MET A 9 -2.53 9.52 3.72
C MET A 9 -2.23 8.36 4.69
N ILE A 10 -0.95 7.99 4.81
CA ILE A 10 -0.51 6.84 5.61
C ILE A 10 -0.85 6.98 7.09
N LYS A 11 -1.01 8.22 7.58
CA LYS A 11 -1.39 8.54 8.96
C LYS A 11 -2.88 8.31 9.29
N GLY A 12 -3.71 8.06 8.28
CA GLY A 12 -5.18 8.14 8.39
C GLY A 12 -5.96 6.85 8.67
N ASN A 13 -5.42 5.68 8.29
CA ASN A 13 -6.11 4.37 8.38
C ASN A 13 -5.15 3.24 8.75
N LYS A 14 -5.68 2.12 9.28
CA LYS A 14 -4.90 0.96 9.78
C LYS A 14 -4.03 0.31 8.68
N VAL A 15 -4.55 0.23 7.46
CA VAL A 15 -3.81 -0.22 6.26
C VAL A 15 -4.05 0.77 5.12
N VAL A 16 -2.98 1.16 4.40
CA VAL A 16 -3.02 2.09 3.27
C VAL A 16 -2.23 1.53 2.08
N VAL A 17 -2.84 1.48 0.89
CA VAL A 17 -2.26 0.84 -0.31
C VAL A 17 -2.34 1.75 -1.54
N PHE A 18 -1.42 1.58 -2.49
CA PHE A 18 -1.38 2.31 -3.76
C PHE A 18 -1.29 1.31 -4.92
N SER A 19 -2.38 1.10 -5.66
CA SER A 19 -2.56 0.05 -6.68
C SER A 19 -3.00 0.64 -8.03
N TRP A 20 -3.02 -0.17 -9.10
CA TRP A 20 -3.66 0.13 -10.39
C TRP A 20 -4.77 -0.88 -10.67
N VAL A 21 -5.97 -0.42 -11.02
CA VAL A 21 -7.21 -1.25 -11.09
C VAL A 21 -7.10 -2.39 -12.14
N THR A 22 -6.18 -2.23 -13.08
CA THR A 22 -5.84 -3.13 -14.18
C THR A 22 -4.89 -4.28 -13.83
N CYS A 23 -4.08 -4.19 -12.75
CA CYS A 23 -2.83 -4.95 -12.68
C CYS A 23 -2.88 -6.14 -11.73
N PRO A 24 -2.06 -7.19 -11.94
CA PRO A 24 -2.24 -8.46 -11.23
C PRO A 24 -1.86 -8.40 -9.75
N TYR A 25 -0.69 -7.87 -9.41
CA TYR A 25 -0.17 -7.80 -8.03
C TYR A 25 -1.03 -6.97 -7.08
N CYS A 26 -1.57 -5.87 -7.61
CA CYS A 26 -2.66 -5.10 -7.04
C CYS A 26 -3.76 -6.04 -6.50
N VAL A 27 -4.32 -6.91 -7.34
CA VAL A 27 -5.41 -7.82 -6.95
C VAL A 27 -4.95 -8.87 -5.94
N ARG A 28 -3.73 -9.41 -6.07
CA ARG A 28 -3.16 -10.34 -5.06
C ARG A 28 -3.18 -9.75 -3.65
N ALA A 29 -2.88 -8.46 -3.54
CA ALA A 29 -2.97 -7.69 -2.29
C ALA A 29 -4.42 -7.34 -1.90
N GLU A 30 -5.20 -6.69 -2.78
CA GLU A 30 -6.60 -6.30 -2.53
C GLU A 30 -7.48 -7.47 -2.08
N LYS A 31 -7.18 -8.69 -2.54
CA LYS A 31 -7.87 -9.90 -2.14
C LYS A 31 -7.56 -10.27 -0.69
N LEU A 32 -6.27 -10.33 -0.33
CA LEU A 32 -5.77 -10.70 1.00
C LEU A 32 -6.23 -9.70 2.07
N LEU A 33 -6.16 -8.41 1.75
CA LEU A 33 -6.50 -7.32 2.65
C LEU A 33 -7.99 -7.28 3.02
N HIS A 34 -8.86 -7.83 2.18
CA HIS A 34 -10.27 -8.09 2.49
C HIS A 34 -10.54 -9.50 3.05
N ALA A 35 -9.60 -10.46 2.91
CA ALA A 35 -9.76 -11.84 3.40
C ALA A 35 -9.28 -12.03 4.86
N ARG A 36 -8.33 -11.21 5.32
CA ARG A 36 -7.79 -11.22 6.71
C ARG A 36 -8.32 -10.07 7.59
N THR A 37 -8.86 -9.03 6.96
CA THR A 37 -9.26 -7.74 7.56
C THR A 37 -10.38 -7.08 6.75
N LYS A 38 -10.92 -5.95 7.25
CA LYS A 38 -11.85 -5.05 6.54
C LYS A 38 -11.46 -3.57 6.58
N ASP A 39 -10.46 -3.17 7.35
CA ASP A 39 -9.99 -1.78 7.45
C ASP A 39 -8.78 -1.53 6.55
N ILE A 40 -9.06 -1.17 5.30
CA ILE A 40 -8.06 -0.89 4.26
C ILE A 40 -8.50 0.29 3.39
N THR A 41 -7.60 1.26 3.22
CA THR A 41 -7.71 2.36 2.23
C THR A 41 -6.77 2.06 1.07
N VAL A 42 -7.26 2.08 -0.17
CA VAL A 42 -6.40 2.03 -1.36
C VAL A 42 -6.65 3.19 -2.31
N HIS A 43 -5.58 3.81 -2.78
CA HIS A 43 -5.58 4.88 -3.76
C HIS A 43 -5.16 4.35 -5.14
N TYR A 44 -6.01 4.52 -6.15
CA TYR A 44 -5.79 3.93 -7.47
C TYR A 44 -5.07 4.89 -8.42
N VAL A 45 -3.73 4.95 -8.32
CA VAL A 45 -2.86 5.96 -8.98
C VAL A 45 -2.63 5.77 -10.49
N ASP A 46 -3.64 5.25 -11.18
CA ASP A 46 -3.82 5.32 -12.64
C ASP A 46 -5.23 5.83 -13.02
N LYS A 47 -6.19 5.83 -12.08
CA LYS A 47 -7.45 6.59 -12.16
C LYS A 47 -7.25 8.06 -11.77
N MET A 48 -6.23 8.36 -10.96
CA MET A 48 -5.86 9.72 -10.52
C MET A 48 -4.82 10.34 -11.46
N SER A 49 -5.08 11.56 -11.96
CA SER A 49 -4.35 12.16 -13.11
C SER A 49 -2.90 12.60 -12.82
N GLU A 50 -2.57 12.81 -11.53
CA GLU A 50 -1.22 13.11 -11.04
C GLU A 50 -0.49 11.88 -10.49
N GLY A 51 -1.04 10.66 -10.66
CA GLY A 51 -0.48 9.42 -10.09
C GLY A 51 1.01 9.19 -10.37
N GLU A 52 1.51 9.69 -11.49
CA GLU A 52 2.93 9.76 -11.88
C GLU A 52 3.82 10.54 -10.89
N GLN A 53 3.31 11.60 -10.30
CA GLN A 53 4.00 12.40 -9.27
C GLN A 53 3.91 11.74 -7.88
N LEU A 54 2.78 11.09 -7.55
CA LEU A 54 2.62 10.37 -6.29
C LEU A 54 3.50 9.10 -6.26
N ARG A 55 3.66 8.41 -7.41
CA ARG A 55 4.69 7.37 -7.63
C ARG A 55 6.09 7.88 -7.29
N GLY A 56 6.40 9.12 -7.64
CA GLY A 56 7.65 9.80 -7.29
C GLY A 56 7.92 9.85 -5.78
N GLU A 57 6.89 10.11 -4.95
CA GLU A 57 7.03 10.10 -3.49
C GLU A 57 7.34 8.69 -2.94
N ILE A 58 6.96 7.61 -3.63
CA ILE A 58 7.32 6.24 -3.28
C ILE A 58 8.79 5.98 -3.63
N TYR A 59 9.23 6.40 -4.83
CA TYR A 59 10.61 6.16 -5.28
C TYR A 59 11.64 6.99 -4.49
N GLN A 60 11.33 8.24 -4.14
CA GLN A 60 12.21 9.08 -3.34
C GLN A 60 12.51 8.48 -1.94
N ALA A 61 11.54 7.81 -1.34
CA ALA A 61 11.63 7.25 0.01
C ALA A 61 12.07 5.78 0.08
N TYR A 62 11.71 4.96 -0.93
CA TYR A 62 11.87 3.49 -0.92
C TYR A 62 12.46 2.89 -2.21
N LYS A 63 12.86 3.73 -3.19
CA LYS A 63 13.52 3.36 -4.46
C LYS A 63 12.79 2.28 -5.28
N HIS A 64 11.46 2.27 -5.18
CA HIS A 64 10.52 1.22 -5.61
C HIS A 64 9.59 1.74 -6.72
N GLU A 65 9.72 1.26 -7.96
CA GLU A 65 8.92 1.74 -9.11
C GLU A 65 7.72 0.84 -9.50
N THR A 66 7.55 -0.34 -8.89
CA THR A 66 6.43 -1.27 -9.15
C THR A 66 5.13 -0.89 -8.40
N VAL A 67 4.02 -1.57 -8.71
CA VAL A 67 2.74 -1.49 -7.95
C VAL A 67 2.26 -2.87 -7.50
N PRO A 68 1.66 -3.02 -6.30
CA PRO A 68 1.32 -1.95 -5.36
C PRO A 68 2.44 -1.61 -4.38
N ALA A 69 2.34 -0.44 -3.75
CA ALA A 69 3.03 -0.12 -2.49
C ALA A 69 2.04 -0.27 -1.32
N ILE A 70 2.52 -0.75 -0.17
CA ILE A 70 1.68 -1.19 0.95
C ILE A 70 2.21 -0.61 2.26
N PHE A 71 1.31 -0.22 3.16
CA PHE A 71 1.64 0.38 4.46
C PHE A 71 0.68 -0.08 5.58
N ILE A 72 1.19 -0.20 6.81
CA ILE A 72 0.44 -0.57 8.02
C ILE A 72 0.74 0.43 9.15
N ASN A 73 -0.29 1.06 9.70
CA ASN A 73 -0.21 2.08 10.77
C ASN A 73 0.92 3.13 10.55
N GLY A 74 1.15 3.61 9.32
CA GLY A 74 2.24 4.55 9.01
C GLY A 74 3.57 3.92 8.55
N ASN A 75 3.71 2.60 8.59
CA ASN A 75 4.96 1.86 8.31
C ASN A 75 4.94 1.19 6.93
N PHE A 76 6.02 1.30 6.15
CA PHE A 76 6.12 0.71 4.79
C PHE A 76 6.34 -0.82 4.80
N ILE A 77 5.72 -1.49 3.82
CA ILE A 77 5.77 -2.94 3.54
C ILE A 77 6.21 -3.13 2.08
N GLY A 78 7.16 -4.04 1.83
CA GLY A 78 7.75 -4.33 0.51
C GLY A 78 6.90 -5.10 -0.49
N GLY A 79 5.72 -4.55 -0.71
CA GLY A 79 4.70 -4.97 -1.66
C GLY A 79 3.87 -6.16 -1.19
N CYS A 80 3.15 -6.79 -2.13
CA CYS A 80 2.39 -8.00 -1.86
C CYS A 80 3.31 -9.16 -1.43
N SER A 81 4.55 -9.18 -1.90
CA SER A 81 5.54 -10.22 -1.59
C SER A 81 5.92 -10.25 -0.09
N ASP A 82 6.17 -9.10 0.53
CA ASP A 82 6.40 -8.99 1.99
C ASP A 82 5.09 -9.17 2.79
N LEU A 83 3.96 -8.66 2.29
CA LEU A 83 2.64 -8.82 2.93
C LEU A 83 2.27 -10.31 3.07
N GLU A 84 2.39 -11.07 1.98
CA GLU A 84 2.22 -12.52 1.97
C GLU A 84 3.26 -13.20 2.87
N ALA A 85 4.52 -12.78 2.84
CA ALA A 85 5.57 -13.44 3.62
C ALA A 85 5.34 -13.32 5.14
N LEU A 86 4.76 -12.21 5.60
CA LEU A 86 4.35 -12.00 7.00
C LEU A 86 3.02 -12.70 7.35
N ASP A 87 2.15 -12.99 6.39
CA ASP A 87 1.01 -13.91 6.58
C ASP A 87 1.50 -15.36 6.72
N LYS A 88 2.49 -15.77 5.91
CA LYS A 88 3.12 -17.10 5.98
C LYS A 88 3.90 -17.32 7.28
N GLU A 89 4.43 -16.28 7.92
CA GLU A 89 4.99 -16.33 9.28
C GLU A 89 3.97 -16.02 10.41
N GLY A 90 2.70 -15.76 10.08
CA GLY A 90 1.65 -15.47 11.04
C GLY A 90 1.78 -14.13 11.78
N LYS A 91 2.78 -13.31 11.44
CA LYS A 91 3.14 -12.05 12.10
C LYS A 91 2.22 -10.90 11.69
N LEU A 92 1.66 -10.98 10.48
CA LEU A 92 0.62 -10.06 9.98
C LEU A 92 -0.61 -10.00 10.90
N ASP A 93 -0.98 -11.13 11.49
CA ASP A 93 -2.11 -11.20 12.43
C ASP A 93 -1.88 -10.41 13.73
N GLY A 94 -0.62 -10.26 14.16
CA GLY A 94 -0.27 -9.38 15.29
C GLY A 94 -0.28 -7.91 14.88
N LEU A 95 0.16 -7.60 13.65
CA LEU A 95 0.24 -6.23 13.13
C LEU A 95 -1.13 -5.60 12.87
N LEU A 96 -2.18 -6.39 12.60
CA LEU A 96 -3.50 -5.90 12.19
C LEU A 96 -4.59 -5.97 13.29
N SER A 97 -4.24 -6.42 14.51
CA SER A 97 -5.17 -6.66 15.65
C SER A 97 -5.09 -5.63 16.75
N GLY A 1 7.56 23.67 -0.58
CA GLY A 1 7.52 23.39 0.86
C GLY A 1 6.12 23.57 1.44
N ALA A 2 5.92 23.09 2.67
CA ALA A 2 4.62 23.12 3.38
C ALA A 2 3.43 22.58 2.56
N MET A 3 3.65 21.50 1.81
CA MET A 3 2.69 20.87 0.88
C MET A 3 2.74 19.34 1.05
N PRO A 4 1.96 18.77 1.98
CA PRO A 4 1.96 17.32 2.24
C PRO A 4 1.38 16.51 1.07
N SER A 5 1.89 15.30 0.88
CA SER A 5 1.55 14.34 -0.18
C SER A 5 0.81 13.12 0.41
N ILE A 6 0.92 11.95 -0.24
CA ILE A 6 0.37 10.66 0.24
C ILE A 6 0.80 10.29 1.66
N ALA A 7 1.91 10.83 2.15
CA ALA A 7 2.45 10.45 3.46
C ALA A 7 1.48 10.76 4.62
N SER A 8 0.67 11.82 4.51
CA SER A 8 -0.39 12.15 5.48
C SER A 8 -1.66 11.28 5.34
N MET A 9 -1.85 10.63 4.18
CA MET A 9 -2.97 9.71 3.96
C MET A 9 -2.78 8.37 4.69
N ILE A 10 -1.53 7.98 4.96
CA ILE A 10 -1.18 6.73 5.65
C ILE A 10 -1.73 6.71 7.09
N LYS A 11 -1.79 7.86 7.76
CA LYS A 11 -2.37 8.02 9.10
C LYS A 11 -3.91 8.03 9.10
N GLY A 12 -4.53 7.87 7.93
CA GLY A 12 -5.99 7.90 7.74
C GLY A 12 -6.72 6.56 7.97
N ASN A 13 -5.99 5.43 7.95
CA ASN A 13 -6.52 4.07 8.14
C ASN A 13 -5.46 3.12 8.74
N LYS A 14 -5.88 1.91 9.13
CA LYS A 14 -4.96 0.86 9.61
C LYS A 14 -4.10 0.28 8.49
N VAL A 15 -4.66 0.13 7.28
CA VAL A 15 -3.92 -0.25 6.05
C VAL A 15 -4.21 0.74 4.92
N VAL A 16 -3.17 1.16 4.20
CA VAL A 16 -3.27 2.03 3.01
C VAL A 16 -2.44 1.45 1.86
N VAL A 17 -3.04 1.30 0.68
CA VAL A 17 -2.41 0.69 -0.51
C VAL A 17 -2.45 1.62 -1.72
N PHE A 18 -1.41 1.58 -2.54
CA PHE A 18 -1.30 2.29 -3.83
C PHE A 18 -1.10 1.25 -4.94
N SER A 19 -2.11 1.12 -5.80
CA SER A 19 -2.29 0.08 -6.82
C SER A 19 -2.61 0.71 -8.18
N TRP A 20 -2.83 -0.13 -9.20
CA TRP A 20 -3.55 0.22 -10.43
C TRP A 20 -4.65 -0.82 -10.64
N VAL A 21 -5.84 -0.37 -11.04
CA VAL A 21 -7.05 -1.23 -11.09
C VAL A 21 -6.85 -2.44 -12.03
N THR A 22 -6.04 -2.26 -13.07
CA THR A 22 -5.72 -3.22 -14.13
C THR A 22 -4.63 -4.24 -13.79
N CYS A 23 -3.90 -4.10 -12.69
CA CYS A 23 -2.70 -4.92 -12.45
C CYS A 23 -3.07 -6.22 -11.72
N PRO A 24 -2.46 -7.38 -12.04
CA PRO A 24 -2.80 -8.62 -11.34
C PRO A 24 -2.20 -8.71 -9.94
N TYR A 25 -1.03 -8.10 -9.72
CA TYR A 25 -0.38 -8.00 -8.41
C TYR A 25 -1.19 -7.17 -7.40
N CYS A 26 -1.79 -6.08 -7.86
CA CYS A 26 -2.74 -5.27 -7.11
C CYS A 26 -3.84 -6.17 -6.53
N VAL A 27 -4.53 -6.92 -7.39
CA VAL A 27 -5.69 -7.74 -7.00
C VAL A 27 -5.32 -8.84 -6.00
N ARG A 28 -4.18 -9.53 -6.17
CA ARG A 28 -3.78 -10.55 -5.19
C ARG A 28 -3.41 -10.00 -3.80
N ALA A 29 -3.09 -8.70 -3.70
CA ALA A 29 -3.03 -8.01 -2.42
C ALA A 29 -4.43 -7.57 -1.95
N GLU A 30 -5.20 -6.84 -2.77
CA GLU A 30 -6.58 -6.41 -2.46
C GLU A 30 -7.44 -7.53 -1.88
N LYS A 31 -7.39 -8.69 -2.53
CA LYS A 31 -8.19 -9.87 -2.21
C LYS A 31 -7.82 -10.49 -0.86
N LEU A 32 -6.53 -10.47 -0.53
CA LEU A 32 -6.00 -10.95 0.75
C LEU A 32 -6.25 -9.92 1.88
N LEU A 33 -6.17 -8.63 1.57
CA LEU A 33 -6.56 -7.56 2.51
C LEU A 33 -8.07 -7.61 2.82
N HIS A 34 -8.92 -8.00 1.86
CA HIS A 34 -10.33 -8.34 2.11
C HIS A 34 -10.52 -9.67 2.86
N ALA A 35 -9.59 -10.63 2.77
CA ALA A 35 -9.65 -11.87 3.54
C ALA A 35 -9.29 -11.67 5.03
N ARG A 36 -8.32 -10.78 5.32
CA ARG A 36 -7.75 -10.57 6.67
C ARG A 36 -8.33 -9.37 7.43
N THR A 37 -8.79 -8.34 6.72
CA THR A 37 -9.03 -6.99 7.28
C THR A 37 -10.35 -6.36 6.81
N LYS A 38 -10.79 -5.31 7.52
CA LYS A 38 -11.85 -4.39 7.07
C LYS A 38 -11.39 -2.92 7.03
N ASP A 39 -10.40 -2.57 7.84
CA ASP A 39 -9.85 -1.21 7.96
C ASP A 39 -8.77 -0.88 6.92
N ILE A 40 -9.06 -1.17 5.65
CA ILE A 40 -8.17 -1.02 4.49
C ILE A 40 -8.70 0.02 3.50
N THR A 41 -7.80 0.90 3.04
CA THR A 41 -8.04 1.86 1.95
C THR A 41 -7.03 1.65 0.83
N VAL A 42 -7.48 1.69 -0.43
CA VAL A 42 -6.64 1.64 -1.63
C VAL A 42 -6.91 2.79 -2.59
N HIS A 43 -5.82 3.27 -3.19
CA HIS A 43 -5.70 4.39 -4.10
C HIS A 43 -5.14 3.91 -5.45
N TYR A 44 -5.70 4.36 -6.56
CA TYR A 44 -5.34 3.89 -7.90
C TYR A 44 -4.57 4.95 -8.70
N VAL A 45 -3.23 4.93 -8.65
CA VAL A 45 -2.35 5.97 -9.25
C VAL A 45 -2.14 5.83 -10.77
N ASP A 46 -3.25 5.59 -11.45
CA ASP A 46 -3.46 5.55 -12.91
C ASP A 46 -4.87 6.07 -13.26
N LYS A 47 -5.82 5.94 -12.33
CA LYS A 47 -7.03 6.79 -12.25
C LYS A 47 -6.65 8.20 -11.79
N MET A 48 -5.70 8.33 -10.85
CA MET A 48 -5.25 9.61 -10.33
C MET A 48 -4.44 10.41 -11.38
N SER A 49 -4.82 11.66 -11.62
CA SER A 49 -4.15 12.57 -12.58
C SER A 49 -2.86 13.20 -12.05
N GLU A 50 -2.65 13.21 -10.73
CA GLU A 50 -1.37 13.52 -10.07
C GLU A 50 -0.54 12.26 -9.73
N GLY A 51 -1.09 11.05 -9.94
CA GLY A 51 -0.55 9.76 -9.48
C GLY A 51 0.92 9.48 -9.80
N GLU A 52 1.48 10.07 -10.86
CA GLU A 52 2.89 9.91 -11.22
C GLU A 52 3.84 10.67 -10.26
N GLN A 53 3.37 11.76 -9.66
CA GLN A 53 4.09 12.50 -8.60
C GLN A 53 4.11 11.68 -7.30
N LEU A 54 3.02 10.97 -7.00
CA LEU A 54 2.89 10.08 -5.83
C LEU A 54 3.67 8.77 -6.00
N ARG A 55 3.74 8.19 -7.21
CA ARG A 55 4.74 7.17 -7.57
C ARG A 55 6.17 7.66 -7.27
N GLY A 56 6.44 8.93 -7.58
CA GLY A 56 7.68 9.63 -7.24
C GLY A 56 7.93 9.82 -5.74
N GLU A 57 6.89 10.01 -4.90
CA GLU A 57 7.09 10.09 -3.44
C GLU A 57 7.63 8.76 -2.88
N ILE A 58 7.09 7.63 -3.36
CA ILE A 58 7.52 6.29 -2.98
C ILE A 58 8.92 6.00 -3.56
N TYR A 59 9.21 6.42 -4.79
CA TYR A 59 10.52 6.17 -5.40
C TYR A 59 11.64 6.99 -4.75
N GLN A 60 11.44 8.28 -4.49
CA GLN A 60 12.46 9.13 -3.85
C GLN A 60 12.83 8.64 -2.44
N ALA A 61 11.89 8.03 -1.70
CA ALA A 61 12.14 7.43 -0.39
C ALA A 61 12.72 5.99 -0.47
N TYR A 62 12.04 5.08 -1.17
CA TYR A 62 12.22 3.63 -1.04
C TYR A 62 12.70 2.94 -2.32
N LYS A 63 12.88 3.69 -3.41
CA LYS A 63 13.32 3.22 -4.74
C LYS A 63 12.46 2.07 -5.31
N HIS A 64 11.18 2.05 -4.95
CA HIS A 64 10.18 1.05 -5.35
C HIS A 64 9.32 1.61 -6.50
N GLU A 65 9.32 0.96 -7.67
CA GLU A 65 8.66 1.46 -8.91
C GLU A 65 7.49 0.57 -9.41
N THR A 66 7.42 -0.66 -8.93
CA THR A 66 6.29 -1.57 -9.17
C THR A 66 5.05 -1.21 -8.34
N VAL A 67 3.90 -1.79 -8.68
CA VAL A 67 2.68 -1.80 -7.84
C VAL A 67 2.25 -3.24 -7.51
N PRO A 68 1.58 -3.48 -6.37
CA PRO A 68 1.19 -2.50 -5.35
C PRO A 68 2.34 -2.08 -4.42
N ALA A 69 2.22 -0.89 -3.86
CA ALA A 69 2.95 -0.44 -2.67
C ALA A 69 1.99 -0.44 -1.47
N ILE A 70 2.43 -0.95 -0.32
CA ILE A 70 1.58 -1.29 0.82
C ILE A 70 2.13 -0.61 2.09
N PHE A 71 1.25 -0.13 2.97
CA PHE A 71 1.60 0.52 4.22
C PHE A 71 0.65 0.07 5.34
N ILE A 72 1.17 -0.23 6.54
CA ILE A 72 0.37 -0.74 7.67
C ILE A 72 0.75 0.01 8.96
N ASN A 73 -0.22 0.65 9.61
CA ASN A 73 -0.02 1.48 10.79
C ASN A 73 1.12 2.52 10.63
N GLY A 74 1.34 3.00 9.40
CA GLY A 74 2.37 3.98 9.04
C GLY A 74 3.71 3.45 8.50
N ASN A 75 4.01 2.14 8.53
CA ASN A 75 5.19 1.54 7.98
C ASN A 75 5.16 1.41 6.45
N PHE A 76 6.29 1.07 5.82
CA PHE A 76 6.35 0.70 4.40
C PHE A 76 6.61 -0.82 4.22
N ILE A 77 5.78 -1.45 3.40
CA ILE A 77 5.81 -2.88 3.07
C ILE A 77 6.17 -3.05 1.59
N GLY A 78 7.26 -3.78 1.33
CA GLY A 78 7.97 -3.82 0.04
C GLY A 78 7.34 -4.57 -1.13
N GLY A 79 6.04 -4.75 -1.06
CA GLY A 79 5.18 -5.33 -2.10
C GLY A 79 4.40 -6.57 -1.66
N CYS A 80 3.73 -7.22 -2.63
CA CYS A 80 2.84 -8.35 -2.36
C CYS A 80 3.58 -9.59 -1.83
N SER A 81 4.78 -9.91 -2.34
CA SER A 81 5.60 -11.03 -1.84
C SER A 81 6.05 -10.88 -0.38
N ASP A 82 6.04 -9.66 0.18
CA ASP A 82 6.36 -9.38 1.59
C ASP A 82 5.09 -9.44 2.45
N LEU A 83 3.99 -8.84 1.98
CA LEU A 83 2.67 -8.91 2.63
C LEU A 83 2.20 -10.37 2.80
N GLU A 84 2.26 -11.16 1.74
CA GLU A 84 1.90 -12.58 1.77
C GLU A 84 2.88 -13.41 2.63
N ALA A 85 4.15 -13.01 2.74
CA ALA A 85 5.13 -13.69 3.60
C ALA A 85 4.90 -13.42 5.10
N LEU A 86 4.55 -12.18 5.46
CA LEU A 86 4.26 -11.78 6.84
C LEU A 86 3.00 -12.46 7.40
N ASP A 87 2.04 -12.82 6.54
CA ASP A 87 0.86 -13.63 6.89
C ASP A 87 1.28 -15.01 7.44
N LYS A 88 2.20 -15.69 6.75
CA LYS A 88 2.73 -17.01 7.15
C LYS A 88 3.59 -16.95 8.42
N GLU A 89 4.44 -15.92 8.54
CA GLU A 89 5.32 -15.70 9.70
C GLU A 89 4.61 -15.24 10.98
N GLY A 90 3.27 -15.11 10.98
CA GLY A 90 2.50 -14.71 12.16
C GLY A 90 2.69 -13.24 12.56
N LYS A 91 3.23 -12.41 11.66
CA LYS A 91 3.58 -11.00 11.90
C LYS A 91 2.53 -10.04 11.33
N LEU A 92 1.87 -10.36 10.21
CA LEU A 92 0.80 -9.54 9.66
C LEU A 92 -0.36 -9.38 10.65
N ASP A 93 -0.73 -10.46 11.35
CA ASP A 93 -1.75 -10.46 12.39
C ASP A 93 -1.46 -9.46 13.53
N GLY A 94 -0.19 -9.37 13.95
CA GLY A 94 0.27 -8.44 15.00
C GLY A 94 0.41 -7.00 14.51
N LEU A 95 0.81 -6.81 13.24
CA LEU A 95 0.84 -5.49 12.59
C LEU A 95 -0.56 -4.88 12.42
N LEU A 96 -1.62 -5.70 12.43
CA LEU A 96 -3.03 -5.31 12.35
C LEU A 96 -3.75 -5.33 13.71
N SER A 97 -3.09 -5.74 14.80
CA SER A 97 -3.64 -5.83 16.17
C SER A 97 -3.35 -4.57 16.99
N GLY A 1 -0.77 18.74 5.31
CA GLY A 1 -0.21 19.92 5.99
C GLY A 1 0.56 20.79 5.03
N ALA A 2 1.81 21.11 5.33
CA ALA A 2 2.72 21.80 4.41
C ALA A 2 3.31 20.83 3.38
N MET A 3 3.41 21.23 2.11
CA MET A 3 3.80 20.36 0.99
C MET A 3 2.99 19.04 0.95
N PRO A 4 1.64 19.08 0.89
CA PRO A 4 0.78 17.92 1.12
C PRO A 4 0.87 16.88 0.00
N SER A 5 0.86 15.59 0.36
CA SER A 5 0.88 14.47 -0.57
C SER A 5 0.19 13.22 -0.01
N ILE A 6 0.38 12.07 -0.67
CA ILE A 6 0.00 10.75 -0.16
C ILE A 6 0.65 10.40 1.19
N ALA A 7 1.77 11.05 1.53
CA ALA A 7 2.55 10.72 2.71
C ALA A 7 1.84 11.07 4.04
N SER A 8 0.87 11.98 4.00
CA SER A 8 -0.10 12.22 5.10
C SER A 8 -1.27 11.23 5.07
N MET A 9 -1.71 10.79 3.89
CA MET A 9 -2.81 9.83 3.73
C MET A 9 -2.52 8.47 4.38
N ILE A 10 -1.23 8.09 4.52
CA ILE A 10 -0.79 6.87 5.21
C ILE A 10 -1.28 6.82 6.67
N LYS A 11 -1.36 7.97 7.34
CA LYS A 11 -1.77 8.09 8.75
C LYS A 11 -3.29 7.96 8.95
N GLY A 12 -4.07 7.84 7.87
CA GLY A 12 -5.53 7.78 7.89
C GLY A 12 -6.12 6.45 8.34
N ASN A 13 -5.40 5.33 8.17
CA ASN A 13 -5.92 3.99 8.44
C ASN A 13 -4.87 3.00 8.96
N LYS A 14 -5.35 1.82 9.38
CA LYS A 14 -4.51 0.68 9.77
C LYS A 14 -3.71 0.11 8.59
N VAL A 15 -4.31 0.10 7.40
CA VAL A 15 -3.68 -0.35 6.14
C VAL A 15 -3.96 0.65 5.02
N VAL A 16 -2.92 1.05 4.27
CA VAL A 16 -3.04 2.01 3.14
C VAL A 16 -2.24 1.51 1.95
N VAL A 17 -2.84 1.49 0.75
CA VAL A 17 -2.28 0.86 -0.46
C VAL A 17 -2.35 1.77 -1.68
N PHE A 18 -1.37 1.64 -2.58
CA PHE A 18 -1.31 2.34 -3.88
C PHE A 18 -1.15 1.31 -5.01
N SER A 19 -2.19 1.15 -5.82
CA SER A 19 -2.36 0.08 -6.82
C SER A 19 -2.74 0.63 -8.19
N TRP A 20 -2.79 -0.23 -9.22
CA TRP A 20 -3.41 0.06 -10.51
C TRP A 20 -4.49 -0.99 -10.79
N VAL A 21 -5.69 -0.57 -11.15
CA VAL A 21 -6.91 -1.43 -11.12
C VAL A 21 -6.80 -2.63 -12.10
N THR A 22 -5.98 -2.50 -13.14
CA THR A 22 -5.72 -3.55 -14.14
C THR A 22 -4.77 -4.66 -13.69
N CYS A 23 -3.98 -4.48 -12.62
CA CYS A 23 -2.73 -5.21 -12.49
C CYS A 23 -2.81 -6.44 -11.57
N PRO A 24 -2.02 -7.51 -11.84
CA PRO A 24 -2.26 -8.80 -11.22
C PRO A 24 -2.00 -8.82 -9.70
N TYR A 25 -0.84 -8.30 -9.28
CA TYR A 25 -0.42 -8.27 -7.89
C TYR A 25 -1.23 -7.30 -7.02
N CYS A 26 -1.72 -6.22 -7.63
CA CYS A 26 -2.71 -5.34 -7.04
C CYS A 26 -3.90 -6.15 -6.53
N VAL A 27 -4.49 -6.97 -7.39
CA VAL A 27 -5.68 -7.78 -7.06
C VAL A 27 -5.36 -8.85 -6.02
N ARG A 28 -4.17 -9.51 -6.11
CA ARG A 28 -3.70 -10.44 -5.08
C ARG A 28 -3.67 -9.79 -3.70
N ALA A 29 -3.10 -8.60 -3.59
CA ALA A 29 -3.06 -7.80 -2.36
C ALA A 29 -4.47 -7.36 -1.91
N GLU A 30 -5.22 -6.63 -2.74
CA GLU A 30 -6.59 -6.15 -2.44
C GLU A 30 -7.49 -7.25 -1.87
N LYS A 31 -7.45 -8.44 -2.49
CA LYS A 31 -8.29 -9.57 -2.11
C LYS A 31 -7.94 -10.09 -0.72
N LEU A 32 -6.64 -10.20 -0.44
CA LEU A 32 -6.09 -10.69 0.82
C LEU A 32 -6.28 -9.68 1.96
N LEU A 33 -6.20 -8.38 1.65
CA LEU A 33 -6.49 -7.31 2.61
C LEU A 33 -7.98 -7.29 2.97
N HIS A 34 -8.88 -7.46 2.00
CA HIS A 34 -10.30 -7.72 2.28
C HIS A 34 -10.51 -9.04 3.07
N ALA A 35 -9.61 -10.03 2.93
CA ALA A 35 -9.65 -11.28 3.69
C ALA A 35 -8.95 -11.23 5.08
N ARG A 36 -8.45 -10.06 5.52
CA ARG A 36 -7.86 -9.85 6.86
C ARG A 36 -8.47 -8.67 7.64
N THR A 37 -8.76 -7.55 6.99
CA THR A 37 -9.06 -6.27 7.68
C THR A 37 -10.16 -5.47 6.98
N LYS A 38 -11.14 -4.99 7.76
CA LYS A 38 -12.06 -3.92 7.33
C LYS A 38 -11.37 -2.55 7.24
N ASP A 39 -10.30 -2.33 8.00
CA ASP A 39 -9.61 -1.05 8.10
C ASP A 39 -8.51 -0.88 7.04
N ILE A 40 -8.92 -0.93 5.76
CA ILE A 40 -8.06 -0.76 4.58
C ILE A 40 -8.52 0.42 3.70
N THR A 41 -7.55 1.19 3.22
CA THR A 41 -7.68 2.28 2.25
C THR A 41 -6.82 1.99 1.02
N VAL A 42 -7.33 2.17 -0.19
CA VAL A 42 -6.51 2.13 -1.42
C VAL A 42 -6.77 3.29 -2.40
N HIS A 43 -5.68 3.78 -3.01
CA HIS A 43 -5.63 4.89 -3.95
C HIS A 43 -5.05 4.40 -5.28
N TYR A 44 -5.81 4.49 -6.37
CA TYR A 44 -5.43 3.82 -7.62
C TYR A 44 -4.68 4.76 -8.57
N VAL A 45 -3.35 4.79 -8.50
CA VAL A 45 -2.47 5.79 -9.18
C VAL A 45 -2.22 5.57 -10.68
N ASP A 46 -3.27 5.10 -11.36
CA ASP A 46 -3.48 5.10 -12.82
C ASP A 46 -4.91 5.57 -13.17
N LYS A 47 -5.88 5.34 -12.28
CA LYS A 47 -7.17 6.06 -12.23
C LYS A 47 -6.99 7.55 -11.93
N MET A 48 -5.90 7.92 -11.24
CA MET A 48 -5.54 9.32 -10.93
C MET A 48 -4.63 9.91 -12.03
N SER A 49 -4.80 11.19 -12.33
CA SER A 49 -4.11 11.88 -13.43
C SER A 49 -2.69 12.33 -13.07
N GLU A 50 -2.42 12.60 -11.78
CA GLU A 50 -1.13 13.03 -11.24
C GLU A 50 -0.33 11.87 -10.60
N GLY A 51 -0.81 10.62 -10.76
CA GLY A 51 -0.25 9.42 -10.12
C GLY A 51 1.26 9.18 -10.28
N GLU A 52 1.92 9.66 -11.35
CA GLU A 52 3.39 9.55 -11.46
C GLU A 52 4.14 10.46 -10.48
N GLN A 53 3.54 11.57 -10.02
CA GLN A 53 4.12 12.41 -8.97
C GLN A 53 3.90 11.80 -7.57
N LEU A 54 2.83 11.02 -7.37
CA LEU A 54 2.58 10.31 -6.12
C LEU A 54 3.40 9.01 -6.04
N ARG A 55 3.65 8.31 -7.17
CA ARG A 55 4.71 7.30 -7.27
C ARG A 55 6.09 7.92 -6.95
N GLY A 56 6.31 9.19 -7.31
CA GLY A 56 7.48 9.97 -6.89
C GLY A 56 7.64 10.07 -5.36
N GLU A 57 6.55 10.23 -4.59
CA GLU A 57 6.60 10.24 -3.12
C GLU A 57 7.00 8.88 -2.52
N ILE A 58 6.75 7.78 -3.24
CA ILE A 58 7.15 6.42 -2.86
C ILE A 58 8.62 6.18 -3.22
N TYR A 59 9.05 6.56 -4.42
CA TYR A 59 10.44 6.35 -4.84
C TYR A 59 11.43 7.23 -4.07
N GLN A 60 11.13 8.52 -3.88
CA GLN A 60 12.00 9.43 -3.15
C GLN A 60 12.28 8.95 -1.72
N ALA A 61 11.26 8.44 -1.01
CA ALA A 61 11.38 8.04 0.39
C ALA A 61 11.84 6.58 0.59
N TYR A 62 11.38 5.63 -0.23
CA TYR A 62 11.56 4.18 -0.02
C TYR A 62 12.25 3.45 -1.19
N LYS A 63 12.56 4.16 -2.28
CA LYS A 63 13.14 3.65 -3.54
C LYS A 63 12.34 2.49 -4.15
N HIS A 64 11.02 2.67 -4.25
CA HIS A 64 10.09 1.73 -4.89
C HIS A 64 9.14 2.43 -5.85
N GLU A 65 8.86 1.77 -6.96
CA GLU A 65 8.38 2.36 -8.21
C GLU A 65 7.22 1.58 -8.85
N THR A 66 7.19 0.27 -8.60
CA THR A 66 6.18 -0.72 -9.03
C THR A 66 4.91 -0.70 -8.17
N VAL A 67 3.84 -1.36 -8.63
CA VAL A 67 2.60 -1.56 -7.87
C VAL A 67 2.33 -3.04 -7.55
N PRO A 68 1.60 -3.36 -6.46
CA PRO A 68 1.11 -2.44 -5.42
C PRO A 68 2.21 -2.03 -4.44
N ALA A 69 2.18 -0.78 -3.99
CA ALA A 69 2.94 -0.31 -2.83
C ALA A 69 2.03 -0.32 -1.60
N ILE A 70 2.48 -0.96 -0.51
CA ILE A 70 1.62 -1.32 0.64
C ILE A 70 2.22 -0.73 1.92
N PHE A 71 1.36 -0.27 2.82
CA PHE A 71 1.76 0.29 4.11
C PHE A 71 0.84 -0.20 5.24
N ILE A 72 1.42 -0.44 6.42
CA ILE A 72 0.72 -0.86 7.65
C ILE A 72 1.16 0.05 8.80
N ASN A 73 0.22 0.78 9.42
CA ASN A 73 0.47 1.74 10.49
C ASN A 73 1.70 2.66 10.23
N GLY A 74 1.79 3.20 9.00
CA GLY A 74 2.90 4.05 8.56
C GLY A 74 4.21 3.36 8.17
N ASN A 75 4.33 2.03 8.30
CA ASN A 75 5.50 1.24 7.87
C ASN A 75 5.36 0.81 6.40
N PHE A 76 6.42 0.87 5.60
CA PHE A 76 6.42 0.43 4.20
C PHE A 76 6.62 -1.10 4.08
N ILE A 77 5.84 -1.73 3.21
CA ILE A 77 5.82 -3.17 2.92
C ILE A 77 6.23 -3.38 1.45
N GLY A 78 7.25 -4.21 1.22
CA GLY A 78 8.01 -4.28 -0.04
C GLY A 78 7.32 -4.84 -1.30
N GLY A 79 6.05 -5.18 -1.19
CA GLY A 79 5.17 -5.63 -2.28
C GLY A 79 4.19 -6.73 -1.85
N CYS A 80 3.50 -7.32 -2.82
CA CYS A 80 2.49 -8.35 -2.57
C CYS A 80 3.10 -9.62 -1.95
N SER A 81 4.27 -10.06 -2.43
CA SER A 81 4.95 -11.24 -1.88
C SER A 81 5.57 -11.02 -0.50
N ASP A 82 5.84 -9.77 -0.09
CA ASP A 82 6.17 -9.40 1.29
C ASP A 82 4.94 -9.45 2.21
N LEU A 83 3.79 -8.95 1.74
CA LEU A 83 2.52 -9.01 2.46
C LEU A 83 2.09 -10.46 2.72
N GLU A 84 2.19 -11.32 1.70
CA GLU A 84 1.95 -12.76 1.85
C GLU A 84 3.00 -13.41 2.78
N ALA A 85 4.27 -13.02 2.72
CA ALA A 85 5.31 -13.58 3.58
C ALA A 85 5.03 -13.29 5.07
N LEU A 86 4.51 -12.12 5.40
CA LEU A 86 4.12 -11.78 6.78
C LEU A 86 2.92 -12.61 7.27
N ASP A 87 2.03 -13.05 6.35
CA ASP A 87 0.93 -13.97 6.69
C ASP A 87 1.45 -15.37 7.03
N LYS A 88 2.41 -15.90 6.24
CA LYS A 88 3.07 -17.19 6.49
C LYS A 88 4.00 -17.18 7.71
N GLU A 89 4.70 -16.07 7.96
CA GLU A 89 5.56 -15.85 9.15
C GLU A 89 4.77 -15.64 10.45
N GLY A 90 3.44 -15.50 10.37
CA GLY A 90 2.57 -15.34 11.54
C GLY A 90 2.53 -13.92 12.11
N LYS A 91 3.12 -12.95 11.40
CA LYS A 91 3.29 -11.55 11.81
C LYS A 91 2.13 -10.66 11.38
N LEU A 92 1.47 -10.96 10.26
CA LEU A 92 0.33 -10.17 9.78
C LEU A 92 -0.83 -10.18 10.80
N ASP A 93 -1.05 -11.30 11.48
CA ASP A 93 -2.00 -11.43 12.59
C ASP A 93 -1.58 -10.58 13.82
N GLY A 94 -0.28 -10.47 14.08
CA GLY A 94 0.27 -9.66 15.19
C GLY A 94 0.29 -8.15 14.91
N LEU A 95 0.31 -7.76 13.63
CA LEU A 95 0.27 -6.38 13.17
C LEU A 95 -1.17 -5.84 13.01
N LEU A 96 -2.15 -6.71 12.74
CA LEU A 96 -3.52 -6.29 12.37
C LEU A 96 -4.61 -6.74 13.35
N SER A 97 -4.35 -7.71 14.23
CA SER A 97 -5.26 -8.22 15.28
C SER A 97 -6.66 -8.59 14.77
N GLY A 1 -3.13 27.55 2.24
CA GLY A 1 -2.91 26.47 3.21
C GLY A 1 -1.85 25.49 2.72
N ALA A 2 -1.61 24.41 3.46
CA ALA A 2 -0.55 23.44 3.16
C ALA A 2 -0.93 22.47 2.01
N MET A 3 0.09 21.91 1.35
CA MET A 3 -0.05 20.96 0.24
C MET A 3 0.54 19.57 0.60
N PRO A 4 -0.22 18.68 1.25
CA PRO A 4 0.24 17.32 1.57
C PRO A 4 0.22 16.37 0.35
N SER A 5 1.19 15.46 0.33
CA SER A 5 1.26 14.33 -0.60
C SER A 5 0.48 13.10 -0.08
N ILE A 6 0.65 11.96 -0.74
CA ILE A 6 0.20 10.64 -0.26
C ILE A 6 0.66 10.32 1.18
N ALA A 7 1.73 10.95 1.67
CA ALA A 7 2.31 10.65 2.97
C ALA A 7 1.35 10.94 4.15
N SER A 8 0.40 11.87 4.01
CA SER A 8 -0.64 12.09 5.04
C SER A 8 -1.87 11.17 4.90
N MET A 9 -2.03 10.44 3.79
CA MET A 9 -3.05 9.39 3.66
C MET A 9 -2.73 8.19 4.57
N ILE A 10 -1.44 7.89 4.79
CA ILE A 10 -0.99 6.73 5.58
C ILE A 10 -1.49 6.79 7.02
N LYS A 11 -1.67 8.00 7.57
CA LYS A 11 -2.09 8.24 8.95
C LYS A 11 -3.58 7.94 9.21
N GLY A 12 -4.37 7.69 8.16
CA GLY A 12 -5.84 7.68 8.21
C GLY A 12 -6.52 6.34 8.56
N ASN A 13 -5.90 5.20 8.23
CA ASN A 13 -6.43 3.84 8.45
C ASN A 13 -5.30 2.86 8.79
N LYS A 14 -5.66 1.73 9.43
CA LYS A 14 -4.73 0.64 9.82
C LYS A 14 -3.87 0.11 8.66
N VAL A 15 -4.45 -0.07 7.47
CA VAL A 15 -3.73 -0.46 6.25
C VAL A 15 -4.02 0.55 5.12
N VAL A 16 -2.98 0.95 4.39
CA VAL A 16 -3.07 1.89 3.25
C VAL A 16 -2.27 1.36 2.05
N VAL A 17 -2.87 1.35 0.86
CA VAL A 17 -2.31 0.73 -0.37
C VAL A 17 -2.34 1.71 -1.55
N PHE A 18 -1.36 1.60 -2.44
CA PHE A 18 -1.31 2.32 -3.71
C PHE A 18 -1.17 1.32 -4.86
N SER A 19 -2.20 1.27 -5.70
CA SER A 19 -2.42 0.24 -6.73
C SER A 19 -2.73 0.89 -8.09
N TRP A 20 -2.70 0.07 -9.14
CA TRP A 20 -3.41 0.35 -10.39
C TRP A 20 -4.53 -0.64 -10.54
N VAL A 21 -5.72 -0.17 -10.93
CA VAL A 21 -6.87 -1.07 -11.20
C VAL A 21 -6.53 -2.09 -12.30
N THR A 22 -5.63 -1.74 -13.22
CA THR A 22 -5.13 -2.61 -14.30
C THR A 22 -4.27 -3.79 -13.82
N CYS A 23 -3.70 -3.73 -12.62
CA CYS A 23 -2.60 -4.60 -12.24
C CYS A 23 -3.11 -5.90 -11.61
N PRO A 24 -2.47 -7.07 -11.84
CA PRO A 24 -2.91 -8.30 -11.21
C PRO A 24 -2.52 -8.43 -9.73
N TYR A 25 -1.30 -8.00 -9.40
CA TYR A 25 -0.75 -7.95 -8.03
C TYR A 25 -1.56 -7.09 -7.09
N CYS A 26 -2.10 -5.99 -7.61
CA CYS A 26 -3.05 -5.12 -6.94
C CYS A 26 -4.21 -5.96 -6.40
N VAL A 27 -4.89 -6.73 -7.26
CA VAL A 27 -6.04 -7.56 -6.87
C VAL A 27 -5.62 -8.68 -5.92
N ARG A 28 -4.46 -9.30 -6.16
CA ARG A 28 -3.75 -10.20 -5.24
C ARG A 28 -3.45 -9.61 -3.84
N ALA A 29 -3.29 -8.30 -3.69
CA ALA A 29 -3.29 -7.62 -2.39
C ALA A 29 -4.70 -7.28 -1.90
N GLU A 30 -5.50 -6.55 -2.69
CA GLU A 30 -6.87 -6.11 -2.37
C GLU A 30 -7.77 -7.23 -1.86
N LYS A 31 -7.63 -8.43 -2.42
CA LYS A 31 -8.43 -9.60 -2.09
C LYS A 31 -8.02 -10.21 -0.74
N LEU A 32 -6.72 -10.32 -0.50
CA LEU A 32 -6.14 -10.87 0.73
C LEU A 32 -6.33 -9.91 1.89
N LEU A 33 -6.18 -8.61 1.65
CA LEU A 33 -6.41 -7.57 2.65
C LEU A 33 -7.87 -7.58 3.11
N HIS A 34 -8.83 -7.55 2.18
CA HIS A 34 -10.25 -7.72 2.52
C HIS A 34 -10.61 -9.11 3.04
N ALA A 35 -9.76 -10.13 2.88
CA ALA A 35 -9.95 -11.41 3.57
C ALA A 35 -9.49 -11.34 5.04
N ARG A 36 -8.33 -10.73 5.31
CA ARG A 36 -7.68 -10.75 6.64
C ARG A 36 -8.25 -9.72 7.61
N THR A 37 -8.35 -8.45 7.20
CA THR A 37 -8.92 -7.33 7.99
C THR A 37 -9.34 -6.15 7.11
N LYS A 38 -10.58 -5.69 7.28
CA LYS A 38 -11.30 -4.76 6.38
C LYS A 38 -11.03 -3.28 6.61
N ASP A 39 -10.15 -2.93 7.56
CA ASP A 39 -9.67 -1.57 7.79
C ASP A 39 -8.52 -1.19 6.84
N ILE A 40 -8.79 -1.35 5.53
CA ILE A 40 -7.87 -1.12 4.42
C ILE A 40 -8.40 -0.03 3.47
N THR A 41 -7.56 0.97 3.22
CA THR A 41 -7.77 2.04 2.22
C THR A 41 -6.80 1.89 1.07
N VAL A 42 -7.27 2.15 -0.16
CA VAL A 42 -6.46 2.15 -1.37
C VAL A 42 -6.77 3.32 -2.30
N HIS A 43 -5.71 3.94 -2.81
CA HIS A 43 -5.75 5.03 -3.79
C HIS A 43 -5.22 4.52 -5.14
N TYR A 44 -6.00 4.69 -6.21
CA TYR A 44 -5.68 4.15 -7.54
C TYR A 44 -5.03 5.22 -8.41
N VAL A 45 -3.71 5.32 -8.31
CA VAL A 45 -2.91 6.36 -8.99
C VAL A 45 -2.96 6.27 -10.53
N ASP A 46 -3.47 5.16 -11.09
CA ASP A 46 -3.73 4.99 -12.52
C ASP A 46 -4.96 5.77 -13.02
N LYS A 47 -5.87 6.13 -12.11
CA LYS A 47 -7.07 6.93 -12.38
C LYS A 47 -6.83 8.44 -12.31
N MET A 48 -5.83 8.84 -11.52
CA MET A 48 -5.36 10.22 -11.37
C MET A 48 -4.64 10.73 -12.63
N SER A 49 -4.63 12.04 -12.84
CA SER A 49 -3.72 12.72 -13.78
C SER A 49 -2.36 13.01 -13.13
N GLU A 50 -2.30 13.13 -11.79
CA GLU A 50 -1.09 13.39 -11.00
C GLU A 50 -0.36 12.14 -10.48
N GLY A 51 -0.92 10.94 -10.67
CA GLY A 51 -0.40 9.69 -10.10
C GLY A 51 1.05 9.34 -10.44
N GLU A 52 1.58 9.84 -11.55
CA GLU A 52 3.00 9.68 -11.94
C GLU A 52 3.96 10.47 -11.03
N GLN A 53 3.49 11.51 -10.36
CA GLN A 53 4.24 12.23 -9.32
C GLN A 53 4.15 11.50 -7.96
N LEU A 54 3.02 10.88 -7.63
CA LEU A 54 2.85 10.12 -6.39
C LEU A 54 3.59 8.76 -6.43
N ARG A 55 3.68 8.11 -7.60
CA ARG A 55 4.64 7.03 -7.87
C ARG A 55 6.08 7.45 -7.54
N GLY A 56 6.43 8.68 -7.88
CA GLY A 56 7.71 9.31 -7.52
C GLY A 56 7.87 9.58 -6.02
N GLU A 57 6.82 9.99 -5.28
CA GLU A 57 6.91 10.13 -3.82
C GLU A 57 7.25 8.82 -3.09
N ILE A 58 6.81 7.67 -3.63
CA ILE A 58 7.17 6.35 -3.13
C ILE A 58 8.60 6.00 -3.54
N TYR A 59 8.99 6.25 -4.79
CA TYR A 59 10.34 5.89 -5.27
C TYR A 59 11.44 6.72 -4.59
N GLN A 60 11.26 8.03 -4.44
CA GLN A 60 12.23 8.92 -3.77
C GLN A 60 12.39 8.65 -2.27
N ALA A 61 11.46 7.91 -1.65
CA ALA A 61 11.50 7.52 -0.24
C ALA A 61 11.86 6.04 0.01
N TYR A 62 11.58 5.13 -0.94
CA TYR A 62 11.69 3.67 -0.75
C TYR A 62 12.20 2.86 -1.97
N LYS A 63 12.59 3.52 -3.08
CA LYS A 63 13.13 2.94 -4.34
C LYS A 63 12.27 1.87 -5.04
N HIS A 64 10.95 1.87 -4.80
CA HIS A 64 10.00 0.85 -5.27
C HIS A 64 9.21 1.35 -6.50
N GLU A 65 9.44 0.77 -7.69
CA GLU A 65 8.73 1.12 -8.94
C GLU A 65 7.54 0.20 -9.27
N THR A 66 7.48 -0.98 -8.65
CA THR A 66 6.39 -1.95 -8.77
C THR A 66 5.13 -1.50 -8.04
N VAL A 67 3.95 -1.96 -8.48
CA VAL A 67 2.69 -1.87 -7.70
C VAL A 67 2.15 -3.26 -7.33
N PRO A 68 1.41 -3.40 -6.22
CA PRO A 68 1.09 -2.36 -5.25
C PRO A 68 2.28 -2.01 -4.35
N ALA A 69 2.24 -0.78 -3.83
CA ALA A 69 2.98 -0.36 -2.65
C ALA A 69 2.04 -0.43 -1.43
N ILE A 70 2.54 -0.90 -0.28
CA ILE A 70 1.71 -1.31 0.86
C ILE A 70 2.25 -0.64 2.14
N PHE A 71 1.35 -0.20 3.01
CA PHE A 71 1.69 0.43 4.29
C PHE A 71 0.78 -0.07 5.42
N ILE A 72 1.33 -0.25 6.62
CA ILE A 72 0.63 -0.74 7.82
C ILE A 72 1.02 0.13 9.02
N ASN A 73 0.03 0.72 9.69
CA ASN A 73 0.23 1.60 10.85
C ASN A 73 1.37 2.64 10.66
N GLY A 74 1.39 3.36 9.53
CA GLY A 74 2.41 4.37 9.22
C GLY A 74 3.81 3.85 8.83
N ASN A 75 3.94 2.53 8.57
CA ASN A 75 5.19 1.88 8.17
C ASN A 75 5.08 1.28 6.75
N PHE A 76 6.14 1.38 5.95
CA PHE A 76 6.20 0.85 4.57
C PHE A 76 6.55 -0.64 4.52
N ILE A 77 5.76 -1.38 3.74
CA ILE A 77 5.89 -2.81 3.46
C ILE A 77 6.39 -2.97 2.03
N GLY A 78 7.52 -3.68 1.86
CA GLY A 78 8.35 -3.74 0.65
C GLY A 78 7.77 -4.41 -0.60
N GLY A 79 6.48 -4.69 -0.58
CA GLY A 79 5.65 -5.15 -1.70
C GLY A 79 4.59 -6.18 -1.29
N CYS A 80 3.83 -6.68 -2.26
CA CYS A 80 2.86 -7.78 -2.06
C CYS A 80 3.55 -9.03 -1.49
N SER A 81 4.73 -9.39 -1.99
CA SER A 81 5.48 -10.54 -1.48
C SER A 81 5.96 -10.36 -0.03
N ASP A 82 6.17 -9.13 0.45
CA ASP A 82 6.46 -8.87 1.87
C ASP A 82 5.22 -9.06 2.75
N LEU A 83 4.04 -8.60 2.29
CA LEU A 83 2.76 -8.81 2.96
C LEU A 83 2.45 -10.32 3.08
N GLU A 84 2.58 -11.06 1.98
CA GLU A 84 2.37 -12.51 1.95
C GLU A 84 3.44 -13.25 2.77
N ALA A 85 4.68 -12.76 2.81
CA ALA A 85 5.73 -13.35 3.65
C ALA A 85 5.49 -13.12 5.15
N LEU A 86 4.94 -11.96 5.55
CA LEU A 86 4.54 -11.68 6.94
C LEU A 86 3.27 -12.43 7.36
N ASP A 87 2.36 -12.71 6.41
CA ASP A 87 1.26 -13.66 6.59
C ASP A 87 1.82 -15.06 6.91
N LYS A 88 2.79 -15.53 6.13
CA LYS A 88 3.41 -16.87 6.29
C LYS A 88 4.27 -17.01 7.56
N GLU A 89 4.97 -15.96 8.01
CA GLU A 89 5.69 -15.96 9.32
C GLU A 89 4.78 -15.81 10.55
N GLY A 90 3.45 -15.72 10.36
CA GLY A 90 2.49 -15.59 11.46
C GLY A 90 2.53 -14.22 12.14
N LYS A 91 3.05 -13.19 11.47
CA LYS A 91 3.29 -11.85 12.01
C LYS A 91 2.22 -10.84 11.58
N LEU A 92 1.56 -11.06 10.44
CA LEU A 92 0.45 -10.21 9.95
C LEU A 92 -0.76 -10.26 10.89
N ASP A 93 -1.06 -11.42 11.47
CA ASP A 93 -2.11 -11.58 12.49
C ASP A 93 -1.92 -10.59 13.67
N GLY A 94 -0.68 -10.42 14.15
CA GLY A 94 -0.34 -9.49 15.23
C GLY A 94 -0.31 -8.02 14.82
N LEU A 95 0.01 -7.71 13.55
CA LEU A 95 -0.12 -6.37 12.97
C LEU A 95 -1.60 -5.94 12.89
N LEU A 96 -2.49 -6.86 12.50
CA LEU A 96 -3.88 -6.56 12.16
C LEU A 96 -4.87 -6.65 13.35
N SER A 97 -4.50 -7.34 14.43
CA SER A 97 -5.35 -7.51 15.63
C SER A 97 -5.53 -6.24 16.45
N GLY A 1 6.80 25.40 4.85
CA GLY A 1 6.51 23.98 5.08
C GLY A 1 6.45 23.21 3.76
N ALA A 2 6.42 21.88 3.85
CA ALA A 2 6.44 20.98 2.70
C ALA A 2 5.05 20.79 2.05
N MET A 3 5.03 20.31 0.81
CA MET A 3 3.80 20.01 0.07
C MET A 3 3.10 18.76 0.67
N PRO A 4 1.75 18.72 0.77
CA PRO A 4 1.04 17.50 1.16
C PRO A 4 0.98 16.50 0.00
N SER A 5 1.34 15.23 0.25
CA SER A 5 1.28 14.14 -0.74
C SER A 5 0.59 12.89 -0.16
N ILE A 6 0.78 11.72 -0.80
CA ILE A 6 0.32 10.41 -0.30
C ILE A 6 0.75 10.14 1.14
N ALA A 7 1.82 10.76 1.63
CA ALA A 7 2.38 10.51 2.95
C ALA A 7 1.39 10.78 4.10
N SER A 8 0.42 11.69 3.91
CA SER A 8 -0.65 11.95 4.90
C SER A 8 -1.80 10.92 4.82
N MET A 9 -2.05 10.35 3.64
CA MET A 9 -3.09 9.34 3.42
C MET A 9 -2.81 8.07 4.24
N ILE A 10 -1.52 7.73 4.37
CA ILE A 10 -1.01 6.53 5.05
C ILE A 10 -1.38 6.52 6.54
N LYS A 11 -1.53 7.71 7.11
CA LYS A 11 -1.78 7.93 8.54
C LYS A 11 -3.24 7.70 8.96
N GLY A 12 -4.17 7.67 8.00
CA GLY A 12 -5.62 7.72 8.28
C GLY A 12 -6.31 6.38 8.54
N ASN A 13 -5.78 5.28 8.01
CA ASN A 13 -6.34 3.93 8.15
C ASN A 13 -5.27 2.89 8.51
N LYS A 14 -5.65 1.80 9.17
CA LYS A 14 -4.70 0.78 9.67
C LYS A 14 -3.94 0.09 8.55
N VAL A 15 -4.57 -0.12 7.40
CA VAL A 15 -3.91 -0.54 6.15
C VAL A 15 -4.19 0.48 5.04
N VAL A 16 -3.14 0.90 4.33
CA VAL A 16 -3.24 1.83 3.19
C VAL A 16 -2.41 1.28 2.02
N VAL A 17 -3.03 1.17 0.84
CA VAL A 17 -2.42 0.57 -0.36
C VAL A 17 -2.47 1.52 -1.56
N PHE A 18 -1.46 1.46 -2.42
CA PHE A 18 -1.38 2.23 -3.67
C PHE A 18 -1.23 1.27 -4.86
N SER A 19 -2.30 1.15 -5.66
CA SER A 19 -2.49 0.12 -6.70
C SER A 19 -2.87 0.76 -8.05
N TRP A 20 -2.96 -0.07 -9.09
CA TRP A 20 -3.63 0.25 -10.36
C TRP A 20 -4.76 -0.74 -10.62
N VAL A 21 -5.86 -0.28 -11.21
CA VAL A 21 -7.00 -1.16 -11.54
C VAL A 21 -6.62 -2.16 -12.66
N THR A 22 -5.53 -1.86 -13.40
CA THR A 22 -4.94 -2.65 -14.50
C THR A 22 -3.93 -3.73 -14.09
N CYS A 23 -3.47 -3.79 -12.84
CA CYS A 23 -2.36 -4.67 -12.44
C CYS A 23 -2.84 -6.00 -11.84
N PRO A 24 -2.17 -7.14 -12.09
CA PRO A 24 -2.51 -8.40 -11.42
C PRO A 24 -2.12 -8.43 -9.93
N TYR A 25 -0.94 -7.91 -9.59
CA TYR A 25 -0.41 -7.82 -8.22
C TYR A 25 -1.32 -7.07 -7.24
N CYS A 26 -1.95 -6.02 -7.76
CA CYS A 26 -2.95 -5.19 -7.08
C CYS A 26 -4.08 -6.08 -6.56
N VAL A 27 -4.78 -6.79 -7.44
CA VAL A 27 -5.90 -7.68 -7.10
C VAL A 27 -5.46 -8.80 -6.17
N ARG A 28 -4.26 -9.34 -6.43
CA ARG A 28 -3.53 -10.27 -5.55
C ARG A 28 -3.37 -9.79 -4.09
N ALA A 29 -3.12 -8.50 -3.85
CA ALA A 29 -3.12 -7.90 -2.52
C ALA A 29 -4.56 -7.61 -2.03
N GLU A 30 -5.35 -6.87 -2.81
CA GLU A 30 -6.72 -6.46 -2.49
C GLU A 30 -7.60 -7.62 -2.01
N LYS A 31 -7.49 -8.77 -2.69
CA LYS A 31 -8.31 -9.95 -2.41
C LYS A 31 -8.09 -10.50 -1.01
N LEU A 32 -6.83 -10.50 -0.58
CA LEU A 32 -6.36 -10.99 0.71
C LEU A 32 -6.62 -9.97 1.82
N LEU A 33 -6.39 -8.68 1.55
CA LEU A 33 -6.66 -7.61 2.51
C LEU A 33 -8.14 -7.53 2.86
N HIS A 34 -9.04 -7.69 1.88
CA HIS A 34 -10.48 -7.80 2.15
C HIS A 34 -10.89 -9.13 2.81
N ALA A 35 -10.13 -10.22 2.66
CA ALA A 35 -10.41 -11.47 3.38
C ALA A 35 -9.98 -11.42 4.87
N ARG A 36 -9.01 -10.56 5.20
CA ARG A 36 -8.31 -10.50 6.50
C ARG A 36 -8.70 -9.30 7.37
N THR A 37 -9.02 -8.16 6.76
CA THR A 37 -9.13 -6.83 7.40
C THR A 37 -10.39 -6.02 7.04
N LYS A 38 -10.77 -5.14 7.95
CA LYS A 38 -11.86 -4.14 7.85
C LYS A 38 -11.34 -2.72 7.61
N ASP A 39 -10.16 -2.43 8.15
CA ASP A 39 -9.57 -1.09 8.20
C ASP A 39 -8.62 -0.79 7.01
N ILE A 40 -8.98 -1.26 5.80
CA ILE A 40 -8.16 -1.15 4.58
C ILE A 40 -8.70 -0.12 3.59
N THR A 41 -7.86 0.86 3.25
CA THR A 41 -8.08 1.85 2.18
C THR A 41 -7.06 1.63 1.06
N VAL A 42 -7.48 1.66 -0.20
CA VAL A 42 -6.61 1.65 -1.38
C VAL A 42 -6.86 2.84 -2.30
N HIS A 43 -5.78 3.43 -2.81
CA HIS A 43 -5.78 4.55 -3.76
C HIS A 43 -5.30 4.08 -5.14
N TYR A 44 -6.11 4.35 -6.17
CA TYR A 44 -5.84 3.93 -7.54
C TYR A 44 -5.22 5.08 -8.34
N VAL A 45 -3.92 5.29 -8.17
CA VAL A 45 -3.21 6.51 -8.64
C VAL A 45 -3.33 6.79 -10.14
N ASP A 46 -3.51 5.74 -10.96
CA ASP A 46 -3.71 5.86 -12.42
C ASP A 46 -5.09 6.45 -12.81
N LYS A 47 -6.05 6.52 -11.87
CA LYS A 47 -7.38 7.17 -12.03
C LYS A 47 -7.33 8.68 -11.79
N MET A 48 -6.21 9.15 -11.23
CA MET A 48 -5.94 10.54 -10.88
C MET A 48 -5.04 11.23 -11.92
N SER A 49 -4.84 12.55 -11.81
CA SER A 49 -4.04 13.35 -12.76
C SER A 49 -2.53 13.27 -12.51
N GLU A 50 -2.14 12.84 -11.31
CA GLU A 50 -0.79 12.99 -10.74
C GLU A 50 -0.11 11.68 -10.35
N GLY A 51 -0.66 10.51 -10.69
CA GLY A 51 -0.15 9.22 -10.22
C GLY A 51 1.34 8.96 -10.53
N GLU A 52 1.91 9.52 -11.60
CA GLU A 52 3.36 9.48 -11.85
C GLU A 52 4.17 10.30 -10.83
N GLN A 53 3.62 11.39 -10.31
CA GLN A 53 4.21 12.19 -9.23
C GLN A 53 4.10 11.47 -7.88
N LEU A 54 3.00 10.78 -7.58
CA LEU A 54 2.85 10.02 -6.33
C LEU A 54 3.66 8.72 -6.35
N ARG A 55 3.81 8.05 -7.50
CA ARG A 55 4.87 7.04 -7.71
C ARG A 55 6.26 7.63 -7.43
N GLY A 56 6.50 8.86 -7.86
CA GLY A 56 7.72 9.62 -7.52
C GLY A 56 7.90 9.94 -6.03
N GLU A 57 6.84 9.98 -5.21
CA GLU A 57 6.99 10.10 -3.74
C GLU A 57 7.54 8.82 -3.11
N ILE A 58 7.11 7.66 -3.63
CA ILE A 58 7.54 6.34 -3.16
C ILE A 58 8.99 6.09 -3.60
N TYR A 59 9.34 6.43 -4.84
CA TYR A 59 10.69 6.17 -5.33
C TYR A 59 11.76 7.04 -4.63
N GLN A 60 11.48 8.33 -4.43
CA GLN A 60 12.46 9.24 -3.81
C GLN A 60 12.78 8.89 -2.35
N ALA A 61 11.86 8.24 -1.63
CA ALA A 61 12.01 7.85 -0.23
C ALA A 61 12.39 6.36 -0.01
N TYR A 62 11.99 5.44 -0.91
CA TYR A 62 12.15 3.99 -0.71
C TYR A 62 12.76 3.24 -1.91
N LYS A 63 13.04 3.92 -3.04
CA LYS A 63 13.53 3.35 -4.30
C LYS A 63 12.69 2.17 -4.82
N HIS A 64 11.36 2.27 -4.67
CA HIS A 64 10.36 1.28 -5.05
C HIS A 64 9.33 1.89 -6.01
N GLU A 65 8.97 1.11 -7.01
CA GLU A 65 8.43 1.56 -8.31
C GLU A 65 7.33 0.63 -8.83
N THR A 66 7.44 -0.67 -8.55
CA THR A 66 6.48 -1.72 -8.97
C THR A 66 5.28 -1.85 -8.02
N VAL A 67 4.08 -1.51 -8.50
CA VAL A 67 2.80 -1.55 -7.73
C VAL A 67 2.38 -3.00 -7.36
N PRO A 68 1.61 -3.20 -6.26
CA PRO A 68 1.23 -2.21 -5.26
C PRO A 68 2.34 -1.83 -4.28
N ALA A 69 2.29 -0.60 -3.76
CA ALA A 69 2.98 -0.25 -2.52
C ALA A 69 2.02 -0.41 -1.34
N ILE A 70 2.50 -0.99 -0.24
CA ILE A 70 1.67 -1.44 0.89
C ILE A 70 2.17 -0.79 2.18
N PHE A 71 1.26 -0.41 3.07
CA PHE A 71 1.59 0.21 4.35
C PHE A 71 0.65 -0.26 5.47
N ILE A 72 1.19 -0.36 6.68
CA ILE A 72 0.46 -0.70 7.91
C ILE A 72 0.76 0.38 8.96
N ASN A 73 -0.26 1.03 9.51
CA ASN A 73 -0.13 2.12 10.49
C ASN A 73 0.85 3.27 10.08
N GLY A 74 1.07 3.53 8.79
CA GLY A 74 2.07 4.48 8.28
C GLY A 74 3.48 3.89 8.02
N ASN A 75 3.73 2.63 8.39
CA ASN A 75 5.00 1.91 8.20
C ASN A 75 4.99 1.15 6.86
N PHE A 76 6.13 1.09 6.15
CA PHE A 76 6.22 0.65 4.75
C PHE A 76 6.45 -0.87 4.56
N ILE A 77 5.83 -1.44 3.53
CA ILE A 77 5.90 -2.83 3.08
C ILE A 77 6.15 -2.86 1.55
N GLY A 78 7.21 -3.55 1.10
CA GLY A 78 7.74 -3.49 -0.27
C GLY A 78 6.86 -4.06 -1.39
N GLY A 79 5.81 -4.82 -1.04
CA GLY A 79 4.84 -5.35 -1.99
C GLY A 79 4.09 -6.58 -1.47
N CYS A 80 3.25 -7.18 -2.31
CA CYS A 80 2.44 -8.34 -1.94
C CYS A 80 3.28 -9.58 -1.59
N SER A 81 4.43 -9.80 -2.24
CA SER A 81 5.34 -10.92 -1.92
C SER A 81 5.96 -10.81 -0.51
N ASP A 82 6.03 -9.59 0.05
CA ASP A 82 6.49 -9.31 1.42
C ASP A 82 5.36 -9.39 2.45
N LEU A 83 4.16 -8.88 2.11
CA LEU A 83 2.93 -9.02 2.88
C LEU A 83 2.56 -10.50 3.12
N GLU A 84 2.52 -11.30 2.05
CA GLU A 84 2.22 -12.73 2.13
C GLU A 84 3.28 -13.49 2.94
N ALA A 85 4.51 -12.97 3.03
CA ALA A 85 5.58 -13.56 3.83
C ALA A 85 5.46 -13.25 5.33
N LEU A 86 4.92 -12.08 5.72
CA LEU A 86 4.55 -11.77 7.12
C LEU A 86 3.41 -12.66 7.63
N ASP A 87 2.47 -13.01 6.73
CA ASP A 87 1.42 -13.99 6.99
C ASP A 87 2.02 -15.37 7.28
N LYS A 88 3.01 -15.80 6.49
CA LYS A 88 3.63 -17.14 6.63
C LYS A 88 4.51 -17.24 7.89
N GLU A 89 5.13 -16.13 8.32
CA GLU A 89 5.86 -16.05 9.61
C GLU A 89 4.94 -16.03 10.85
N GLY A 90 3.63 -15.86 10.67
CA GLY A 90 2.69 -15.82 11.79
C GLY A 90 2.73 -14.50 12.59
N LYS A 91 3.06 -13.39 11.92
CA LYS A 91 3.38 -12.09 12.51
C LYS A 91 2.43 -10.98 12.06
N LEU A 92 1.66 -11.21 10.99
CA LEU A 92 0.76 -10.25 10.36
C LEU A 92 -0.46 -9.96 11.24
N ASP A 93 -1.02 -10.98 11.88
CA ASP A 93 -2.18 -10.81 12.77
C ASP A 93 -1.85 -9.94 14.01
N GLY A 94 -0.59 -9.96 14.46
CA GLY A 94 -0.06 -9.10 15.52
C GLY A 94 0.44 -7.72 15.05
N LEU A 95 0.59 -7.48 13.74
CA LEU A 95 0.76 -6.15 13.16
C LEU A 95 -0.60 -5.44 13.00
N LEU A 96 -1.62 -6.19 12.59
CA LEU A 96 -2.98 -5.72 12.28
C LEU A 96 -3.92 -5.72 13.52
N SER A 97 -3.34 -5.60 14.71
CA SER A 97 -4.02 -5.61 16.02
C SER A 97 -5.18 -4.62 16.16
N GLY A 1 4.86 15.40 0.97
CA GLY A 1 6.11 15.84 1.61
C GLY A 1 5.99 17.29 2.04
N ALA A 2 6.75 18.17 1.39
CA ALA A 2 6.76 19.62 1.64
C ALA A 2 5.39 20.31 1.45
N MET A 3 4.50 19.70 0.67
CA MET A 3 3.05 19.90 0.70
C MET A 3 2.35 18.54 0.97
N PRO A 4 1.12 18.50 1.50
CA PRO A 4 0.47 17.23 1.87
C PRO A 4 0.21 16.35 0.63
N SER A 5 0.92 15.22 0.55
CA SER A 5 0.82 14.22 -0.53
C SER A 5 0.12 12.95 -0.02
N ILE A 6 0.27 11.81 -0.72
CA ILE A 6 -0.13 10.49 -0.21
C ILE A 6 0.52 10.16 1.13
N ALA A 7 1.68 10.74 1.42
CA ALA A 7 2.47 10.40 2.60
C ALA A 7 1.76 10.79 3.92
N SER A 8 0.79 11.71 3.86
CA SER A 8 -0.07 12.08 4.99
C SER A 8 -1.34 11.22 5.12
N MET A 9 -1.77 10.52 4.05
CA MET A 9 -2.87 9.53 4.11
C MET A 9 -2.54 8.36 5.03
N ILE A 10 -1.26 7.98 5.10
CA ILE A 10 -0.77 6.84 5.88
C ILE A 10 -1.06 6.99 7.39
N LYS A 11 -1.34 8.21 7.85
CA LYS A 11 -1.69 8.53 9.24
C LYS A 11 -3.21 8.50 9.52
N GLY A 12 -4.06 8.38 8.50
CA GLY A 12 -5.54 8.41 8.62
C GLY A 12 -6.22 7.06 8.90
N ASN A 13 -5.74 5.98 8.28
CA ASN A 13 -6.30 4.60 8.41
C ASN A 13 -5.26 3.61 8.94
N LYS A 14 -5.72 2.42 9.35
CA LYS A 14 -4.84 1.32 9.82
C LYS A 14 -3.99 0.74 8.69
N VAL A 15 -4.57 0.53 7.51
CA VAL A 15 -3.87 0.03 6.30
C VAL A 15 -4.10 1.00 5.13
N VAL A 16 -3.03 1.33 4.40
CA VAL A 16 -3.09 2.21 3.20
C VAL A 16 -2.26 1.60 2.06
N VAL A 17 -2.79 1.59 0.84
CA VAL A 17 -2.21 0.88 -0.32
C VAL A 17 -2.21 1.76 -1.59
N PHE A 18 -1.22 1.56 -2.47
CA PHE A 18 -1.06 2.30 -3.73
C PHE A 18 -0.88 1.35 -4.91
N SER A 19 -1.74 1.45 -5.92
CA SER A 19 -1.98 0.38 -6.89
C SER A 19 -2.24 0.87 -8.32
N TRP A 20 -2.25 -0.09 -9.26
CA TRP A 20 -2.84 0.04 -10.60
C TRP A 20 -4.02 -0.94 -10.74
N VAL A 21 -5.11 -0.49 -11.37
CA VAL A 21 -6.46 -1.11 -11.26
C VAL A 21 -6.54 -2.57 -11.73
N THR A 22 -6.09 -2.86 -12.94
CA THR A 22 -6.40 -4.15 -13.62
C THR A 22 -5.35 -5.23 -13.44
N CYS A 23 -4.33 -4.91 -12.65
CA CYS A 23 -3.08 -5.65 -12.58
C CYS A 23 -3.11 -6.79 -11.55
N PRO A 24 -2.48 -7.95 -11.81
CA PRO A 24 -2.82 -9.15 -11.04
C PRO A 24 -2.39 -9.13 -9.57
N TYR A 25 -1.23 -8.54 -9.26
CA TYR A 25 -0.82 -8.29 -7.86
C TYR A 25 -1.87 -7.55 -7.06
N CYS A 26 -2.46 -6.56 -7.70
CA CYS A 26 -3.18 -5.52 -7.03
C CYS A 26 -4.59 -6.01 -6.69
N VAL A 27 -5.15 -6.87 -7.56
CA VAL A 27 -6.29 -7.74 -7.26
C VAL A 27 -5.97 -8.74 -6.14
N ARG A 28 -4.87 -9.51 -6.25
CA ARG A 28 -4.59 -10.59 -5.28
C ARG A 28 -4.25 -10.07 -3.87
N ALA A 29 -3.69 -8.88 -3.79
CA ALA A 29 -3.48 -8.16 -2.53
C ALA A 29 -4.78 -7.62 -1.95
N GLU A 30 -5.59 -6.86 -2.71
CA GLU A 30 -6.92 -6.38 -2.29
C GLU A 30 -7.78 -7.47 -1.65
N LYS A 31 -7.80 -8.65 -2.28
CA LYS A 31 -8.56 -9.80 -1.82
C LYS A 31 -8.08 -10.31 -0.47
N LEU A 32 -6.77 -10.45 -0.29
CA LEU A 32 -6.15 -10.97 0.93
C LEU A 32 -6.24 -9.95 2.07
N LEU A 33 -6.12 -8.65 1.77
CA LEU A 33 -6.35 -7.57 2.74
C LEU A 33 -7.80 -7.61 3.24
N HIS A 34 -8.78 -7.74 2.35
CA HIS A 34 -10.18 -7.95 2.71
C HIS A 34 -10.47 -9.28 3.41
N ALA A 35 -9.63 -10.31 3.24
CA ALA A 35 -9.75 -11.57 3.98
C ALA A 35 -9.34 -11.45 5.46
N ARG A 36 -8.60 -10.39 5.83
CA ARG A 36 -8.10 -10.13 7.20
C ARG A 36 -8.66 -8.84 7.86
N THR A 37 -9.18 -7.89 7.08
CA THR A 37 -9.49 -6.52 7.53
C THR A 37 -10.69 -5.86 6.87
N LYS A 38 -11.12 -4.74 7.46
CA LYS A 38 -12.01 -3.70 6.90
C LYS A 38 -11.34 -2.33 6.78
N ASP A 39 -10.43 -1.98 7.69
CA ASP A 39 -9.78 -0.66 7.73
C ASP A 39 -8.60 -0.52 6.74
N ILE A 40 -8.85 -0.90 5.47
CA ILE A 40 -7.90 -0.80 4.35
C ILE A 40 -8.39 0.18 3.27
N THR A 41 -7.64 1.27 3.13
CA THR A 41 -7.81 2.34 2.14
C THR A 41 -6.80 2.15 0.99
N VAL A 42 -7.18 2.43 -0.25
CA VAL A 42 -6.31 2.25 -1.42
C VAL A 42 -6.51 3.31 -2.52
N HIS A 43 -5.41 3.75 -3.13
CA HIS A 43 -5.33 4.80 -4.16
C HIS A 43 -4.81 4.23 -5.48
N TYR A 44 -5.49 4.53 -6.59
CA TYR A 44 -5.13 4.02 -7.91
C TYR A 44 -4.39 5.05 -8.76
N VAL A 45 -3.06 4.96 -8.74
CA VAL A 45 -2.16 5.94 -9.41
C VAL A 45 -2.01 5.72 -10.91
N ASP A 46 -2.66 4.69 -11.46
CA ASP A 46 -2.93 4.54 -12.89
C ASP A 46 -4.19 5.31 -13.33
N LYS A 47 -5.00 5.79 -12.38
CA LYS A 47 -6.23 6.56 -12.60
C LYS A 47 -6.06 8.04 -12.23
N MET A 48 -5.43 8.35 -11.10
CA MET A 48 -5.14 9.74 -10.68
C MET A 48 -4.11 10.37 -11.63
N SER A 49 -4.37 11.54 -12.21
CA SER A 49 -3.47 12.14 -13.22
C SER A 49 -2.13 12.61 -12.64
N GLU A 50 -2.09 13.00 -11.37
CA GLU A 50 -0.85 13.28 -10.63
C GLU A 50 -0.16 12.00 -10.12
N GLY A 51 -0.77 10.81 -10.34
CA GLY A 51 -0.33 9.53 -9.77
C GLY A 51 1.11 9.16 -10.09
N GLU A 52 1.67 9.65 -11.20
CA GLU A 52 3.07 9.42 -11.56
C GLU A 52 4.06 10.19 -10.64
N GLN A 53 3.62 11.27 -10.01
CA GLN A 53 4.36 11.99 -8.96
C GLN A 53 4.09 11.39 -7.56
N LEU A 54 2.89 10.89 -7.29
CA LEU A 54 2.61 10.15 -6.04
C LEU A 54 3.36 8.80 -5.99
N ARG A 55 3.55 8.13 -7.13
CA ARG A 55 4.47 7.00 -7.29
C ARG A 55 5.93 7.44 -7.04
N GLY A 56 6.24 8.70 -7.32
CA GLY A 56 7.47 9.39 -6.88
C GLY A 56 7.54 9.75 -5.38
N GLU A 57 6.42 9.92 -4.66
CA GLU A 57 6.44 10.03 -3.19
C GLU A 57 6.76 8.70 -2.50
N ILE A 58 6.46 7.57 -3.17
CA ILE A 58 6.97 6.25 -2.77
C ILE A 58 8.45 6.13 -3.15
N TYR A 59 8.84 6.52 -4.37
CA TYR A 59 10.23 6.37 -4.83
C TYR A 59 11.23 7.20 -4.01
N GLN A 60 10.91 8.45 -3.67
CA GLN A 60 11.81 9.30 -2.87
C GLN A 60 11.91 8.88 -1.39
N ALA A 61 11.07 7.96 -0.92
CA ALA A 61 11.10 7.43 0.44
C ALA A 61 11.62 5.98 0.52
N TYR A 62 11.31 5.13 -0.47
CA TYR A 62 11.53 3.68 -0.46
C TYR A 62 12.09 3.10 -1.78
N LYS A 63 12.42 3.94 -2.78
CA LYS A 63 13.02 3.59 -4.08
C LYS A 63 12.31 2.46 -4.84
N HIS A 64 10.97 2.49 -4.85
CA HIS A 64 10.12 1.50 -5.50
C HIS A 64 9.10 2.17 -6.44
N GLU A 65 9.01 1.71 -7.68
CA GLU A 65 8.10 2.22 -8.74
C GLU A 65 7.10 1.16 -9.26
N THR A 66 7.19 -0.08 -8.76
CA THR A 66 6.29 -1.20 -9.07
C THR A 66 5.05 -1.17 -8.15
N VAL A 67 4.05 -2.04 -8.37
CA VAL A 67 2.77 -2.05 -7.61
C VAL A 67 2.34 -3.44 -7.12
N PRO A 68 1.50 -3.52 -6.07
CA PRO A 68 1.14 -2.44 -5.16
C PRO A 68 2.29 -2.09 -4.19
N ALA A 69 2.24 -0.89 -3.62
CA ALA A 69 2.96 -0.55 -2.39
C ALA A 69 1.97 -0.56 -1.21
N ILE A 70 2.39 -1.06 -0.04
CA ILE A 70 1.50 -1.35 1.09
C ILE A 70 2.06 -0.73 2.38
N PHE A 71 1.18 -0.25 3.25
CA PHE A 71 1.54 0.37 4.52
C PHE A 71 0.60 -0.02 5.66
N ILE A 72 1.14 -0.14 6.88
CA ILE A 72 0.39 -0.34 8.12
C ILE A 72 0.85 0.70 9.14
N ASN A 73 -0.06 1.55 9.62
CA ASN A 73 0.19 2.58 10.64
C ASN A 73 1.45 3.45 10.46
N GLY A 74 1.76 3.81 9.20
CA GLY A 74 2.95 4.61 8.83
C GLY A 74 4.19 3.79 8.43
N ASN A 75 4.15 2.47 8.59
CA ASN A 75 5.26 1.54 8.38
C ASN A 75 5.10 0.81 7.03
N PHE A 76 6.20 0.65 6.29
CA PHE A 76 6.18 0.16 4.91
C PHE A 76 6.19 -1.38 4.82
N ILE A 77 5.53 -1.89 3.78
CA ILE A 77 5.41 -3.30 3.38
C ILE A 77 5.70 -3.34 1.87
N GLY A 78 6.71 -4.11 1.47
CA GLY A 78 7.39 -3.97 0.19
C GLY A 78 6.54 -4.24 -1.07
N GLY A 79 5.37 -4.87 -0.93
CA GLY A 79 4.43 -5.18 -2.01
C GLY A 79 3.82 -6.56 -1.88
N CYS A 80 3.44 -7.17 -3.01
CA CYS A 80 2.72 -8.45 -3.04
C CYS A 80 3.58 -9.68 -2.66
N SER A 81 4.91 -9.57 -2.75
CA SER A 81 5.85 -10.59 -2.26
C SER A 81 6.13 -10.42 -0.76
N ASP A 82 6.24 -9.18 -0.26
CA ASP A 82 6.46 -8.88 1.17
C ASP A 82 5.20 -9.19 2.01
N LEU A 83 4.00 -8.94 1.46
CA LEU A 83 2.71 -9.16 2.11
C LEU A 83 2.51 -10.63 2.51
N GLU A 84 2.59 -11.56 1.54
CA GLU A 84 2.45 -12.98 1.85
C GLU A 84 3.66 -13.50 2.64
N ALA A 85 4.86 -12.95 2.44
CA ALA A 85 6.04 -13.36 3.22
C ALA A 85 5.87 -13.08 4.72
N LEU A 86 5.24 -11.95 5.09
CA LEU A 86 4.94 -11.61 6.49
C LEU A 86 3.79 -12.44 7.07
N ASP A 87 2.88 -12.95 6.23
CA ASP A 87 1.88 -13.94 6.67
C ASP A 87 2.52 -15.31 6.91
N LYS A 88 3.46 -15.72 6.04
CA LYS A 88 4.25 -16.94 6.19
C LYS A 88 5.19 -16.89 7.41
N GLU A 89 5.67 -15.71 7.79
CA GLU A 89 6.39 -15.45 9.04
C GLU A 89 5.48 -15.31 10.28
N GLY A 90 4.16 -15.46 10.13
CA GLY A 90 3.18 -15.45 11.22
C GLY A 90 2.95 -14.08 11.86
N LYS A 91 3.21 -12.98 11.15
CA LYS A 91 3.25 -11.61 11.64
C LYS A 91 2.14 -10.73 11.08
N LEU A 92 1.71 -10.97 9.84
CA LEU A 92 0.72 -10.14 9.16
C LEU A 92 -0.58 -10.04 9.96
N ASP A 93 -1.06 -11.16 10.52
CA ASP A 93 -2.30 -11.18 11.27
C ASP A 93 -2.24 -10.31 12.54
N GLY A 94 -1.14 -10.36 13.30
CA GLY A 94 -0.96 -9.54 14.50
C GLY A 94 -0.70 -8.06 14.21
N LEU A 95 -0.07 -7.74 13.08
CA LEU A 95 0.09 -6.36 12.60
C LEU A 95 -1.22 -5.75 12.09
N LEU A 96 -2.09 -6.56 11.48
CA LEU A 96 -3.39 -6.14 10.94
C LEU A 96 -4.53 -6.17 11.99
N SER A 97 -4.33 -6.87 13.12
CA SER A 97 -5.29 -6.92 14.25
C SER A 97 -5.11 -5.72 15.17
N GLY A 1 11.27 19.77 -1.76
CA GLY A 1 10.98 20.29 -0.41
C GLY A 1 9.70 21.09 -0.38
N ALA A 2 9.35 21.57 0.81
CA ALA A 2 8.18 22.40 1.12
C ALA A 2 6.81 21.81 0.70
N MET A 3 6.71 20.49 0.52
CA MET A 3 5.57 19.82 -0.12
C MET A 3 5.25 18.48 0.58
N PRO A 4 4.42 18.46 1.64
CA PRO A 4 4.20 17.28 2.50
C PRO A 4 3.76 16.00 1.77
N SER A 5 3.01 16.13 0.66
CA SER A 5 2.71 15.04 -0.28
C SER A 5 2.00 13.81 0.35
N ILE A 6 2.20 12.62 -0.22
CA ILE A 6 1.42 11.40 0.09
C ILE A 6 1.54 10.95 1.54
N ALA A 7 2.62 11.35 2.21
CA ALA A 7 2.88 11.05 3.62
C ALA A 7 1.71 11.48 4.53
N SER A 8 0.96 12.51 4.12
CA SER A 8 -0.28 12.95 4.77
C SER A 8 -1.43 11.94 4.65
N MET A 9 -1.55 11.25 3.51
CA MET A 9 -2.62 10.29 3.21
C MET A 9 -2.45 8.99 4.01
N ILE A 10 -1.20 8.53 4.17
CA ILE A 10 -0.87 7.21 4.76
C ILE A 10 -1.26 7.15 6.23
N LYS A 11 -1.31 8.30 6.89
CA LYS A 11 -1.67 8.49 8.29
C LYS A 11 -3.16 8.24 8.59
N GLY A 12 -4.00 8.13 7.56
CA GLY A 12 -5.45 8.17 7.70
C GLY A 12 -6.13 6.84 8.06
N ASN A 13 -5.58 5.69 7.63
CA ASN A 13 -6.21 4.36 7.82
C ASN A 13 -5.20 3.30 8.26
N LYS A 14 -5.68 2.22 8.90
CA LYS A 14 -4.85 1.15 9.47
C LYS A 14 -4.05 0.40 8.40
N VAL A 15 -4.64 0.15 7.23
CA VAL A 15 -3.95 -0.33 6.02
C VAL A 15 -4.24 0.63 4.85
N VAL A 16 -3.19 1.08 4.18
CA VAL A 16 -3.26 1.97 3.01
C VAL A 16 -2.49 1.33 1.85
N VAL A 17 -3.11 1.20 0.67
CA VAL A 17 -2.48 0.60 -0.51
C VAL A 17 -2.52 1.56 -1.71
N PHE A 18 -1.47 1.55 -2.53
CA PHE A 18 -1.42 2.26 -3.82
C PHE A 18 -1.25 1.24 -4.96
N SER A 19 -2.27 1.11 -5.80
CA SER A 19 -2.40 0.06 -6.84
C SER A 19 -2.76 0.63 -8.21
N TRP A 20 -2.66 -0.21 -9.24
CA TRP A 20 -3.33 -0.03 -10.53
C TRP A 20 -4.46 -1.06 -10.62
N VAL A 21 -5.70 -0.61 -10.89
CA VAL A 21 -6.97 -1.36 -10.71
C VAL A 21 -6.95 -2.76 -11.33
N THR A 22 -6.28 -2.86 -12.47
CA THR A 22 -6.30 -3.98 -13.41
C THR A 22 -5.19 -5.03 -13.21
N CYS A 23 -4.23 -4.72 -12.34
CA CYS A 23 -2.93 -5.38 -12.37
C CYS A 23 -2.84 -6.59 -11.42
N PRO A 24 -2.03 -7.61 -11.75
CA PRO A 24 -2.17 -8.90 -11.09
C PRO A 24 -1.79 -8.87 -9.60
N TYR A 25 -0.65 -8.28 -9.26
CA TYR A 25 -0.13 -8.18 -7.90
C TYR A 25 -0.97 -7.27 -7.00
N CYS A 26 -1.55 -6.22 -7.59
CA CYS A 26 -2.56 -5.40 -6.96
C CYS A 26 -3.69 -6.31 -6.42
N VAL A 27 -4.25 -7.16 -7.27
CA VAL A 27 -5.37 -8.05 -6.90
C VAL A 27 -4.94 -9.13 -5.90
N ARG A 28 -3.72 -9.68 -6.01
CA ARG A 28 -3.15 -10.58 -4.96
C ARG A 28 -3.20 -9.96 -3.57
N ALA A 29 -2.88 -8.67 -3.48
CA ALA A 29 -3.00 -7.90 -2.24
C ALA A 29 -4.48 -7.59 -1.90
N GLU A 30 -5.24 -6.94 -2.80
CA GLU A 30 -6.65 -6.56 -2.57
C GLU A 30 -7.51 -7.73 -2.08
N LYS A 31 -7.30 -8.94 -2.62
CA LYS A 31 -8.06 -10.13 -2.28
C LYS A 31 -7.79 -10.62 -0.86
N LEU A 32 -6.50 -10.63 -0.49
CA LEU A 32 -6.04 -11.09 0.81
C LEU A 32 -6.36 -10.08 1.91
N LEU A 33 -6.27 -8.79 1.61
CA LEU A 33 -6.66 -7.72 2.53
C LEU A 33 -8.15 -7.78 2.85
N HIS A 34 -9.00 -8.01 1.83
CA HIS A 34 -10.43 -8.28 2.02
C HIS A 34 -10.75 -9.62 2.73
N ALA A 35 -9.78 -10.53 2.86
CA ALA A 35 -9.88 -11.75 3.67
C ALA A 35 -9.31 -11.60 5.09
N ARG A 36 -8.54 -10.54 5.39
CA ARG A 36 -7.80 -10.33 6.65
C ARG A 36 -8.33 -9.20 7.52
N THR A 37 -8.90 -8.15 6.93
CA THR A 37 -9.32 -6.93 7.65
C THR A 37 -10.55 -6.23 7.02
N LYS A 38 -11.26 -5.46 7.85
CA LYS A 38 -12.28 -4.45 7.46
C LYS A 38 -11.69 -3.06 7.28
N ASP A 39 -10.42 -2.86 7.65
CA ASP A 39 -9.82 -1.54 7.89
C ASP A 39 -8.87 -1.05 6.78
N ILE A 40 -8.99 -1.62 5.58
CA ILE A 40 -8.16 -1.31 4.40
C ILE A 40 -8.76 -0.22 3.51
N THR A 41 -7.94 0.71 3.06
CA THR A 41 -8.21 1.72 2.02
C THR A 41 -7.16 1.63 0.91
N VAL A 42 -7.57 1.63 -0.36
CA VAL A 42 -6.70 1.69 -1.54
C VAL A 42 -6.97 2.91 -2.43
N HIS A 43 -5.87 3.54 -2.86
CA HIS A 43 -5.82 4.64 -3.81
C HIS A 43 -5.32 4.11 -5.16
N TYR A 44 -6.15 4.18 -6.20
CA TYR A 44 -5.75 3.70 -7.53
C TYR A 44 -5.05 4.79 -8.34
N VAL A 45 -3.72 4.79 -8.33
CA VAL A 45 -2.88 5.86 -8.92
C VAL A 45 -2.82 5.86 -10.46
N ASP A 46 -3.55 4.94 -11.09
CA ASP A 46 -3.90 5.00 -12.52
C ASP A 46 -5.16 5.84 -12.80
N LYS A 47 -6.03 6.02 -11.80
CA LYS A 47 -7.29 6.78 -11.86
C LYS A 47 -7.06 8.26 -11.47
N MET A 48 -6.16 8.53 -10.53
CA MET A 48 -5.91 9.88 -10.02
C MET A 48 -4.81 10.58 -10.85
N SER A 49 -5.05 11.82 -11.30
CA SER A 49 -4.20 12.50 -12.28
C SER A 49 -2.81 12.94 -11.79
N GLU A 50 -2.60 12.97 -10.46
CA GLU A 50 -1.30 13.22 -9.81
C GLU A 50 -0.53 11.93 -9.48
N GLY A 51 -1.02 10.76 -9.93
CA GLY A 51 -0.48 9.43 -9.60
C GLY A 51 1.01 9.23 -9.83
N GLU A 52 1.62 9.93 -10.78
CA GLU A 52 3.07 9.84 -11.05
C GLU A 52 3.93 10.64 -10.06
N GLN A 53 3.37 11.70 -9.44
CA GLN A 53 4.00 12.38 -8.31
C GLN A 53 3.87 11.57 -7.02
N LEU A 54 2.77 10.82 -6.85
CA LEU A 54 2.62 9.86 -5.75
C LEU A 54 3.61 8.69 -5.93
N ARG A 55 3.80 8.15 -7.15
CA ARG A 55 4.91 7.23 -7.48
C ARG A 55 6.28 7.83 -7.14
N GLY A 56 6.51 9.11 -7.47
CA GLY A 56 7.75 9.82 -7.18
C GLY A 56 8.08 9.92 -5.69
N GLU A 57 7.09 10.21 -4.84
CA GLU A 57 7.27 10.19 -3.37
C GLU A 57 7.61 8.80 -2.82
N ILE A 58 7.02 7.72 -3.36
CA ILE A 58 7.35 6.34 -2.97
C ILE A 58 8.79 6.01 -3.40
N TYR A 59 9.19 6.38 -4.63
CA TYR A 59 10.53 6.12 -5.12
C TYR A 59 11.60 6.88 -4.32
N GLN A 60 11.33 8.14 -3.94
CA GLN A 60 12.30 8.95 -3.19
C GLN A 60 12.52 8.46 -1.74
N ALA A 61 11.55 7.77 -1.13
CA ALA A 61 11.68 7.21 0.22
C ALA A 61 12.01 5.70 0.27
N TYR A 62 11.68 4.92 -0.77
CA TYR A 62 11.78 3.45 -0.78
C TYR A 62 12.39 2.84 -2.06
N LYS A 63 12.79 3.67 -3.05
CA LYS A 63 13.47 3.28 -4.30
C LYS A 63 12.80 2.10 -5.03
N HIS A 64 11.47 2.17 -5.15
CA HIS A 64 10.60 1.14 -5.71
C HIS A 64 9.51 1.81 -6.56
N GLU A 65 9.24 1.29 -7.77
CA GLU A 65 8.26 1.82 -8.72
C GLU A 65 7.11 0.83 -9.03
N THR A 66 7.36 -0.48 -8.88
CA THR A 66 6.44 -1.54 -9.29
C THR A 66 5.26 -1.72 -8.32
N VAL A 67 4.03 -1.74 -8.84
CA VAL A 67 2.80 -1.78 -8.01
C VAL A 67 2.43 -3.21 -7.59
N PRO A 68 1.76 -3.39 -6.43
CA PRO A 68 1.33 -2.38 -5.46
C PRO A 68 2.44 -1.91 -4.51
N ALA A 69 2.26 -0.71 -3.97
CA ALA A 69 2.94 -0.24 -2.76
C ALA A 69 1.96 -0.35 -1.57
N ILE A 70 2.43 -0.88 -0.43
CA ILE A 70 1.57 -1.29 0.69
C ILE A 70 2.08 -0.65 1.98
N PHE A 71 1.16 -0.19 2.83
CA PHE A 71 1.49 0.46 4.10
C PHE A 71 0.55 0.05 5.24
N ILE A 72 1.09 0.01 6.47
CA ILE A 72 0.36 -0.26 7.71
C ILE A 72 0.71 0.84 8.73
N ASN A 73 -0.29 1.59 9.21
CA ASN A 73 -0.12 2.73 10.14
C ASN A 73 1.03 3.71 9.77
N GLY A 74 1.20 4.02 8.47
CA GLY A 74 2.27 4.90 7.96
C GLY A 74 3.65 4.23 7.75
N ASN A 75 3.78 2.92 8.03
CA ASN A 75 4.99 2.12 7.82
C ASN A 75 4.93 1.39 6.47
N PHE A 76 6.03 1.29 5.73
CA PHE A 76 6.06 0.66 4.40
C PHE A 76 6.25 -0.87 4.45
N ILE A 77 5.59 -1.56 3.52
CA ILE A 77 5.60 -3.00 3.26
C ILE A 77 6.03 -3.20 1.81
N GLY A 78 7.05 -4.04 1.57
CA GLY A 78 7.84 -4.11 0.34
C GLY A 78 7.19 -4.66 -0.94
N GLY A 79 5.87 -4.68 -0.95
CA GLY A 79 4.97 -5.16 -1.98
C GLY A 79 4.15 -6.38 -1.54
N CYS A 80 3.40 -6.99 -2.45
CA CYS A 80 2.60 -8.17 -2.14
C CYS A 80 3.47 -9.37 -1.71
N SER A 81 4.68 -9.50 -2.29
CA SER A 81 5.67 -10.50 -1.86
C SER A 81 6.15 -10.31 -0.40
N ASP A 82 6.02 -9.11 0.19
CA ASP A 82 6.32 -8.84 1.61
C ASP A 82 5.08 -9.08 2.49
N LEU A 83 3.89 -8.62 2.05
CA LEU A 83 2.61 -8.83 2.72
C LEU A 83 2.30 -10.33 2.90
N GLU A 84 2.46 -11.12 1.84
CA GLU A 84 2.22 -12.56 1.86
C GLU A 84 3.30 -13.32 2.65
N ALA A 85 4.53 -12.77 2.73
CA ALA A 85 5.59 -13.38 3.54
C ALA A 85 5.35 -13.22 5.05
N LEU A 86 4.67 -12.14 5.46
CA LEU A 86 4.20 -11.90 6.84
C LEU A 86 3.00 -12.79 7.21
N ASP A 87 2.19 -13.22 6.25
CA ASP A 87 1.26 -14.36 6.43
C ASP A 87 2.04 -15.65 6.67
N LYS A 88 3.11 -15.90 5.88
CA LYS A 88 3.89 -17.14 6.00
C LYS A 88 4.68 -17.23 7.31
N GLU A 89 5.17 -16.09 7.83
CA GLU A 89 5.72 -15.96 9.18
C GLU A 89 4.65 -15.81 10.29
N GLY A 90 3.36 -15.76 9.97
CA GLY A 90 2.28 -15.78 10.97
C GLY A 90 2.29 -14.54 11.88
N LYS A 91 2.46 -13.36 11.27
CA LYS A 91 2.69 -12.07 11.92
C LYS A 91 1.78 -10.95 11.40
N LEU A 92 1.03 -11.21 10.33
CA LEU A 92 0.18 -10.20 9.68
C LEU A 92 -0.96 -9.77 10.60
N ASP A 93 -1.44 -10.73 11.38
CA ASP A 93 -2.38 -10.60 12.45
C ASP A 93 -1.91 -9.68 13.59
N GLY A 94 -0.69 -9.85 14.10
CA GLY A 94 -0.14 -8.95 15.12
C GLY A 94 0.15 -7.53 14.61
N LEU A 95 0.35 -7.38 13.30
CA LEU A 95 0.50 -6.07 12.65
C LEU A 95 -0.86 -5.35 12.57
N LEU A 96 -1.95 -6.10 12.30
CA LEU A 96 -3.33 -5.61 12.25
C LEU A 96 -3.95 -5.33 13.62
N SER A 97 -3.27 -5.68 14.73
CA SER A 97 -3.67 -5.46 16.13
C SER A 97 -5.07 -5.95 16.46
N GLY A 1 7.23 26.78 2.74
CA GLY A 1 6.25 25.87 2.10
C GLY A 1 6.06 24.59 2.90
N ALA A 2 5.08 23.76 2.53
CA ALA A 2 4.74 22.51 3.24
C ALA A 2 4.66 21.25 2.35
N MET A 3 4.36 21.41 1.05
CA MET A 3 4.33 20.39 0.00
C MET A 3 3.56 19.11 0.37
N PRO A 4 2.25 19.18 0.72
CA PRO A 4 1.45 18.01 1.07
C PRO A 4 1.33 17.01 -0.09
N SER A 5 1.28 15.72 0.22
CA SER A 5 1.12 14.61 -0.73
C SER A 5 0.60 13.35 -0.04
N ILE A 6 0.65 12.17 -0.69
CA ILE A 6 0.19 10.89 -0.13
C ILE A 6 0.84 10.53 1.22
N ALA A 7 2.00 11.11 1.53
CA ALA A 7 2.74 10.85 2.76
C ALA A 7 1.94 11.20 4.04
N SER A 8 0.90 12.02 3.93
CA SER A 8 -0.06 12.32 5.01
C SER A 8 -1.19 11.28 5.14
N MET A 9 -1.53 10.56 4.07
CA MET A 9 -2.57 9.50 4.07
C MET A 9 -2.12 8.26 4.87
N ILE A 10 -0.80 8.00 4.92
CA ILE A 10 -0.22 6.86 5.66
C ILE A 10 -0.45 6.96 7.18
N LYS A 11 -0.73 8.17 7.71
CA LYS A 11 -1.13 8.38 9.11
C LYS A 11 -2.62 8.11 9.36
N GLY A 12 -3.47 8.29 8.34
CA GLY A 12 -4.93 8.37 8.47
C GLY A 12 -5.68 7.04 8.43
N ASN A 13 -5.03 5.92 8.11
CA ASN A 13 -5.66 4.59 8.03
C ASN A 13 -4.71 3.49 8.54
N LYS A 14 -5.25 2.39 9.07
CA LYS A 14 -4.49 1.24 9.62
C LYS A 14 -3.73 0.47 8.53
N VAL A 15 -4.36 0.24 7.38
CA VAL A 15 -3.72 -0.29 6.16
C VAL A 15 -3.91 0.69 5.00
N VAL A 16 -2.81 0.99 4.30
CA VAL A 16 -2.80 1.90 3.14
C VAL A 16 -2.08 1.24 1.96
N VAL A 17 -2.70 1.20 0.78
CA VAL A 17 -2.14 0.59 -0.44
C VAL A 17 -2.17 1.57 -1.63
N PHE A 18 -1.18 1.45 -2.52
CA PHE A 18 -1.11 2.20 -3.77
C PHE A 18 -1.00 1.21 -4.94
N SER A 19 -2.00 1.20 -5.83
CA SER A 19 -2.21 0.16 -6.86
C SER A 19 -2.54 0.77 -8.24
N TRP A 20 -2.59 -0.08 -9.26
CA TRP A 20 -3.25 0.20 -10.53
C TRP A 20 -4.36 -0.81 -10.79
N VAL A 21 -5.47 -0.37 -11.36
CA VAL A 21 -6.56 -1.27 -11.80
C VAL A 21 -6.07 -2.28 -12.85
N THR A 22 -5.09 -1.90 -13.69
CA THR A 22 -4.45 -2.79 -14.67
C THR A 22 -3.58 -3.90 -14.08
N CYS A 23 -3.17 -3.84 -12.80
CA CYS A 23 -2.14 -4.72 -12.28
C CYS A 23 -2.73 -5.99 -11.65
N PRO A 24 -2.09 -7.16 -11.79
CA PRO A 24 -2.54 -8.37 -11.12
C PRO A 24 -2.05 -8.48 -9.67
N TYR A 25 -0.87 -7.95 -9.36
CA TYR A 25 -0.27 -7.92 -8.02
C TYR A 25 -1.00 -7.01 -7.04
N CYS A 26 -1.55 -5.91 -7.56
CA CYS A 26 -2.54 -5.09 -6.89
C CYS A 26 -3.61 -5.99 -6.26
N VAL A 27 -4.24 -6.84 -7.09
CA VAL A 27 -5.31 -7.77 -6.66
C VAL A 27 -4.79 -8.80 -5.66
N ARG A 28 -3.58 -9.33 -5.82
CA ARG A 28 -2.97 -10.26 -4.84
C ARG A 28 -2.93 -9.67 -3.43
N ALA A 29 -2.65 -8.36 -3.32
CA ALA A 29 -2.75 -7.63 -2.05
C ALA A 29 -4.20 -7.32 -1.67
N GLU A 30 -4.96 -6.60 -2.52
CA GLU A 30 -6.36 -6.23 -2.28
C GLU A 30 -7.21 -7.39 -1.76
N LYS A 31 -7.08 -8.56 -2.40
CA LYS A 31 -7.91 -9.72 -2.12
C LYS A 31 -7.66 -10.27 -0.72
N LEU A 32 -6.39 -10.37 -0.34
CA LEU A 32 -5.92 -10.86 0.96
C LEU A 32 -6.29 -9.86 2.07
N LEU A 33 -6.12 -8.57 1.81
CA LEU A 33 -6.50 -7.52 2.75
C LEU A 33 -8.00 -7.56 3.04
N HIS A 34 -8.85 -7.61 2.02
CA HIS A 34 -10.30 -7.79 2.20
C HIS A 34 -10.69 -9.17 2.76
N ALA A 35 -9.82 -10.19 2.70
CA ALA A 35 -10.07 -11.50 3.32
C ALA A 35 -9.82 -11.51 4.85
N ARG A 36 -9.15 -10.48 5.40
CA ARG A 36 -8.81 -10.34 6.83
C ARG A 36 -9.40 -9.10 7.52
N THR A 37 -9.68 -8.05 6.75
CA THR A 37 -9.80 -6.67 7.24
C THR A 37 -10.86 -5.85 6.49
N LYS A 38 -11.47 -4.87 7.17
CA LYS A 38 -12.29 -3.77 6.62
C LYS A 38 -11.58 -2.41 6.71
N ASP A 39 -10.65 -2.27 7.63
CA ASP A 39 -9.88 -1.05 7.88
C ASP A 39 -8.71 -0.86 6.86
N ILE A 40 -9.04 -0.97 5.56
CA ILE A 40 -8.10 -0.86 4.43
C ILE A 40 -8.54 0.27 3.48
N THR A 41 -7.60 1.13 3.12
CA THR A 41 -7.75 2.23 2.17
C THR A 41 -6.72 2.10 1.05
N VAL A 42 -7.16 2.04 -0.20
CA VAL A 42 -6.29 2.00 -1.39
C VAL A 42 -6.50 3.20 -2.32
N HIS A 43 -5.40 3.68 -2.90
CA HIS A 43 -5.36 4.71 -3.92
C HIS A 43 -4.93 4.12 -5.27
N TYR A 44 -5.81 4.17 -6.27
CA TYR A 44 -5.53 3.75 -7.63
C TYR A 44 -4.90 4.91 -8.40
N VAL A 45 -3.57 4.99 -8.39
CA VAL A 45 -2.84 6.11 -9.03
C VAL A 45 -2.99 6.12 -10.56
N ASP A 46 -3.40 5.00 -11.15
CA ASP A 46 -3.73 4.92 -12.59
C ASP A 46 -5.00 5.74 -12.93
N LYS A 47 -5.91 5.91 -11.96
CA LYS A 47 -7.20 6.62 -12.07
C LYS A 47 -7.16 8.07 -11.54
N MET A 48 -6.05 8.49 -10.95
CA MET A 48 -5.86 9.83 -10.36
C MET A 48 -5.21 10.79 -11.36
N SER A 49 -5.76 12.00 -11.49
CA SER A 49 -5.31 13.08 -12.40
C SER A 49 -3.90 13.65 -12.14
N GLU A 50 -3.16 13.13 -11.16
CA GLU A 50 -1.74 13.41 -10.92
C GLU A 50 -0.95 12.18 -10.42
N GLY A 51 -1.52 10.96 -10.53
CA GLY A 51 -1.01 9.77 -9.87
C GLY A 51 0.43 9.37 -10.21
N GLU A 52 0.97 9.77 -11.36
CA GLU A 52 2.38 9.52 -11.69
C GLU A 52 3.33 10.24 -10.73
N GLN A 53 2.94 11.40 -10.19
CA GLN A 53 3.71 12.16 -9.21
C GLN A 53 3.66 11.51 -7.82
N LEU A 54 2.56 10.81 -7.48
CA LEU A 54 2.39 10.08 -6.22
C LEU A 54 3.08 8.71 -6.26
N ARG A 55 3.14 8.07 -7.43
CA ARG A 55 4.10 7.00 -7.76
C ARG A 55 5.55 7.50 -7.59
N GLY A 56 5.82 8.77 -7.91
CA GLY A 56 7.06 9.48 -7.56
C GLY A 56 7.29 9.71 -6.05
N GLU A 57 6.25 9.96 -5.24
CA GLU A 57 6.41 10.12 -3.79
C GLU A 57 6.87 8.82 -3.10
N ILE A 58 6.47 7.65 -3.63
CA ILE A 58 6.98 6.35 -3.20
C ILE A 58 8.43 6.18 -3.67
N TYR A 59 8.74 6.60 -4.90
CA TYR A 59 10.09 6.53 -5.45
C TYR A 59 11.10 7.40 -4.67
N GLN A 60 10.72 8.61 -4.27
CA GLN A 60 11.54 9.50 -3.46
C GLN A 60 11.88 8.91 -2.07
N ALA A 61 11.00 8.07 -1.51
CA ALA A 61 11.21 7.43 -0.21
C ALA A 61 11.94 6.07 -0.29
N TYR A 62 11.66 5.24 -1.31
CA TYR A 62 12.10 3.83 -1.37
C TYR A 62 12.71 3.38 -2.72
N LYS A 63 12.82 4.30 -3.70
CA LYS A 63 13.33 4.07 -5.07
C LYS A 63 12.78 2.79 -5.72
N HIS A 64 11.45 2.68 -5.65
CA HIS A 64 10.62 1.60 -6.19
C HIS A 64 9.50 2.23 -7.02
N GLU A 65 9.32 1.82 -8.28
CA GLU A 65 8.27 2.32 -9.17
C GLU A 65 7.14 1.30 -9.43
N THR A 66 7.37 0.04 -9.08
CA THR A 66 6.42 -1.08 -9.32
C THR A 66 5.24 -1.03 -8.35
N VAL A 67 4.04 -1.36 -8.84
CA VAL A 67 2.83 -1.52 -8.00
C VAL A 67 2.54 -2.98 -7.63
N PRO A 68 1.91 -3.25 -6.46
CA PRO A 68 1.51 -2.27 -5.45
C PRO A 68 2.66 -1.86 -4.52
N ALA A 69 2.47 -0.73 -3.84
CA ALA A 69 3.18 -0.38 -2.61
C ALA A 69 2.21 -0.49 -1.42
N ILE A 70 2.68 -1.03 -0.29
CA ILE A 70 1.83 -1.49 0.82
C ILE A 70 2.37 -0.94 2.14
N PHE A 71 1.48 -0.49 3.03
CA PHE A 71 1.85 0.08 4.32
C PHE A 71 0.89 -0.35 5.44
N ILE A 72 1.42 -0.52 6.66
CA ILE A 72 0.65 -0.78 7.89
C ILE A 72 1.14 0.15 9.01
N ASN A 73 0.22 0.95 9.57
CA ASN A 73 0.51 1.94 10.61
C ASN A 73 1.78 2.79 10.33
N GLY A 74 1.96 3.28 9.09
CA GLY A 74 3.14 4.06 8.69
C GLY A 74 4.38 3.26 8.24
N ASN A 75 4.42 1.95 8.46
CA ASN A 75 5.56 1.07 8.13
C ASN A 75 5.46 0.58 6.68
N PHE A 76 6.58 0.50 5.96
CA PHE A 76 6.62 0.03 4.58
C PHE A 76 6.73 -1.50 4.47
N ILE A 77 5.95 -2.08 3.57
CA ILE A 77 5.89 -3.50 3.25
C ILE A 77 6.38 -3.67 1.80
N GLY A 78 7.48 -4.40 1.61
CA GLY A 78 8.35 -4.34 0.43
C GLY A 78 7.80 -4.90 -0.90
N GLY A 79 6.55 -5.33 -0.86
CA GLY A 79 5.76 -5.87 -1.97
C GLY A 79 4.64 -6.79 -1.45
N CYS A 80 3.75 -7.26 -2.32
CA CYS A 80 2.77 -8.27 -1.95
C CYS A 80 3.42 -9.57 -1.43
N SER A 81 4.61 -9.95 -1.92
CA SER A 81 5.37 -11.09 -1.39
C SER A 81 5.88 -10.85 0.04
N ASP A 82 6.14 -9.60 0.45
CA ASP A 82 6.50 -9.26 1.84
C ASP A 82 5.28 -9.31 2.77
N LEU A 83 4.10 -8.93 2.27
CA LEU A 83 2.81 -9.06 2.95
C LEU A 83 2.47 -10.53 3.20
N GLU A 84 2.54 -11.37 2.15
CA GLU A 84 2.32 -12.82 2.24
C GLU A 84 3.31 -13.48 3.22
N ALA A 85 4.57 -13.03 3.24
CA ALA A 85 5.62 -13.56 4.11
C ALA A 85 5.38 -13.26 5.61
N LEU A 86 4.72 -12.14 5.95
CA LEU A 86 4.31 -11.84 7.32
C LEU A 86 3.15 -12.74 7.79
N ASP A 87 2.35 -13.27 6.88
CA ASP A 87 1.37 -14.31 7.22
C ASP A 87 2.05 -15.65 7.47
N LYS A 88 3.10 -15.97 6.71
CA LYS A 88 3.88 -17.21 6.90
C LYS A 88 4.66 -17.21 8.22
N GLU A 89 5.15 -16.05 8.68
CA GLU A 89 5.70 -15.90 10.04
C GLU A 89 4.62 -15.88 11.13
N GLY A 90 3.33 -15.81 10.79
CA GLY A 90 2.24 -15.82 11.76
C GLY A 90 1.98 -14.47 12.45
N LYS A 91 2.41 -13.35 11.83
CA LYS A 91 2.40 -12.01 12.40
C LYS A 91 1.32 -11.12 11.78
N LEU A 92 1.00 -11.32 10.50
CA LEU A 92 0.05 -10.48 9.78
C LEU A 92 -1.33 -10.45 10.46
N ASP A 93 -1.82 -11.60 10.93
CA ASP A 93 -3.14 -11.68 11.55
C ASP A 93 -3.26 -10.77 12.79
N GLY A 94 -2.24 -10.78 13.65
CA GLY A 94 -2.18 -9.94 14.83
C GLY A 94 -1.88 -8.47 14.52
N LEU A 95 -0.99 -8.20 13.54
CA LEU A 95 -0.65 -6.83 13.10
C LEU A 95 -1.88 -6.05 12.61
N LEU A 96 -2.83 -6.73 11.96
CA LEU A 96 -4.07 -6.12 11.42
C LEU A 96 -5.12 -5.76 12.48
N SER A 97 -4.89 -6.07 13.77
CA SER A 97 -5.82 -5.80 14.88
C SER A 97 -5.43 -4.57 15.69
N GLY A 1 8.64 20.80 3.99
CA GLY A 1 7.67 20.04 3.16
C GLY A 1 6.90 20.98 2.27
N ALA A 2 7.29 21.05 1.00
CA ALA A 2 6.69 21.93 -0.01
C ALA A 2 5.52 21.29 -0.78
N MET A 3 5.35 19.97 -0.70
CA MET A 3 4.49 19.16 -1.56
C MET A 3 3.55 18.26 -0.74
N PRO A 4 2.35 18.75 -0.33
CA PRO A 4 1.30 17.89 0.22
C PRO A 4 0.94 16.79 -0.79
N SER A 5 0.90 15.54 -0.33
CA SER A 5 0.90 14.36 -1.21
C SER A 5 0.24 13.14 -0.55
N ILE A 6 0.48 11.96 -1.15
CA ILE A 6 0.10 10.65 -0.58
C ILE A 6 0.70 10.44 0.82
N ALA A 7 1.81 11.10 1.15
CA ALA A 7 2.55 10.84 2.39
C ALA A 7 1.77 11.22 3.66
N SER A 8 0.79 12.14 3.57
CA SER A 8 -0.14 12.41 4.68
C SER A 8 -1.39 11.50 4.66
N MET A 9 -1.73 10.89 3.52
CA MET A 9 -2.83 9.92 3.40
C MET A 9 -2.55 8.61 4.15
N ILE A 10 -1.27 8.26 4.34
CA ILE A 10 -0.85 7.05 5.08
C ILE A 10 -1.37 7.06 6.52
N LYS A 11 -1.53 8.25 7.12
CA LYS A 11 -1.89 8.44 8.52
C LYS A 11 -3.39 8.30 8.81
N GLY A 12 -4.23 8.11 7.79
CA GLY A 12 -5.70 8.10 7.93
C GLY A 12 -6.32 6.78 8.39
N ASN A 13 -5.69 5.63 8.09
CA ASN A 13 -6.24 4.29 8.34
C ASN A 13 -5.15 3.27 8.70
N LYS A 14 -5.58 2.13 9.27
CA LYS A 14 -4.71 1.02 9.71
C LYS A 14 -3.96 0.37 8.56
N VAL A 15 -4.62 0.13 7.43
CA VAL A 15 -3.97 -0.33 6.19
C VAL A 15 -4.26 0.65 5.05
N VAL A 16 -3.21 1.04 4.32
CA VAL A 16 -3.27 1.97 3.18
C VAL A 16 -2.48 1.36 2.00
N VAL A 17 -3.08 1.26 0.82
CA VAL A 17 -2.47 0.67 -0.39
C VAL A 17 -2.49 1.64 -1.57
N PHE A 18 -1.48 1.56 -2.44
CA PHE A 18 -1.41 2.28 -3.71
C PHE A 18 -1.27 1.26 -4.86
N SER A 19 -2.29 1.16 -5.69
CA SER A 19 -2.48 0.14 -6.74
C SER A 19 -2.76 0.79 -8.11
N TRP A 20 -2.82 -0.03 -9.17
CA TRP A 20 -3.43 0.31 -10.45
C TRP A 20 -4.59 -0.65 -10.72
N VAL A 21 -5.72 -0.13 -11.21
CA VAL A 21 -6.91 -0.94 -11.57
C VAL A 21 -6.62 -1.95 -12.70
N THR A 22 -5.51 -1.78 -13.43
CA THR A 22 -5.01 -2.67 -14.48
C THR A 22 -4.06 -3.79 -14.03
N CYS A 23 -3.59 -3.78 -12.77
CA CYS A 23 -2.55 -4.70 -12.32
C CYS A 23 -3.13 -5.96 -11.67
N PRO A 24 -2.55 -7.16 -11.88
CA PRO A 24 -3.00 -8.36 -11.17
C PRO A 24 -2.45 -8.43 -9.74
N TYR A 25 -1.25 -7.92 -9.50
CA TYR A 25 -0.59 -7.85 -8.19
C TYR A 25 -1.35 -7.00 -7.18
N CYS A 26 -1.96 -5.91 -7.66
CA CYS A 26 -2.98 -5.15 -6.95
C CYS A 26 -4.04 -6.10 -6.37
N VAL A 27 -4.63 -6.95 -7.22
CA VAL A 27 -5.69 -7.91 -6.82
C VAL A 27 -5.18 -8.98 -5.84
N ARG A 28 -3.95 -9.50 -6.04
CA ARG A 28 -3.31 -10.44 -5.08
C ARG A 28 -3.29 -9.86 -3.65
N ALA A 29 -2.98 -8.56 -3.53
CA ALA A 29 -3.02 -7.83 -2.27
C ALA A 29 -4.45 -7.51 -1.81
N GLU A 30 -5.28 -6.87 -2.65
CA GLU A 30 -6.67 -6.50 -2.34
C GLU A 30 -7.51 -7.67 -1.82
N LYS A 31 -7.24 -8.89 -2.30
CA LYS A 31 -7.92 -10.11 -1.87
C LYS A 31 -7.50 -10.54 -0.46
N LEU A 32 -6.20 -10.56 -0.19
CA LEU A 32 -5.62 -11.02 1.08
C LEU A 32 -5.87 -10.01 2.21
N LEU A 33 -5.82 -8.72 1.89
CA LEU A 33 -6.16 -7.64 2.83
C LEU A 33 -7.63 -7.73 3.24
N HIS A 34 -8.54 -7.88 2.27
CA HIS A 34 -9.96 -8.12 2.57
C HIS A 34 -10.22 -9.46 3.28
N ALA A 35 -9.27 -10.40 3.31
CA ALA A 35 -9.41 -11.66 4.06
C ALA A 35 -9.22 -11.51 5.58
N ARG A 36 -8.58 -10.42 6.06
CA ARG A 36 -8.29 -10.19 7.50
C ARG A 36 -8.67 -8.81 8.05
N THR A 37 -8.96 -7.85 7.17
CA THR A 37 -9.18 -6.45 7.50
C THR A 37 -10.36 -5.83 6.74
N LYS A 38 -11.17 -5.05 7.47
CA LYS A 38 -12.19 -4.13 6.97
C LYS A 38 -11.67 -2.69 6.93
N ASP A 39 -10.75 -2.35 7.85
CA ASP A 39 -10.09 -1.05 7.94
C ASP A 39 -8.93 -0.87 6.93
N ILE A 40 -9.19 -1.20 5.66
CA ILE A 40 -8.24 -1.10 4.54
C ILE A 40 -8.73 -0.09 3.50
N THR A 41 -7.91 0.95 3.30
CA THR A 41 -8.06 1.97 2.27
C THR A 41 -7.09 1.68 1.11
N VAL A 42 -7.55 1.79 -0.13
CA VAL A 42 -6.69 1.76 -1.32
C VAL A 42 -6.93 2.94 -2.26
N HIS A 43 -5.82 3.42 -2.81
CA HIS A 43 -5.65 4.56 -3.70
C HIS A 43 -5.20 4.07 -5.07
N TYR A 44 -5.82 4.56 -6.15
CA TYR A 44 -5.53 4.13 -7.52
C TYR A 44 -4.84 5.21 -8.33
N VAL A 45 -3.50 5.23 -8.30
CA VAL A 45 -2.70 6.26 -9.00
C VAL A 45 -2.79 6.15 -10.53
N ASP A 46 -3.40 5.09 -11.08
CA ASP A 46 -3.74 5.00 -12.50
C ASP A 46 -4.93 5.89 -12.91
N LYS A 47 -5.73 6.33 -11.92
CA LYS A 47 -6.91 7.20 -12.06
C LYS A 47 -6.63 8.65 -11.63
N MET A 48 -5.74 8.86 -10.67
CA MET A 48 -5.32 10.18 -10.19
C MET A 48 -4.58 10.96 -11.29
N SER A 49 -5.02 12.18 -11.60
CA SER A 49 -4.52 12.99 -12.73
C SER A 49 -3.13 13.62 -12.51
N GLU A 50 -2.36 13.06 -11.58
CA GLU A 50 -1.00 13.46 -11.18
C GLU A 50 -0.18 12.24 -10.67
N GLY A 51 -0.69 11.01 -10.85
CA GLY A 51 -0.14 9.77 -10.31
C GLY A 51 1.34 9.47 -10.61
N GLU A 52 1.91 9.99 -11.69
CA GLU A 52 3.36 9.84 -11.96
C GLU A 52 4.21 10.61 -10.92
N GLN A 53 3.69 11.69 -10.33
CA GLN A 53 4.35 12.47 -9.29
C GLN A 53 4.18 11.83 -7.90
N LEU A 54 3.09 11.10 -7.66
CA LEU A 54 2.88 10.32 -6.43
C LEU A 54 3.67 8.99 -6.47
N ARG A 55 3.87 8.38 -7.64
CA ARG A 55 4.91 7.33 -7.83
C ARG A 55 6.30 7.86 -7.43
N GLY A 56 6.60 9.11 -7.77
CA GLY A 56 7.80 9.81 -7.31
C GLY A 56 7.91 9.93 -5.78
N GLU A 57 6.80 10.12 -5.06
CA GLU A 57 6.83 10.16 -3.59
C GLU A 57 7.24 8.81 -2.97
N ILE A 58 6.83 7.69 -3.58
CA ILE A 58 7.20 6.33 -3.17
C ILE A 58 8.66 6.07 -3.53
N TYR A 59 9.06 6.36 -4.77
CA TYR A 59 10.40 6.01 -5.24
C TYR A 59 11.49 6.82 -4.53
N GLN A 60 11.29 8.12 -4.29
CA GLN A 60 12.27 8.94 -3.54
C GLN A 60 12.35 8.55 -2.05
N ALA A 61 11.31 7.91 -1.49
CA ALA A 61 11.28 7.45 -0.11
C ALA A 61 11.84 6.02 0.10
N TYR A 62 11.74 5.12 -0.88
CA TYR A 62 12.05 3.68 -0.73
C TYR A 62 12.78 3.01 -1.91
N LYS A 63 13.07 3.73 -3.01
CA LYS A 63 13.48 3.19 -4.33
C LYS A 63 12.60 2.01 -4.79
N HIS A 64 11.29 2.19 -4.70
CA HIS A 64 10.27 1.21 -5.09
C HIS A 64 9.24 1.84 -6.01
N GLU A 65 8.91 1.15 -7.10
CA GLU A 65 8.26 1.74 -8.28
C GLU A 65 7.22 0.82 -8.93
N THR A 66 7.34 -0.50 -8.75
CA THR A 66 6.27 -1.45 -9.12
C THR A 66 5.14 -1.45 -8.08
N VAL A 67 3.92 -1.78 -8.52
CA VAL A 67 2.70 -1.77 -7.68
C VAL A 67 2.26 -3.20 -7.30
N PRO A 68 1.51 -3.38 -6.19
CA PRO A 68 1.13 -2.36 -5.21
C PRO A 68 2.27 -1.98 -4.26
N ALA A 69 2.19 -0.75 -3.73
CA ALA A 69 2.88 -0.34 -2.52
C ALA A 69 1.90 -0.42 -1.34
N ILE A 70 2.35 -0.92 -0.19
CA ILE A 70 1.50 -1.33 0.93
C ILE A 70 2.03 -0.72 2.23
N PHE A 71 1.14 -0.27 3.11
CA PHE A 71 1.49 0.33 4.39
C PHE A 71 0.56 -0.14 5.53
N ILE A 72 1.12 -0.30 6.73
CA ILE A 72 0.39 -0.64 7.96
C ILE A 72 0.77 0.34 9.07
N ASN A 73 -0.18 1.11 9.58
CA ASN A 73 0.02 2.17 10.59
C ASN A 73 1.24 3.09 10.30
N GLY A 74 1.40 3.54 9.05
CA GLY A 74 2.53 4.36 8.61
C GLY A 74 3.83 3.61 8.27
N ASN A 75 3.91 2.31 8.52
CA ASN A 75 5.10 1.48 8.26
C ASN A 75 5.04 0.87 6.85
N PHE A 76 6.16 0.86 6.13
CA PHE A 76 6.23 0.37 4.75
C PHE A 76 6.35 -1.16 4.65
N ILE A 77 5.55 -1.74 3.76
CA ILE A 77 5.52 -3.16 3.42
C ILE A 77 5.97 -3.29 1.95
N GLY A 78 7.07 -4.03 1.72
CA GLY A 78 7.82 -4.08 0.47
C GLY A 78 7.21 -4.79 -0.75
N GLY A 79 5.89 -4.80 -0.78
CA GLY A 79 5.02 -5.30 -1.84
C GLY A 79 4.14 -6.49 -1.44
N CYS A 80 3.39 -7.04 -2.39
CA CYS A 80 2.49 -8.17 -2.15
C CYS A 80 3.23 -9.45 -1.73
N SER A 81 4.45 -9.69 -2.24
CA SER A 81 5.26 -10.84 -1.82
C SER A 81 5.78 -10.69 -0.38
N ASP A 82 6.10 -9.46 0.04
CA ASP A 82 6.43 -9.12 1.44
C ASP A 82 5.22 -9.29 2.37
N LEU A 83 4.00 -8.93 1.93
CA LEU A 83 2.76 -9.13 2.67
C LEU A 83 2.48 -10.64 2.89
N GLU A 84 2.62 -11.45 1.85
CA GLU A 84 2.52 -12.92 1.97
C GLU A 84 3.64 -13.51 2.85
N ALA A 85 4.84 -12.93 2.84
CA ALA A 85 5.93 -13.39 3.69
C ALA A 85 5.61 -13.22 5.19
N LEU A 86 4.80 -12.21 5.57
CA LEU A 86 4.25 -12.05 6.93
C LEU A 86 3.16 -13.09 7.27
N ASP A 87 2.41 -13.58 6.27
CA ASP A 87 1.45 -14.68 6.43
C ASP A 87 2.21 -15.99 6.70
N LYS A 88 3.33 -16.22 6.00
CA LYS A 88 4.22 -17.37 6.21
C LYS A 88 5.04 -17.29 7.51
N GLU A 89 5.55 -16.12 7.89
CA GLU A 89 6.20 -15.91 9.20
C GLU A 89 5.21 -15.97 10.36
N GLY A 90 3.91 -15.80 10.11
CA GLY A 90 2.87 -15.93 11.14
C GLY A 90 2.74 -14.70 12.04
N LYS A 91 2.95 -13.51 11.49
CA LYS A 91 3.01 -12.21 12.15
C LYS A 91 1.89 -11.25 11.71
N LEU A 92 1.26 -11.51 10.57
CA LEU A 92 0.26 -10.63 9.96
C LEU A 92 -0.98 -10.49 10.86
N ASP A 93 -1.30 -11.55 11.61
CA ASP A 93 -2.39 -11.57 12.59
C ASP A 93 -2.28 -10.44 13.63
N GLY A 94 -1.13 -10.32 14.30
CA GLY A 94 -0.91 -9.31 15.34
C GLY A 94 -0.65 -7.91 14.78
N LEU A 95 -0.18 -7.79 13.54
CA LEU A 95 -0.04 -6.50 12.86
C LEU A 95 -1.40 -5.89 12.49
N LEU A 96 -2.39 -6.70 12.09
CA LEU A 96 -3.72 -6.24 11.69
C LEU A 96 -4.71 -6.07 12.88
N SER A 97 -4.22 -6.26 14.11
CA SER A 97 -5.01 -6.27 15.37
C SER A 97 -5.48 -4.91 15.87
N GLY A 1 2.49 24.86 4.70
CA GLY A 1 2.95 24.18 3.47
C GLY A 1 1.92 24.36 2.37
N ALA A 2 2.28 23.96 1.15
CA ALA A 2 1.44 24.12 -0.05
C ALA A 2 1.51 22.94 -1.04
N MET A 3 2.35 21.92 -0.81
CA MET A 3 2.54 20.78 -1.72
C MET A 3 2.04 19.46 -1.08
N PRO A 4 0.71 19.21 -1.03
CA PRO A 4 0.12 18.04 -0.38
C PRO A 4 0.37 16.72 -1.13
N SER A 5 0.33 15.60 -0.41
CA SER A 5 0.66 14.28 -0.96
C SER A 5 0.05 13.09 -0.21
N ILE A 6 0.24 11.91 -0.79
CA ILE A 6 -0.08 10.59 -0.21
C ILE A 6 0.46 10.40 1.21
N ALA A 7 1.52 11.10 1.60
CA ALA A 7 2.14 10.92 2.91
C ALA A 7 1.17 11.24 4.07
N SER A 8 0.20 12.14 3.83
CA SER A 8 -0.90 12.41 4.78
C SER A 8 -1.93 11.27 4.84
N MET A 9 -2.17 10.56 3.74
CA MET A 9 -3.17 9.50 3.65
C MET A 9 -2.76 8.25 4.44
N ILE A 10 -1.45 8.00 4.55
CA ILE A 10 -0.89 6.77 5.16
C ILE A 10 -1.22 6.70 6.67
N LYS A 11 -1.47 7.85 7.28
CA LYS A 11 -1.87 8.02 8.68
C LYS A 11 -3.38 7.80 8.95
N GLY A 12 -4.22 7.69 7.92
CA GLY A 12 -5.69 7.77 8.03
C GLY A 12 -6.47 6.45 8.26
N ASN A 13 -5.88 5.29 7.90
CA ASN A 13 -6.40 3.96 8.25
C ASN A 13 -5.27 3.04 8.74
N LYS A 14 -5.62 1.87 9.28
CA LYS A 14 -4.63 0.90 9.78
C LYS A 14 -3.79 0.30 8.65
N VAL A 15 -4.35 0.19 7.45
CA VAL A 15 -3.68 -0.31 6.24
C VAL A 15 -3.99 0.61 5.07
N VAL A 16 -2.96 1.04 4.33
CA VAL A 16 -3.07 1.98 3.21
C VAL A 16 -2.25 1.48 2.01
N VAL A 17 -2.88 1.39 0.83
CA VAL A 17 -2.31 0.74 -0.36
C VAL A 17 -2.36 1.65 -1.60
N PHE A 18 -1.36 1.54 -2.47
CA PHE A 18 -1.27 2.30 -3.73
C PHE A 18 -1.09 1.33 -4.90
N SER A 19 -2.14 1.16 -5.71
CA SER A 19 -2.34 0.07 -6.70
C SER A 19 -2.70 0.61 -8.09
N TRP A 20 -2.85 -0.28 -9.08
CA TRP A 20 -3.51 -0.02 -10.37
C TRP A 20 -4.59 -1.09 -10.57
N VAL A 21 -5.82 -0.66 -10.90
CA VAL A 21 -7.07 -1.45 -10.69
C VAL A 21 -7.05 -2.84 -11.32
N THR A 22 -6.46 -2.97 -12.50
CA THR A 22 -6.51 -4.19 -13.35
C THR A 22 -5.40 -5.20 -13.11
N CYS A 23 -4.44 -4.84 -12.27
CA CYS A 23 -3.13 -5.50 -12.28
C CYS A 23 -3.05 -6.67 -11.28
N PRO A 24 -2.30 -7.74 -11.58
CA PRO A 24 -2.48 -9.00 -10.86
C PRO A 24 -2.01 -8.96 -9.39
N TYR A 25 -0.95 -8.21 -9.12
CA TYR A 25 -0.43 -7.99 -7.77
C TYR A 25 -1.34 -7.11 -6.91
N CYS A 26 -1.87 -6.04 -7.52
CA CYS A 26 -2.91 -5.22 -6.92
C CYS A 26 -4.06 -6.14 -6.48
N VAL A 27 -4.59 -6.95 -7.42
CA VAL A 27 -5.74 -7.82 -7.20
C VAL A 27 -5.50 -8.82 -6.08
N ARG A 28 -4.38 -9.58 -6.13
CA ARG A 28 -4.11 -10.59 -5.09
C ARG A 28 -3.95 -9.96 -3.71
N ALA A 29 -3.37 -8.76 -3.61
CA ALA A 29 -3.28 -8.00 -2.36
C ALA A 29 -4.65 -7.46 -1.91
N GLU A 30 -5.38 -6.68 -2.72
CA GLU A 30 -6.73 -6.18 -2.42
C GLU A 30 -7.66 -7.28 -1.88
N LYS A 31 -7.58 -8.45 -2.51
CA LYS A 31 -8.44 -9.60 -2.24
C LYS A 31 -8.13 -10.21 -0.88
N LEU A 32 -6.85 -10.40 -0.59
CA LEU A 32 -6.36 -10.90 0.70
C LEU A 32 -6.54 -9.88 1.83
N LEU A 33 -6.35 -8.58 1.57
CA LEU A 33 -6.57 -7.53 2.56
C LEU A 33 -8.05 -7.47 2.98
N HIS A 34 -8.99 -7.59 2.04
CA HIS A 34 -10.41 -7.77 2.37
C HIS A 34 -10.71 -9.09 3.11
N ALA A 35 -9.89 -10.14 2.97
CA ALA A 35 -10.02 -11.36 3.78
C ALA A 35 -9.39 -11.22 5.19
N ARG A 36 -8.54 -10.21 5.42
CA ARG A 36 -7.75 -10.02 6.65
C ARG A 36 -8.21 -8.89 7.57
N THR A 37 -8.68 -7.75 7.05
CA THR A 37 -9.05 -6.58 7.89
C THR A 37 -10.09 -5.64 7.23
N LYS A 38 -10.89 -4.99 8.08
CA LYS A 38 -11.81 -3.90 7.69
C LYS A 38 -11.12 -2.54 7.64
N ASP A 39 -9.97 -2.38 8.29
CA ASP A 39 -9.25 -1.10 8.38
C ASP A 39 -8.31 -0.83 7.18
N ILE A 40 -8.72 -1.23 5.96
CA ILE A 40 -7.94 -1.05 4.72
C ILE A 40 -8.51 0.06 3.84
N THR A 41 -7.63 0.91 3.30
CA THR A 41 -7.89 1.91 2.27
C THR A 41 -6.88 1.76 1.13
N VAL A 42 -7.32 1.95 -0.11
CA VAL A 42 -6.49 1.90 -1.32
C VAL A 42 -6.75 3.05 -2.30
N HIS A 43 -5.69 3.53 -2.94
CA HIS A 43 -5.66 4.57 -3.98
C HIS A 43 -5.12 4.02 -5.30
N TYR A 44 -5.75 4.34 -6.43
CA TYR A 44 -5.45 3.77 -7.73
C TYR A 44 -4.65 4.75 -8.61
N VAL A 45 -3.31 4.71 -8.50
CA VAL A 45 -2.40 5.73 -9.07
C VAL A 45 -2.10 5.57 -10.57
N ASP A 46 -3.13 5.23 -11.31
CA ASP A 46 -3.24 5.17 -12.79
C ASP A 46 -4.62 5.67 -13.23
N LYS A 47 -5.66 5.46 -12.40
CA LYS A 47 -6.91 6.23 -12.41
C LYS A 47 -6.69 7.70 -12.02
N MET A 48 -5.69 7.98 -11.17
CA MET A 48 -5.34 9.33 -10.71
C MET A 48 -4.21 9.88 -11.61
N SER A 49 -4.49 10.98 -12.33
CA SER A 49 -3.67 11.41 -13.47
C SER A 49 -2.28 11.96 -13.11
N GLU A 50 -2.06 12.36 -11.86
CA GLU A 50 -0.76 12.78 -11.31
C GLU A 50 0.02 11.61 -10.64
N GLY A 51 -0.49 10.37 -10.74
CA GLY A 51 0.04 9.18 -10.06
C GLY A 51 1.55 8.90 -10.23
N GLU A 52 2.20 9.35 -11.30
CA GLU A 52 3.67 9.26 -11.47
C GLU A 52 4.45 10.10 -10.44
N GLN A 53 3.86 11.19 -9.92
CA GLN A 53 4.43 12.03 -8.86
C GLN A 53 4.22 11.45 -7.46
N LEU A 54 3.12 10.71 -7.25
CA LEU A 54 2.86 9.99 -6.00
C LEU A 54 3.68 8.70 -5.93
N ARG A 55 3.87 8.00 -7.07
CA ARG A 55 4.96 7.02 -7.23
C ARG A 55 6.32 7.64 -6.93
N GLY A 56 6.52 8.91 -7.29
CA GLY A 56 7.70 9.71 -6.90
C GLY A 56 7.87 9.87 -5.38
N GLU A 57 6.81 10.15 -4.61
CA GLU A 57 6.89 10.24 -3.14
C GLU A 57 7.32 8.89 -2.51
N ILE A 58 6.93 7.77 -3.11
CA ILE A 58 7.36 6.42 -2.70
C ILE A 58 8.82 6.17 -3.11
N TYR A 59 9.22 6.55 -4.32
CA TYR A 59 10.58 6.34 -4.81
C TYR A 59 11.60 7.15 -4.00
N GLN A 60 11.33 8.42 -3.72
CA GLN A 60 12.23 9.30 -2.96
C GLN A 60 12.58 8.71 -1.58
N ALA A 61 11.59 8.13 -0.89
CA ALA A 61 11.73 7.59 0.47
C ALA A 61 12.12 6.09 0.54
N TYR A 62 11.77 5.26 -0.46
CA TYR A 62 11.93 3.79 -0.40
C TYR A 62 12.54 3.17 -1.67
N LYS A 63 12.93 3.97 -2.67
CA LYS A 63 13.56 3.58 -3.94
C LYS A 63 12.78 2.51 -4.74
N HIS A 64 11.45 2.56 -4.65
CA HIS A 64 10.51 1.59 -5.23
C HIS A 64 9.41 2.32 -6.01
N GLU A 65 9.00 1.74 -7.14
CA GLU A 65 8.20 2.41 -8.19
C GLU A 65 7.14 1.51 -8.84
N THR A 66 7.31 0.18 -8.72
CA THR A 66 6.29 -0.84 -9.03
C THR A 66 5.13 -0.81 -8.03
N VAL A 67 3.95 -1.26 -8.48
CA VAL A 67 2.72 -1.35 -7.66
C VAL A 67 2.24 -2.80 -7.47
N PRO A 68 1.57 -3.13 -6.35
CA PRO A 68 1.23 -2.24 -5.25
C PRO A 68 2.40 -1.89 -4.34
N ALA A 69 2.36 -0.67 -3.80
CA ALA A 69 3.10 -0.28 -2.61
C ALA A 69 2.13 -0.33 -1.42
N ILE A 70 2.59 -0.84 -0.28
CA ILE A 70 1.73 -1.25 0.84
C ILE A 70 2.27 -0.63 2.13
N PHE A 71 1.37 -0.19 3.02
CA PHE A 71 1.71 0.43 4.29
C PHE A 71 0.77 -0.02 5.42
N ILE A 72 1.31 -0.13 6.63
CA ILE A 72 0.56 -0.44 7.87
C ILE A 72 0.94 0.61 8.91
N ASN A 73 -0.04 1.27 9.52
CA ASN A 73 0.17 2.32 10.53
C ASN A 73 1.18 3.46 10.13
N GLY A 74 1.32 3.76 8.83
CA GLY A 74 2.33 4.70 8.31
C GLY A 74 3.75 4.11 8.12
N ASN A 75 3.95 2.82 8.40
CA ASN A 75 5.17 2.04 8.14
C ASN A 75 5.10 1.37 6.76
N PHE A 76 6.25 1.12 6.12
CA PHE A 76 6.32 0.59 4.75
C PHE A 76 6.46 -0.95 4.69
N ILE A 77 5.79 -1.56 3.71
CA ILE A 77 5.77 -2.99 3.36
C ILE A 77 6.27 -3.11 1.92
N GLY A 78 7.23 -4.00 1.68
CA GLY A 78 8.07 -4.11 0.48
C GLY A 78 7.41 -4.61 -0.80
N GLY A 79 6.11 -4.46 -0.87
CA GLY A 79 5.20 -4.82 -1.96
C GLY A 79 4.34 -6.04 -1.66
N CYS A 80 3.62 -6.51 -2.68
CA CYS A 80 2.69 -7.64 -2.61
C CYS A 80 3.36 -8.90 -2.03
N SER A 81 4.59 -9.19 -2.44
CA SER A 81 5.34 -10.38 -2.01
C SER A 81 6.03 -10.22 -0.65
N ASP A 82 6.11 -9.00 -0.07
CA ASP A 82 6.41 -8.82 1.36
C ASP A 82 5.16 -9.16 2.20
N LEU A 83 3.98 -8.70 1.77
CA LEU A 83 2.69 -8.96 2.41
C LEU A 83 2.32 -10.45 2.39
N GLU A 84 2.38 -11.12 1.24
CA GLU A 84 2.08 -12.56 1.12
C GLU A 84 3.14 -13.46 1.79
N ALA A 85 4.30 -12.90 2.14
CA ALA A 85 5.26 -13.53 3.06
C ALA A 85 4.93 -13.24 4.53
N LEU A 86 4.50 -12.02 4.90
CA LEU A 86 4.09 -11.66 6.27
C LEU A 86 2.83 -12.42 6.73
N ASP A 87 1.90 -12.71 5.83
CA ASP A 87 0.73 -13.57 6.05
C ASP A 87 1.17 -15.02 6.39
N LYS A 88 2.09 -15.57 5.60
CA LYS A 88 2.61 -16.94 5.70
C LYS A 88 3.55 -17.12 6.91
N GLU A 89 4.33 -16.09 7.24
CA GLU A 89 5.14 -15.97 8.46
C GLU A 89 4.29 -15.76 9.71
N GLY A 90 2.99 -15.48 9.58
CA GLY A 90 2.10 -15.22 10.72
C GLY A 90 2.38 -13.89 11.43
N LYS A 91 3.21 -13.04 10.84
CA LYS A 91 3.61 -11.73 11.36
C LYS A 91 2.58 -10.64 11.09
N LEU A 92 1.78 -10.81 10.02
CA LEU A 92 0.60 -10.00 9.73
C LEU A 92 -0.45 -10.05 10.87
N ASP A 93 -0.68 -11.23 11.46
CA ASP A 93 -1.55 -11.38 12.62
C ASP A 93 -1.06 -10.56 13.82
N GLY A 94 0.25 -10.56 14.09
CA GLY A 94 0.87 -9.77 15.15
C GLY A 94 0.88 -8.25 14.92
N LEU A 95 0.61 -7.80 13.68
CA LEU A 95 0.47 -6.39 13.29
C LEU A 95 -0.98 -5.90 13.23
N LEU A 96 -1.95 -6.82 13.08
CA LEU A 96 -3.40 -6.54 12.98
C LEU A 96 -4.20 -6.85 14.27
N SER A 97 -3.56 -7.44 15.27
CA SER A 97 -4.12 -7.69 16.62
C SER A 97 -3.65 -6.71 17.69
#